data_3CLV
# 
_entry.id   3CLV 
# 
_audit_conform.dict_name       mmcif_pdbx.dic 
_audit_conform.dict_version    5.387 
_audit_conform.dict_location   http://mmcif.pdb.org/dictionaries/ascii/mmcif_pdbx.dic 
# 
loop_
_database_2.database_id 
_database_2.database_code 
_database_2.pdbx_database_accession 
_database_2.pdbx_DOI 
PDB   3CLV         pdb_00003clv 10.2210/pdb3clv/pdb 
RCSB  RCSB046932   ?            ?                   
WWPDB D_1000046932 ?            ?                   
# 
loop_
_pdbx_audit_revision_history.ordinal 
_pdbx_audit_revision_history.data_content_type 
_pdbx_audit_revision_history.major_revision 
_pdbx_audit_revision_history.minor_revision 
_pdbx_audit_revision_history.revision_date 
1 'Structure model' 1 0 2008-07-15 
2 'Structure model' 1 1 2011-07-13 
3 'Structure model' 1 2 2017-10-25 
4 'Structure model' 1 3 2024-02-21 
# 
_pdbx_audit_revision_details.ordinal             1 
_pdbx_audit_revision_details.revision_ordinal    1 
_pdbx_audit_revision_details.data_content_type   'Structure model' 
_pdbx_audit_revision_details.provider            repository 
_pdbx_audit_revision_details.type                'Initial release' 
_pdbx_audit_revision_details.description         ? 
_pdbx_audit_revision_details.details             ? 
# 
loop_
_pdbx_audit_revision_group.ordinal 
_pdbx_audit_revision_group.revision_ordinal 
_pdbx_audit_revision_group.data_content_type 
_pdbx_audit_revision_group.group 
1 2 'Structure model' 'Version format compliance' 
2 3 'Structure model' 'Refinement description'    
3 4 'Structure model' 'Data collection'           
4 4 'Structure model' 'Database references'       
5 4 'Structure model' 'Derived calculations'      
# 
loop_
_pdbx_audit_revision_category.ordinal 
_pdbx_audit_revision_category.revision_ordinal 
_pdbx_audit_revision_category.data_content_type 
_pdbx_audit_revision_category.category 
1 3 'Structure model' software                     
2 4 'Structure model' chem_comp_atom               
3 4 'Structure model' chem_comp_bond               
4 4 'Structure model' database_2                   
5 4 'Structure model' pdbx_struct_special_symmetry 
6 4 'Structure model' struct_ref_seq_dif           
7 4 'Structure model' struct_site                  
# 
loop_
_pdbx_audit_revision_item.ordinal 
_pdbx_audit_revision_item.revision_ordinal 
_pdbx_audit_revision_item.data_content_type 
_pdbx_audit_revision_item.item 
1 4 'Structure model' '_database_2.pdbx_DOI'                
2 4 'Structure model' '_database_2.pdbx_database_accession' 
3 4 'Structure model' '_struct_ref_seq_dif.details'         
4 4 'Structure model' '_struct_site.pdbx_auth_asym_id'      
5 4 'Structure model' '_struct_site.pdbx_auth_comp_id'      
6 4 'Structure model' '_struct_site.pdbx_auth_seq_id'       
# 
_pdbx_database_status.entry_id                        3CLV 
_pdbx_database_status.deposit_site                    RCSB 
_pdbx_database_status.process_site                    RCSB 
_pdbx_database_status.recvd_initial_deposition_date   2008-03-20 
_pdbx_database_status.status_code                     REL 
_pdbx_database_status.status_code_sf                  REL 
_pdbx_database_status.status_code_mr                  ? 
_pdbx_database_status.SG_entry                        Y 
_pdbx_database_status.pdb_format_compatible           Y 
_pdbx_database_status.status_code_cs                  ? 
_pdbx_database_status.methods_development_category    ? 
_pdbx_database_status.status_code_nmr_data            ? 
# 
loop_
_audit_author.name 
_audit_author.pdbx_ordinal 
'Chattopadhyay, D.'                    1  
'Wernimont, A.K.'                      2  
'Langsley, G.'                         3  
'Lew, J.'                              4  
'Kozieradzki, I.'                      5  
'Cossar, D.'                           6  
'Schapira, M.'                         7  
'Bochkarev, A.'                        8  
'Arrowsmith, C.H.'                     9  
'Bountra, C.'                          10 
'Weigelt, J.'                          11 
'Edwards, A.M.'                        12 
'Hui, R.'                              13 
'Sukumar, D.'                          14 
'Structural Genomics Consortium (SGC)' 15 
# 
_citation.id                        primary 
_citation.title                     'Crystal Structure of Rab5a from plasmodium falciparum, PFB0500c' 
_citation.journal_abbrev            'To be Published' 
_citation.journal_volume            ? 
_citation.page_first                ? 
_citation.page_last                 ? 
_citation.year                      ? 
_citation.journal_id_ASTM           ? 
_citation.country                   ? 
_citation.journal_id_ISSN           ? 
_citation.journal_id_CSD            0353 
_citation.book_publisher            ? 
_citation.pdbx_database_id_PubMed   ? 
_citation.pdbx_database_id_DOI      ? 
# 
loop_
_citation_author.citation_id 
_citation_author.name 
_citation_author.ordinal 
_citation_author.identifier_ORCID 
primary 'Chattopadhyay, D.' 1  ? 
primary 'Wernimont, A.K.'   2  ? 
primary 'Langsley, G.'      3  ? 
primary 'Lew, J.'           4  ? 
primary 'Kozieradzki, I.'   5  ? 
primary 'Cossar, D.'        6  ? 
primary 'Schapira, M.'      7  ? 
primary 'Bochkarev, A.'     8  ? 
primary 'Arrowsmith, C.H.'  9  ? 
primary 'Bountra, C.'       10 ? 
primary 'Weigelt, J.'       11 ? 
primary 'Edwards, A.M.'     12 ? 
primary 'Hui, R.'           13 ? 
primary 'Sukumar, D.'       14 ? 
# 
loop_
_entity.id 
_entity.type 
_entity.src_method 
_entity.pdbx_description 
_entity.formula_weight 
_entity.pdbx_number_of_molecules 
_entity.pdbx_ec 
_entity.pdbx_mutation 
_entity.pdbx_fragment 
_entity.details 
1 polymer     man 'Rab5 protein, putative'   23661.584 1   ? ? ? ? 
2 non-polymer syn 'CHLORIDE ION'             35.453    2   ? ? ? ? 
3 non-polymer syn "GUANOSINE-5'-DIPHOSPHATE" 443.201   1   ? ? ? ? 
4 water       nat water                      18.015    104 ? ? ? ? 
# 
_entity_poly.entity_id                      1 
_entity_poly.type                           'polypeptide(L)' 
_entity_poly.nstd_linkage                   no 
_entity_poly.nstd_monomer                   no 
_entity_poly.pdbx_seq_one_letter_code       
;GMEKKSSYKTVLLGESSVGKSSIVLRLTKDTFHENTNTTIGASFCTYVVNLNDINIKNNSNNEKNNNINSINDDNNVIIT
NQHNNYNENLCNIKFDIWDTAGQERYASIVPLYYRGATCAIVVFDISNSNTLDRAKTWVNQLKISSNYIIILVANKIDKN
KFQVDILEVQKYAQDNNLLFIQTSAKTGTNIKNIFYMLAEEIYKNIIN
;
_entity_poly.pdbx_seq_one_letter_code_can   
;GMEKKSSYKTVLLGESSVGKSSIVLRLTKDTFHENTNTTIGASFCTYVVNLNDINIKNNSNNEKNNNINSINDDNNVIIT
NQHNNYNENLCNIKFDIWDTAGQERYASIVPLYYRGATCAIVVFDISNSNTLDRAKTWVNQLKISSNYIIILVANKIDKN
KFQVDILEVQKYAQDNNLLFIQTSAKTGTNIKNIFYMLAEEIYKNIIN
;
_entity_poly.pdbx_strand_id                 A 
_entity_poly.pdbx_target_identifier         ? 
# 
loop_
_pdbx_entity_nonpoly.entity_id 
_pdbx_entity_nonpoly.name 
_pdbx_entity_nonpoly.comp_id 
2 'CHLORIDE ION'             CL  
3 "GUANOSINE-5'-DIPHOSPHATE" GDP 
4 water                      HOH 
# 
loop_
_entity_poly_seq.entity_id 
_entity_poly_seq.num 
_entity_poly_seq.mon_id 
_entity_poly_seq.hetero 
1 1   GLY n 
1 2   MET n 
1 3   GLU n 
1 4   LYS n 
1 5   LYS n 
1 6   SER n 
1 7   SER n 
1 8   TYR n 
1 9   LYS n 
1 10  THR n 
1 11  VAL n 
1 12  LEU n 
1 13  LEU n 
1 14  GLY n 
1 15  GLU n 
1 16  SER n 
1 17  SER n 
1 18  VAL n 
1 19  GLY n 
1 20  LYS n 
1 21  SER n 
1 22  SER n 
1 23  ILE n 
1 24  VAL n 
1 25  LEU n 
1 26  ARG n 
1 27  LEU n 
1 28  THR n 
1 29  LYS n 
1 30  ASP n 
1 31  THR n 
1 32  PHE n 
1 33  HIS n 
1 34  GLU n 
1 35  ASN n 
1 36  THR n 
1 37  ASN n 
1 38  THR n 
1 39  THR n 
1 40  ILE n 
1 41  GLY n 
1 42  ALA n 
1 43  SER n 
1 44  PHE n 
1 45  CYS n 
1 46  THR n 
1 47  TYR n 
1 48  VAL n 
1 49  VAL n 
1 50  ASN n 
1 51  LEU n 
1 52  ASN n 
1 53  ASP n 
1 54  ILE n 
1 55  ASN n 
1 56  ILE n 
1 57  LYS n 
1 58  ASN n 
1 59  ASN n 
1 60  SER n 
1 61  ASN n 
1 62  ASN n 
1 63  GLU n 
1 64  LYS n 
1 65  ASN n 
1 66  ASN n 
1 67  ASN n 
1 68  ILE n 
1 69  ASN n 
1 70  SER n 
1 71  ILE n 
1 72  ASN n 
1 73  ASP n 
1 74  ASP n 
1 75  ASN n 
1 76  ASN n 
1 77  VAL n 
1 78  ILE n 
1 79  ILE n 
1 80  THR n 
1 81  ASN n 
1 82  GLN n 
1 83  HIS n 
1 84  ASN n 
1 85  ASN n 
1 86  TYR n 
1 87  ASN n 
1 88  GLU n 
1 89  ASN n 
1 90  LEU n 
1 91  CYS n 
1 92  ASN n 
1 93  ILE n 
1 94  LYS n 
1 95  PHE n 
1 96  ASP n 
1 97  ILE n 
1 98  TRP n 
1 99  ASP n 
1 100 THR n 
1 101 ALA n 
1 102 GLY n 
1 103 GLN n 
1 104 GLU n 
1 105 ARG n 
1 106 TYR n 
1 107 ALA n 
1 108 SER n 
1 109 ILE n 
1 110 VAL n 
1 111 PRO n 
1 112 LEU n 
1 113 TYR n 
1 114 TYR n 
1 115 ARG n 
1 116 GLY n 
1 117 ALA n 
1 118 THR n 
1 119 CYS n 
1 120 ALA n 
1 121 ILE n 
1 122 VAL n 
1 123 VAL n 
1 124 PHE n 
1 125 ASP n 
1 126 ILE n 
1 127 SER n 
1 128 ASN n 
1 129 SER n 
1 130 ASN n 
1 131 THR n 
1 132 LEU n 
1 133 ASP n 
1 134 ARG n 
1 135 ALA n 
1 136 LYS n 
1 137 THR n 
1 138 TRP n 
1 139 VAL n 
1 140 ASN n 
1 141 GLN n 
1 142 LEU n 
1 143 LYS n 
1 144 ILE n 
1 145 SER n 
1 146 SER n 
1 147 ASN n 
1 148 TYR n 
1 149 ILE n 
1 150 ILE n 
1 151 ILE n 
1 152 LEU n 
1 153 VAL n 
1 154 ALA n 
1 155 ASN n 
1 156 LYS n 
1 157 ILE n 
1 158 ASP n 
1 159 LYS n 
1 160 ASN n 
1 161 LYS n 
1 162 PHE n 
1 163 GLN n 
1 164 VAL n 
1 165 ASP n 
1 166 ILE n 
1 167 LEU n 
1 168 GLU n 
1 169 VAL n 
1 170 GLN n 
1 171 LYS n 
1 172 TYR n 
1 173 ALA n 
1 174 GLN n 
1 175 ASP n 
1 176 ASN n 
1 177 ASN n 
1 178 LEU n 
1 179 LEU n 
1 180 PHE n 
1 181 ILE n 
1 182 GLN n 
1 183 THR n 
1 184 SER n 
1 185 ALA n 
1 186 LYS n 
1 187 THR n 
1 188 GLY n 
1 189 THR n 
1 190 ASN n 
1 191 ILE n 
1 192 LYS n 
1 193 ASN n 
1 194 ILE n 
1 195 PHE n 
1 196 TYR n 
1 197 MET n 
1 198 LEU n 
1 199 ALA n 
1 200 GLU n 
1 201 GLU n 
1 202 ILE n 
1 203 TYR n 
1 204 LYS n 
1 205 ASN n 
1 206 ILE n 
1 207 ILE n 
1 208 ASN n 
# 
_entity_src_gen.entity_id                          1 
_entity_src_gen.pdbx_src_id                        1 
_entity_src_gen.pdbx_alt_source_flag               sample 
_entity_src_gen.pdbx_seq_type                      ? 
_entity_src_gen.pdbx_beg_seq_num                   ? 
_entity_src_gen.pdbx_end_seq_num                   ? 
_entity_src_gen.gene_src_common_name               ? 
_entity_src_gen.gene_src_genus                     ? 
_entity_src_gen.pdbx_gene_src_gene                 PFB0500c 
_entity_src_gen.gene_src_species                   ? 
_entity_src_gen.gene_src_strain                    ? 
_entity_src_gen.gene_src_tissue                    ? 
_entity_src_gen.gene_src_tissue_fraction           ? 
_entity_src_gen.gene_src_details                   ? 
_entity_src_gen.pdbx_gene_src_fragment             ? 
_entity_src_gen.pdbx_gene_src_scientific_name      'Plasmodium falciparum' 
_entity_src_gen.pdbx_gene_src_ncbi_taxonomy_id     ? 
_entity_src_gen.pdbx_gene_src_variant              ? 
_entity_src_gen.pdbx_gene_src_cell_line            ? 
_entity_src_gen.pdbx_gene_src_atcc                 ? 
_entity_src_gen.pdbx_gene_src_organ                ? 
_entity_src_gen.pdbx_gene_src_organelle            ? 
_entity_src_gen.pdbx_gene_src_cell                 ? 
_entity_src_gen.pdbx_gene_src_cellular_location    ? 
_entity_src_gen.host_org_common_name               ? 
_entity_src_gen.pdbx_host_org_scientific_name      'Escherichia coli' 
_entity_src_gen.pdbx_host_org_ncbi_taxonomy_id     ? 
_entity_src_gen.host_org_genus                     ? 
_entity_src_gen.pdbx_host_org_gene                 ? 
_entity_src_gen.pdbx_host_org_organ                ? 
_entity_src_gen.host_org_species                   ? 
_entity_src_gen.pdbx_host_org_tissue               ? 
_entity_src_gen.pdbx_host_org_tissue_fraction      ? 
_entity_src_gen.pdbx_host_org_strain               Bl21 
_entity_src_gen.pdbx_host_org_variant              ? 
_entity_src_gen.pdbx_host_org_cell_line            ? 
_entity_src_gen.pdbx_host_org_atcc                 ? 
_entity_src_gen.pdbx_host_org_culture_collection   ? 
_entity_src_gen.pdbx_host_org_cell                 ? 
_entity_src_gen.pdbx_host_org_organelle            ? 
_entity_src_gen.pdbx_host_org_cellular_location    ? 
_entity_src_gen.pdbx_host_org_vector_type          plasmid 
_entity_src_gen.pdbx_host_org_vector               ? 
_entity_src_gen.host_org_details                   ? 
_entity_src_gen.expression_system_id               ? 
_entity_src_gen.plasmid_name                       p15-mhl 
_entity_src_gen.plasmid_details                    ? 
_entity_src_gen.pdbx_description                   ? 
# 
loop_
_chem_comp.id 
_chem_comp.type 
_chem_comp.mon_nstd_flag 
_chem_comp.name 
_chem_comp.pdbx_synonyms 
_chem_comp.formula 
_chem_comp.formula_weight 
ALA 'L-peptide linking' y ALANINE                    ? 'C3 H7 N O2'        89.093  
ARG 'L-peptide linking' y ARGININE                   ? 'C6 H15 N4 O2 1'    175.209 
ASN 'L-peptide linking' y ASPARAGINE                 ? 'C4 H8 N2 O3'       132.118 
ASP 'L-peptide linking' y 'ASPARTIC ACID'            ? 'C4 H7 N O4'        133.103 
CL  non-polymer         . 'CHLORIDE ION'             ? 'Cl -1'             35.453  
CYS 'L-peptide linking' y CYSTEINE                   ? 'C3 H7 N O2 S'      121.158 
GDP 'RNA linking'       n "GUANOSINE-5'-DIPHOSPHATE" ? 'C10 H15 N5 O11 P2' 443.201 
GLN 'L-peptide linking' y GLUTAMINE                  ? 'C5 H10 N2 O3'      146.144 
GLU 'L-peptide linking' y 'GLUTAMIC ACID'            ? 'C5 H9 N O4'        147.129 
GLY 'peptide linking'   y GLYCINE                    ? 'C2 H5 N O2'        75.067  
HIS 'L-peptide linking' y HISTIDINE                  ? 'C6 H10 N3 O2 1'    156.162 
HOH non-polymer         . WATER                      ? 'H2 O'              18.015  
ILE 'L-peptide linking' y ISOLEUCINE                 ? 'C6 H13 N O2'       131.173 
LEU 'L-peptide linking' y LEUCINE                    ? 'C6 H13 N O2'       131.173 
LYS 'L-peptide linking' y LYSINE                     ? 'C6 H15 N2 O2 1'    147.195 
MET 'L-peptide linking' y METHIONINE                 ? 'C5 H11 N O2 S'     149.211 
PHE 'L-peptide linking' y PHENYLALANINE              ? 'C9 H11 N O2'       165.189 
PRO 'L-peptide linking' y PROLINE                    ? 'C5 H9 N O2'        115.130 
SER 'L-peptide linking' y SERINE                     ? 'C3 H7 N O3'        105.093 
THR 'L-peptide linking' y THREONINE                  ? 'C4 H9 N O3'        119.119 
TRP 'L-peptide linking' y TRYPTOPHAN                 ? 'C11 H12 N2 O2'     204.225 
TYR 'L-peptide linking' y TYROSINE                   ? 'C9 H11 N O3'       181.189 
VAL 'L-peptide linking' y VALINE                     ? 'C5 H11 N O2'       117.146 
# 
loop_
_pdbx_poly_seq_scheme.asym_id 
_pdbx_poly_seq_scheme.entity_id 
_pdbx_poly_seq_scheme.seq_id 
_pdbx_poly_seq_scheme.mon_id 
_pdbx_poly_seq_scheme.ndb_seq_num 
_pdbx_poly_seq_scheme.pdb_seq_num 
_pdbx_poly_seq_scheme.auth_seq_num 
_pdbx_poly_seq_scheme.pdb_mon_id 
_pdbx_poly_seq_scheme.auth_mon_id 
_pdbx_poly_seq_scheme.pdb_strand_id 
_pdbx_poly_seq_scheme.pdb_ins_code 
_pdbx_poly_seq_scheme.hetero 
A 1 1   GLY 1   1   1   GLY GLY A . n 
A 1 2   MET 2   2   2   MET MET A . n 
A 1 3   GLU 3   3   3   GLU GLU A . n 
A 1 4   LYS 4   4   4   LYS LYS A . n 
A 1 5   LYS 5   5   5   LYS LYS A . n 
A 1 6   SER 6   6   6   SER SER A . n 
A 1 7   SER 7   7   7   SER SER A . n 
A 1 8   TYR 8   8   8   TYR TYR A . n 
A 1 9   LYS 9   9   9   LYS LYS A . n 
A 1 10  THR 10  10  10  THR THR A . n 
A 1 11  VAL 11  11  11  VAL VAL A . n 
A 1 12  LEU 12  12  12  LEU LEU A . n 
A 1 13  LEU 13  13  13  LEU LEU A . n 
A 1 14  GLY 14  14  14  GLY GLY A . n 
A 1 15  GLU 15  15  15  GLU GLU A . n 
A 1 16  SER 16  16  16  SER SER A . n 
A 1 17  SER 17  17  17  SER SER A . n 
A 1 18  VAL 18  18  18  VAL VAL A . n 
A 1 19  GLY 19  19  19  GLY GLY A . n 
A 1 20  LYS 20  20  20  LYS LYS A . n 
A 1 21  SER 21  21  21  SER SER A . n 
A 1 22  SER 22  22  22  SER SER A . n 
A 1 23  ILE 23  23  23  ILE ILE A . n 
A 1 24  VAL 24  24  24  VAL VAL A . n 
A 1 25  LEU 25  25  25  LEU LEU A . n 
A 1 26  ARG 26  26  26  ARG ARG A . n 
A 1 27  LEU 27  27  27  LEU LEU A . n 
A 1 28  THR 28  28  28  THR THR A . n 
A 1 29  LYS 29  29  29  LYS LYS A . n 
A 1 30  ASP 30  30  30  ASP ASP A . n 
A 1 31  THR 31  31  31  THR THR A . n 
A 1 32  PHE 32  32  32  PHE PHE A . n 
A 1 33  HIS 33  33  33  HIS HIS A . n 
A 1 34  GLU 34  34  34  GLU GLU A . n 
A 1 35  ASN 35  35  35  ASN ASN A . n 
A 1 36  THR 36  36  36  THR THR A . n 
A 1 37  ASN 37  37  37  ASN ASN A . n 
A 1 38  THR 38  38  38  THR THR A . n 
A 1 39  THR 39  39  39  THR THR A . n 
A 1 40  ILE 40  40  40  ILE ILE A . n 
A 1 41  GLY 41  41  41  GLY GLY A . n 
A 1 42  ALA 42  42  42  ALA ALA A . n 
A 1 43  SER 43  43  43  SER SER A . n 
A 1 44  PHE 44  44  44  PHE PHE A . n 
A 1 45  CYS 45  45  45  CYS CYS A . n 
A 1 46  THR 46  46  46  THR THR A . n 
A 1 47  TYR 47  47  47  TYR TYR A . n 
A 1 48  VAL 48  48  48  VAL VAL A . n 
A 1 49  VAL 49  49  49  VAL VAL A . n 
A 1 50  ASN 50  50  50  ASN ASN A . n 
A 1 51  LEU 51  51  51  LEU LEU A . n 
A 1 52  ASN 52  52  52  ASN ASN A . n 
A 1 53  ASP 53  53  53  ASP ASP A . n 
A 1 54  ILE 54  54  ?   ?   ?   A . n 
A 1 55  ASN 55  55  ?   ?   ?   A . n 
A 1 56  ILE 56  56  ?   ?   ?   A . n 
A 1 57  LYS 57  57  ?   ?   ?   A . n 
A 1 58  ASN 58  58  ?   ?   ?   A . n 
A 1 59  ASN 59  59  ?   ?   ?   A . n 
A 1 60  SER 60  60  ?   ?   ?   A . n 
A 1 61  ASN 61  61  ?   ?   ?   A . n 
A 1 62  ASN 62  62  ?   ?   ?   A . n 
A 1 63  GLU 63  63  ?   ?   ?   A . n 
A 1 64  LYS 64  64  ?   ?   ?   A . n 
A 1 65  ASN 65  65  ?   ?   ?   A . n 
A 1 66  ASN 66  66  ?   ?   ?   A . n 
A 1 67  ASN 67  67  ?   ?   ?   A . n 
A 1 68  ILE 68  68  ?   ?   ?   A . n 
A 1 69  ASN 69  69  ?   ?   ?   A . n 
A 1 70  SER 70  70  ?   ?   ?   A . n 
A 1 71  ILE 71  71  ?   ?   ?   A . n 
A 1 72  ASN 72  72  ?   ?   ?   A . n 
A 1 73  ASP 73  73  ?   ?   ?   A . n 
A 1 74  ASP 74  74  ?   ?   ?   A . n 
A 1 75  ASN 75  75  ?   ?   ?   A . n 
A 1 76  ASN 76  76  ?   ?   ?   A . n 
A 1 77  VAL 77  77  ?   ?   ?   A . n 
A 1 78  ILE 78  78  ?   ?   ?   A . n 
A 1 79  ILE 79  79  ?   ?   ?   A . n 
A 1 80  THR 80  80  ?   ?   ?   A . n 
A 1 81  ASN 81  81  ?   ?   ?   A . n 
A 1 82  GLN 82  82  ?   ?   ?   A . n 
A 1 83  HIS 83  83  ?   ?   ?   A . n 
A 1 84  ASN 84  84  ?   ?   ?   A . n 
A 1 85  ASN 85  85  85  ASN ASN A . n 
A 1 86  TYR 86  86  86  TYR TYR A . n 
A 1 87  ASN 87  87  87  ASN ASN A . n 
A 1 88  GLU 88  88  88  GLU GLU A . n 
A 1 89  ASN 89  89  89  ASN ASN A . n 
A 1 90  LEU 90  90  90  LEU LEU A . n 
A 1 91  CYS 91  91  91  CYS CYS A . n 
A 1 92  ASN 92  92  92  ASN ASN A . n 
A 1 93  ILE 93  93  93  ILE ILE A . n 
A 1 94  LYS 94  94  94  LYS LYS A . n 
A 1 95  PHE 95  95  95  PHE PHE A . n 
A 1 96  ASP 96  96  96  ASP ASP A . n 
A 1 97  ILE 97  97  97  ILE ILE A . n 
A 1 98  TRP 98  98  98  TRP TRP A . n 
A 1 99  ASP 99  99  99  ASP ASP A . n 
A 1 100 THR 100 100 100 THR THR A . n 
A 1 101 ALA 101 101 101 ALA ALA A . n 
A 1 102 GLY 102 102 102 GLY GLY A . n 
A 1 103 GLN 103 103 103 GLN GLN A . n 
A 1 104 GLU 104 104 104 GLU GLU A . n 
A 1 105 ARG 105 105 105 ARG ARG A . n 
A 1 106 TYR 106 106 106 TYR TYR A . n 
A 1 107 ALA 107 107 107 ALA ALA A . n 
A 1 108 SER 108 108 108 SER SER A . n 
A 1 109 ILE 109 109 109 ILE ILE A . n 
A 1 110 VAL 110 110 110 VAL VAL A . n 
A 1 111 PRO 111 111 111 PRO PRO A . n 
A 1 112 LEU 112 112 112 LEU LEU A . n 
A 1 113 TYR 113 113 113 TYR TYR A . n 
A 1 114 TYR 114 114 114 TYR TYR A . n 
A 1 115 ARG 115 115 115 ARG ARG A . n 
A 1 116 GLY 116 116 116 GLY GLY A . n 
A 1 117 ALA 117 117 117 ALA ALA A . n 
A 1 118 THR 118 118 118 THR THR A . n 
A 1 119 CYS 119 119 119 CYS CYS A . n 
A 1 120 ALA 120 120 120 ALA ALA A . n 
A 1 121 ILE 121 121 121 ILE ILE A . n 
A 1 122 VAL 122 122 122 VAL VAL A . n 
A 1 123 VAL 123 123 123 VAL VAL A . n 
A 1 124 PHE 124 124 124 PHE PHE A . n 
A 1 125 ASP 125 125 125 ASP ASP A . n 
A 1 126 ILE 126 126 126 ILE ILE A . n 
A 1 127 SER 127 127 127 SER SER A . n 
A 1 128 ASN 128 128 128 ASN ASN A . n 
A 1 129 SER 129 129 129 SER SER A . n 
A 1 130 ASN 130 130 130 ASN ASN A . n 
A 1 131 THR 131 131 131 THR THR A . n 
A 1 132 LEU 132 132 132 LEU LEU A . n 
A 1 133 ASP 133 133 133 ASP ASP A . n 
A 1 134 ARG 134 134 134 ARG ARG A . n 
A 1 135 ALA 135 135 135 ALA ALA A . n 
A 1 136 LYS 136 136 136 LYS LYS A . n 
A 1 137 THR 137 137 137 THR THR A . n 
A 1 138 TRP 138 138 138 TRP TRP A . n 
A 1 139 VAL 139 139 139 VAL VAL A . n 
A 1 140 ASN 140 140 140 ASN ASN A . n 
A 1 141 GLN 141 141 141 GLN GLN A . n 
A 1 142 LEU 142 142 142 LEU LEU A . n 
A 1 143 LYS 143 143 143 LYS LYS A . n 
A 1 144 ILE 144 144 144 ILE ILE A . n 
A 1 145 SER 145 145 145 SER SER A . n 
A 1 146 SER 146 146 146 SER SER A . n 
A 1 147 ASN 147 147 147 ASN ASN A . n 
A 1 148 TYR 148 148 148 TYR TYR A . n 
A 1 149 ILE 149 149 149 ILE ILE A . n 
A 1 150 ILE 150 150 150 ILE ILE A . n 
A 1 151 ILE 151 151 151 ILE ILE A . n 
A 1 152 LEU 152 152 152 LEU LEU A . n 
A 1 153 VAL 153 153 153 VAL VAL A . n 
A 1 154 ALA 154 154 154 ALA ALA A . n 
A 1 155 ASN 155 155 155 ASN ASN A . n 
A 1 156 LYS 156 156 156 LYS LYS A . n 
A 1 157 ILE 157 157 157 ILE ILE A . n 
A 1 158 ASP 158 158 158 ASP ASP A . n 
A 1 159 LYS 159 159 159 LYS LYS A . n 
A 1 160 ASN 160 160 160 ASN ASN A . n 
A 1 161 LYS 161 161 ?   ?   ?   A . n 
A 1 162 PHE 162 162 162 PHE PHE A . n 
A 1 163 GLN 163 163 163 GLN GLN A . n 
A 1 164 VAL 164 164 164 VAL VAL A . n 
A 1 165 ASP 165 165 165 ASP ASP A . n 
A 1 166 ILE 166 166 166 ILE ILE A . n 
A 1 167 LEU 167 167 167 LEU LEU A . n 
A 1 168 GLU 168 168 168 GLU GLU A . n 
A 1 169 VAL 169 169 169 VAL VAL A . n 
A 1 170 GLN 170 170 170 GLN GLN A . n 
A 1 171 LYS 171 171 171 LYS LYS A . n 
A 1 172 TYR 172 172 172 TYR TYR A . n 
A 1 173 ALA 173 173 173 ALA ALA A . n 
A 1 174 GLN 174 174 174 GLN GLN A . n 
A 1 175 ASP 175 175 175 ASP ASP A . n 
A 1 176 ASN 176 176 176 ASN ASN A . n 
A 1 177 ASN 177 177 177 ASN ASN A . n 
A 1 178 LEU 178 178 178 LEU LEU A . n 
A 1 179 LEU 179 179 179 LEU LEU A . n 
A 1 180 PHE 180 180 180 PHE PHE A . n 
A 1 181 ILE 181 181 181 ILE ILE A . n 
A 1 182 GLN 182 182 182 GLN GLN A . n 
A 1 183 THR 183 183 183 THR THR A . n 
A 1 184 SER 184 184 184 SER SER A . n 
A 1 185 ALA 185 185 185 ALA ALA A . n 
A 1 186 LYS 186 186 186 LYS LYS A . n 
A 1 187 THR 187 187 187 THR THR A . n 
A 1 188 GLY 188 188 188 GLY GLY A . n 
A 1 189 THR 189 189 189 THR THR A . n 
A 1 190 ASN 190 190 190 ASN ASN A . n 
A 1 191 ILE 191 191 191 ILE ILE A . n 
A 1 192 LYS 192 192 192 LYS LYS A . n 
A 1 193 ASN 193 193 193 ASN ASN A . n 
A 1 194 ILE 194 194 194 ILE ILE A . n 
A 1 195 PHE 195 195 195 PHE PHE A . n 
A 1 196 TYR 196 196 196 TYR TYR A . n 
A 1 197 MET 197 197 197 MET MET A . n 
A 1 198 LEU 198 198 198 LEU LEU A . n 
A 1 199 ALA 199 199 199 ALA ALA A . n 
A 1 200 GLU 200 200 200 GLU GLU A . n 
A 1 201 GLU 201 201 201 GLU GLU A . n 
A 1 202 ILE 202 202 202 ILE ILE A . n 
A 1 203 TYR 203 203 203 TYR TYR A . n 
A 1 204 LYS 204 204 204 LYS LYS A . n 
A 1 205 ASN 205 205 205 ASN ASN A . n 
A 1 206 ILE 206 206 206 ILE ILE A . n 
A 1 207 ILE 207 207 207 ILE ILE A . n 
A 1 208 ASN 208 208 ?   ?   ?   A . n 
# 
loop_
_pdbx_nonpoly_scheme.asym_id 
_pdbx_nonpoly_scheme.entity_id 
_pdbx_nonpoly_scheme.mon_id 
_pdbx_nonpoly_scheme.ndb_seq_num 
_pdbx_nonpoly_scheme.pdb_seq_num 
_pdbx_nonpoly_scheme.auth_seq_num 
_pdbx_nonpoly_scheme.pdb_mon_id 
_pdbx_nonpoly_scheme.auth_mon_id 
_pdbx_nonpoly_scheme.pdb_strand_id 
_pdbx_nonpoly_scheme.pdb_ins_code 
B 2 CL  1   209 1  CL  CL  A . 
C 2 CL  1   210 2  CL  CL  A . 
D 3 GDP 1   211 1  GDP GDP A . 
E 4 HOH 1   212 1  HOH HOH A . 
E 4 HOH 2   213 2  HOH HOH A . 
E 4 HOH 3   214 3  HOH HOH A . 
E 4 HOH 4   215 4  HOH HOH A . 
E 4 HOH 5   216 5  HOH HOH A . 
E 4 HOH 6   217 6  HOH HOH A . 
E 4 HOH 7   218 7  HOH HOH A . 
E 4 HOH 8   219 8  HOH HOH A . 
E 4 HOH 9   220 9  HOH HOH A . 
E 4 HOH 10  221 10 HOH HOH A . 
E 4 HOH 11  222 11 HOH HOH A . 
E 4 HOH 12  223 12 HOH HOH A . 
E 4 HOH 13  224 13 HOH HOH A . 
E 4 HOH 14  225 14 HOH HOH A . 
E 4 HOH 15  226 15 HOH HOH A . 
E 4 HOH 16  227 16 HOH HOH A . 
E 4 HOH 17  228 17 HOH HOH A . 
E 4 HOH 18  229 18 HOH HOH A . 
E 4 HOH 19  230 19 HOH HOH A . 
E 4 HOH 20  231 20 HOH HOH A . 
E 4 HOH 21  232 21 HOH HOH A . 
E 4 HOH 22  233 22 HOH HOH A . 
E 4 HOH 23  234 23 HOH HOH A . 
E 4 HOH 24  235 24 HOH HOH A . 
E 4 HOH 25  236 25 HOH HOH A . 
E 4 HOH 26  237 26 HOH HOH A . 
E 4 HOH 27  238 27 HOH HOH A . 
E 4 HOH 28  239 28 HOH HOH A . 
E 4 HOH 29  240 29 HOH HOH A . 
E 4 HOH 30  241 2  HOH HOH A . 
E 4 HOH 31  242 3  HOH HOH A . 
E 4 HOH 32  243 4  HOH HOH A . 
E 4 HOH 33  244 5  HOH HOH A . 
E 4 HOH 34  245 6  HOH HOH A . 
E 4 HOH 35  246 7  HOH HOH A . 
E 4 HOH 36  247 8  HOH HOH A . 
E 4 HOH 37  248 9  HOH HOH A . 
E 4 HOH 38  249 10 HOH HOH A . 
E 4 HOH 39  250 11 HOH HOH A . 
E 4 HOH 40  251 12 HOH HOH A . 
E 4 HOH 41  252 13 HOH HOH A . 
E 4 HOH 42  253 14 HOH HOH A . 
E 4 HOH 43  254 15 HOH HOH A . 
E 4 HOH 44  255 16 HOH HOH A . 
E 4 HOH 45  256 17 HOH HOH A . 
E 4 HOH 46  257 18 HOH HOH A . 
E 4 HOH 47  258 19 HOH HOH A . 
E 4 HOH 48  259 20 HOH HOH A . 
E 4 HOH 49  260 21 HOH HOH A . 
E 4 HOH 50  261 22 HOH HOH A . 
E 4 HOH 51  262 23 HOH HOH A . 
E 4 HOH 52  263 25 HOH HOH A . 
E 4 HOH 53  264 26 HOH HOH A . 
E 4 HOH 54  265 27 HOH HOH A . 
E 4 HOH 55  266 28 HOH HOH A . 
E 4 HOH 56  267 31 HOH HOH A . 
E 4 HOH 57  268 32 HOH HOH A . 
E 4 HOH 58  269 33 HOH HOH A . 
E 4 HOH 59  270 34 HOH HOH A . 
E 4 HOH 60  271 35 HOH HOH A . 
E 4 HOH 61  272 37 HOH HOH A . 
E 4 HOH 62  273 38 HOH HOH A . 
E 4 HOH 63  274 39 HOH HOH A . 
E 4 HOH 64  275 42 HOH HOH A . 
E 4 HOH 65  276 43 HOH HOH A . 
E 4 HOH 66  277 45 HOH HOH A . 
E 4 HOH 67  278 46 HOH HOH A . 
E 4 HOH 68  279 48 HOH HOH A . 
E 4 HOH 69  280 49 HOH HOH A . 
E 4 HOH 70  281 52 HOH HOH A . 
E 4 HOH 71  282 53 HOH HOH A . 
E 4 HOH 72  283 54 HOH HOH A . 
E 4 HOH 73  284 56 HOH HOH A . 
E 4 HOH 74  285 57 HOH HOH A . 
E 4 HOH 75  286 58 HOH HOH A . 
E 4 HOH 76  287 59 HOH HOH A . 
E 4 HOH 77  288 60 HOH HOH A . 
E 4 HOH 78  289 62 HOH HOH A . 
E 4 HOH 79  290 63 HOH HOH A . 
E 4 HOH 80  291 64 HOH HOH A . 
E 4 HOH 81  292 65 HOH HOH A . 
E 4 HOH 82  293 66 HOH HOH A . 
E 4 HOH 83  294 72 HOH HOH A . 
E 4 HOH 84  295 73 HOH HOH A . 
E 4 HOH 85  296 78 HOH HOH A . 
E 4 HOH 86  297 80 HOH HOH A . 
E 4 HOH 87  298 81 HOH HOH A . 
E 4 HOH 88  299 82 HOH HOH A . 
E 4 HOH 89  300 84 HOH HOH A . 
E 4 HOH 90  301 86 HOH HOH A . 
E 4 HOH 91  302 87 HOH HOH A . 
E 4 HOH 92  303 89 HOH HOH A . 
E 4 HOH 93  304 90 HOH HOH A . 
E 4 HOH 94  305 91 HOH HOH A . 
E 4 HOH 95  306 93 HOH HOH A . 
E 4 HOH 96  307 2  HOH HOH A . 
E 4 HOH 97  308 4  HOH HOH A . 
E 4 HOH 98  309 5  HOH HOH A . 
E 4 HOH 99  310 6  HOH HOH A . 
E 4 HOH 100 311 8  HOH HOH A . 
E 4 HOH 101 312 9  HOH HOH A . 
E 4 HOH 102 313 11 HOH HOH A . 
E 4 HOH 103 314 12 HOH HOH A . 
E 4 HOH 104 315 13 HOH HOH A . 
# 
loop_
_pdbx_unobs_or_zero_occ_atoms.id 
_pdbx_unobs_or_zero_occ_atoms.PDB_model_num 
_pdbx_unobs_or_zero_occ_atoms.polymer_flag 
_pdbx_unobs_or_zero_occ_atoms.occupancy_flag 
_pdbx_unobs_or_zero_occ_atoms.auth_asym_id 
_pdbx_unobs_or_zero_occ_atoms.auth_comp_id 
_pdbx_unobs_or_zero_occ_atoms.auth_seq_id 
_pdbx_unobs_or_zero_occ_atoms.PDB_ins_code 
_pdbx_unobs_or_zero_occ_atoms.auth_atom_id 
_pdbx_unobs_or_zero_occ_atoms.label_alt_id 
_pdbx_unobs_or_zero_occ_atoms.label_asym_id 
_pdbx_unobs_or_zero_occ_atoms.label_comp_id 
_pdbx_unobs_or_zero_occ_atoms.label_seq_id 
_pdbx_unobs_or_zero_occ_atoms.label_atom_id 
1  1 Y 1 A LYS 4   ? CE  ? A LYS 4   CE  
2  1 Y 1 A LYS 4   ? NZ  ? A LYS 4   NZ  
3  1 Y 1 A ASP 53  ? CG  ? A ASP 53  CG  
4  1 Y 1 A ASP 53  ? OD1 ? A ASP 53  OD1 
5  1 Y 1 A ASP 53  ? OD2 ? A ASP 53  OD2 
6  1 Y 1 A ASN 85  ? CG  ? A ASN 85  CG  
7  1 Y 1 A ASN 85  ? OD1 ? A ASN 85  OD1 
8  1 Y 1 A ASN 85  ? ND2 ? A ASN 85  ND2 
9  1 Y 1 A ASN 160 ? CG  ? A ASN 160 CG  
10 1 Y 1 A ASN 160 ? OD1 ? A ASN 160 OD1 
11 1 Y 1 A ASN 160 ? ND2 ? A ASN 160 ND2 
12 1 Y 1 A LYS 171 ? CD  ? A LYS 171 CD  
13 1 Y 1 A LYS 171 ? CE  ? A LYS 171 CE  
14 1 Y 1 A LYS 171 ? NZ  ? A LYS 171 NZ  
# 
loop_
_software.name 
_software.version 
_software.date 
_software.type 
_software.contact_author 
_software.contact_author_email 
_software.classification 
_software.location 
_software.language 
_software.citation_id 
_software.pdbx_ordinal 
DENZO       .     ?                    package 'Zbyszek Otwinowski' zbyszek@mix.swmed.edu       'data reduction'  
http://www.lnls.br/infra/linhasluz/denzo-hkl.htm ?          ? 1 
SCALEPACK   .     ?                    package 'Zbyszek Otwinowski' zbyszek@mix.swmed.edu       'data scaling'    
http://www.lnls.br/infra/linhasluz/denzo-hkl.htm ?          ? 2 
PHASER      .     ?                    other   'R. J. Read'         cimr-phaser@lists.cam.ac.uk phasing           
http://www-structmed.cimr.cam.ac.uk/phaser/      ?          ? 3 
REFMAC      .     ?                    program 'Murshudov, G.N.'    ccp4@dl.ac.uk               refinement        
http://www.ccp4.ac.uk/main.html                  Fortran_77 ? 4 
PDB_EXTRACT 3.004 'September 10, 2007' package PDB                  sw-help@rcsb.rutgers.edu    'data extraction' 
http://pdb.rutgers.edu/software/                 C++        ? 5 
# 
_cell.length_a           66.964 
_cell.length_b           66.964 
_cell.length_c           76.128 
_cell.angle_alpha        90.000 
_cell.angle_beta         90.000 
_cell.angle_gamma        120.000 
_cell.entry_id           3CLV 
_cell.pdbx_unique_axis   ? 
_cell.Z_PDB              6 
_cell.length_a_esd       ? 
_cell.length_b_esd       ? 
_cell.length_c_esd       ? 
_cell.angle_alpha_esd    ? 
_cell.angle_beta_esd     ? 
_cell.angle_gamma_esd    ? 
# 
_symmetry.space_group_name_H-M             'P 32 2 1' 
_symmetry.entry_id                         3CLV 
_symmetry.Int_Tables_number                154 
_symmetry.pdbx_full_space_group_name_H-M   ? 
_symmetry.cell_setting                     ? 
_symmetry.space_group_name_Hall            ? 
# 
_exptl.crystals_number   1 
_exptl.entry_id          3CLV 
_exptl.method            'X-RAY DIFFRACTION' 
# 
_exptl_crystal.id                    1 
_exptl_crystal.density_Matthews      2.08 
_exptl_crystal.density_meas          ? 
_exptl_crystal.density_percent_sol   40.93 
_exptl_crystal.description           ? 
_exptl_crystal.F_000                 ? 
_exptl_crystal.preparation           ? 
# 
_exptl_crystal_grow.crystal_id      1 
_exptl_crystal_grow.method          'VAPOR DIFFUSION, SITTING DROP' 
_exptl_crystal_grow.pH              7.5 
_exptl_crystal_grow.temp            293 
_exptl_crystal_grow.temp_details    ? 
_exptl_crystal_grow.pdbx_details    
'20% PEG3350, 0.2 M NaH2PO4, 5mM GDP, 15% glycerol, pH 7.5, VAPOR DIFFUSION, SITTING DROP, temperature 293K' 
_exptl_crystal_grow.pdbx_pH_range   . 
# 
_diffrn.id                     1 
_diffrn.ambient_temp           100 
_diffrn.ambient_temp_details   ? 
_diffrn.crystal_id             1 
# 
_diffrn_detector.diffrn_id              1 
_diffrn_detector.detector               'IMAGE PLATE' 
_diffrn_detector.type                   'RIGAKU RAXIS IV' 
_diffrn_detector.pdbx_collection_date   2007-10-12 
_diffrn_detector.details                ? 
# 
_diffrn_radiation.diffrn_id                        1 
_diffrn_radiation.wavelength_id                    1 
_diffrn_radiation.pdbx_diffrn_protocol             'SINGLE WAVELENGTH' 
_diffrn_radiation.monochromator                    ? 
_diffrn_radiation.pdbx_monochromatic_or_laue_m_l   M 
_diffrn_radiation.pdbx_scattering_type             x-ray 
# 
_diffrn_radiation_wavelength.id           1 
_diffrn_radiation_wavelength.wavelength   1.5418 
_diffrn_radiation_wavelength.wt           1.0 
# 
_diffrn_source.diffrn_id                   1 
_diffrn_source.source                      'ROTATING ANODE' 
_diffrn_source.type                        'RIGAKU FR-E+ SUPERBRIGHT' 
_diffrn_source.pdbx_wavelength             ? 
_diffrn_source.pdbx_wavelength_list        1.5418 
_diffrn_source.pdbx_synchrotron_site       ? 
_diffrn_source.pdbx_synchrotron_beamline   ? 
# 
_reflns.entry_id                     3CLV 
_reflns.d_resolution_high            1.890 
_reflns.d_resolution_low             50.000 
_reflns.number_obs                   15713 
_reflns.pdbx_Rmerge_I_obs            0.063 
_reflns.pdbx_netI_over_sigmaI        15.900 
_reflns.pdbx_chi_squared             1.726 
_reflns.pdbx_redundancy              10.400 
_reflns.percent_possible_obs         96.600 
_reflns.observed_criterion_sigma_F   0 
_reflns.observed_criterion_sigma_I   0 
_reflns.number_all                   16260 
_reflns.pdbx_Rsym_value              0.044 
_reflns.B_iso_Wilson_estimate        23.899 
_reflns.R_free_details               ? 
_reflns.limit_h_max                  ? 
_reflns.limit_h_min                  ? 
_reflns.limit_k_max                  ? 
_reflns.limit_k_min                  ? 
_reflns.limit_l_max                  ? 
_reflns.limit_l_min                  ? 
_reflns.observed_criterion_F_max     ? 
_reflns.observed_criterion_F_min     ? 
_reflns.pdbx_scaling_rejects         ? 
_reflns.pdbx_diffrn_id               1 
_reflns.pdbx_ordinal                 1 
# 
_reflns_shell.d_res_high             1.89 
_reflns_shell.d_res_low              1.96 
_reflns_shell.number_measured_obs    ? 
_reflns_shell.number_measured_all    ? 
_reflns_shell.number_unique_obs      ? 
_reflns_shell.Rmerge_I_obs           0.437 
_reflns_shell.meanI_over_sigI_obs    7.8 
_reflns_shell.pdbx_Rsym_value        0.420 
_reflns_shell.pdbx_chi_squared       1.804 
_reflns_shell.pdbx_redundancy        10.40 
_reflns_shell.percent_possible_obs   ? 
_reflns_shell.number_unique_all      1568 
_reflns_shell.percent_possible_all   98.40 
_reflns_shell.pdbx_diffrn_id         ? 
_reflns_shell.pdbx_ordinal           1 
# 
_refine.entry_id                                 3CLV 
_refine.ls_d_res_high                            1.890 
_refine.ls_d_res_low                             33.480 
_refine.pdbx_ls_sigma_F                          0.00 
_refine.ls_percent_reflns_obs                    96.360 
_refine.ls_number_reflns_obs                     15587 
_refine.pdbx_ls_cross_valid_method               THROUGHOUT 
_refine.pdbx_R_Free_selection_details            RANDOM 
_refine.details                                  'HYDROGENS HAVE BEEN ADDED IN THE RIDING POSITIONS' 
_refine.ls_R_factor_obs                          0.206 
_refine.ls_R_factor_R_work                       0.204 
_refine.ls_R_factor_R_free                       0.252 
_refine.ls_percent_reflns_R_free                 5.100 
_refine.ls_number_reflns_R_free                  790 
_refine.B_iso_mean                               23.551 
_refine.aniso_B[1][1]                            0.000 
_refine.aniso_B[2][2]                            0.000 
_refine.aniso_B[3][3]                            0.000 
_refine.aniso_B[1][2]                            0.000 
_refine.aniso_B[1][3]                            0.000 
_refine.aniso_B[2][3]                            0.000 
_refine.correlation_coeff_Fo_to_Fc               0.948 
_refine.correlation_coeff_Fo_to_Fc_free          0.903 
_refine.pdbx_overall_ESU_R                       0.167 
_refine.pdbx_overall_ESU_R_Free                  0.158 
_refine.overall_SU_ML                            0.103 
_refine.overall_SU_B                             3.449 
_refine.solvent_model_details                    MASK 
_refine.pdbx_solvent_vdw_probe_radii             1.400 
_refine.pdbx_solvent_ion_probe_radii             0.800 
_refine.pdbx_solvent_shrinkage_radii             0.800 
_refine.pdbx_method_to_determine_struct          'MOLECULAR REPLACEMENT' 
_refine.pdbx_stereochemistry_target_values       'MAXIMUM LIKELIHOOD' 
_refine.pdbx_ls_sigma_I                          ? 
_refine.ls_number_reflns_all                     16175 
_refine.ls_R_factor_all                          .206 
_refine.ls_redundancy_reflns_obs                 ? 
_refine.pdbx_data_cutoff_high_absF               ? 
_refine.pdbx_data_cutoff_low_absF                ? 
_refine.ls_number_parameters                     ? 
_refine.ls_number_restraints                     ? 
_refine.ls_R_factor_R_free_error                 ? 
_refine.ls_R_factor_R_free_error_details         ? 
_refine.pdbx_starting_model                      ? 
_refine.pdbx_stereochem_target_val_spec_case     ? 
_refine.solvent_model_param_bsol                 ? 
_refine.solvent_model_param_ksol                 ? 
_refine.occupancy_max                            ? 
_refine.occupancy_min                            ? 
_refine.pdbx_isotropic_thermal_model             ? 
_refine.B_iso_min                                ? 
_refine.B_iso_max                                ? 
_refine.overall_SU_R_Cruickshank_DPI             ? 
_refine.overall_SU_R_free                        ? 
_refine.pdbx_data_cutoff_high_rms_absF           ? 
_refine.ls_wR_factor_R_free                      ? 
_refine.ls_wR_factor_R_work                      ? 
_refine.overall_FOM_free_R_set                   ? 
_refine.overall_FOM_work_R_set                   ? 
_refine.pdbx_overall_phase_error                 ? 
_refine.pdbx_refine_id                           'X-RAY DIFFRACTION' 
_refine.pdbx_diffrn_id                           1 
_refine.pdbx_TLS_residual_ADP_flag               ? 
_refine.pdbx_overall_SU_R_free_Cruickshank_DPI   ? 
_refine.pdbx_overall_SU_R_Blow_DPI               ? 
_refine.pdbx_overall_SU_R_free_Blow_DPI          ? 
# 
_refine_hist.pdbx_refine_id                   'X-RAY DIFFRACTION' 
_refine_hist.cycle_id                         LAST 
_refine_hist.pdbx_number_atoms_protein        1398 
_refine_hist.pdbx_number_atoms_nucleic_acid   0 
_refine_hist.pdbx_number_atoms_ligand         30 
_refine_hist.number_atoms_solvent             104 
_refine_hist.number_atoms_total               1532 
_refine_hist.d_res_high                       1.890 
_refine_hist.d_res_low                        33.480 
# 
loop_
_refine_ls_restr.type 
_refine_ls_restr.number 
_refine_ls_restr.dev_ideal 
_refine_ls_restr.dev_ideal_target 
_refine_ls_restr.weight 
_refine_ls_restr.pdbx_refine_id 
_refine_ls_restr.pdbx_restraint_function 
r_bond_refined_d         1451 0.012  0.022  ? 'X-RAY DIFFRACTION' ? 
r_angle_refined_deg      1976 1.314  1.968  ? 'X-RAY DIFFRACTION' ? 
r_dihedral_angle_1_deg   178  6.470  5.000  ? 'X-RAY DIFFRACTION' ? 
r_dihedral_angle_2_deg   65   39.992 25.692 ? 'X-RAY DIFFRACTION' ? 
r_dihedral_angle_3_deg   254  13.739 15.000 ? 'X-RAY DIFFRACTION' ? 
r_dihedral_angle_4_deg   4    4.664  15.000 ? 'X-RAY DIFFRACTION' ? 
r_chiral_restr           234  0.093  0.200  ? 'X-RAY DIFFRACTION' ? 
r_gen_planes_refined     1055 0.005  0.020  ? 'X-RAY DIFFRACTION' ? 
r_nbd_refined            615  0.195  0.200  ? 'X-RAY DIFFRACTION' ? 
r_nbtor_refined          1004 0.302  0.200  ? 'X-RAY DIFFRACTION' ? 
r_xyhbond_nbd_refined    102  0.136  0.200  ? 'X-RAY DIFFRACTION' ? 
r_symmetry_vdw_refined   39   0.171  0.200  ? 'X-RAY DIFFRACTION' ? 
r_symmetry_hbond_refined 15   0.224  0.200  ? 'X-RAY DIFFRACTION' ? 
r_mcbond_it              905  0.787  1.500  ? 'X-RAY DIFFRACTION' ? 
r_mcangle_it             1423 1.346  2.000  ? 'X-RAY DIFFRACTION' ? 
r_scbond_it              646  1.859  3.000  ? 'X-RAY DIFFRACTION' ? 
r_scangle_it             550  2.676  4.500  ? 'X-RAY DIFFRACTION' ? 
# 
_refine_ls_shell.d_res_high                       1.894 
_refine_ls_shell.d_res_low                        1.943 
_refine_ls_shell.pdbx_total_number_of_bins_used   20 
_refine_ls_shell.percent_reflns_obs               98.560 
_refine_ls_shell.number_reflns_R_work             1117 
_refine_ls_shell.R_factor_all                     ? 
_refine_ls_shell.R_factor_R_work                  0.296 
_refine_ls_shell.R_factor_R_free                  0.432 
_refine_ls_shell.percent_reflns_R_free            ? 
_refine_ls_shell.number_reflns_R_free             43 
_refine_ls_shell.R_factor_R_free_error            ? 
_refine_ls_shell.number_reflns_all                1160 
_refine_ls_shell.number_reflns_obs                1568 
_refine_ls_shell.redundancy_reflns_obs            ? 
_refine_ls_shell.pdbx_refine_id                   'X-RAY DIFFRACTION' 
# 
_struct.entry_id                  3CLV 
_struct.title                     'Crystal Structure of Rab5a from plasmodium falciparum, PFB0500c' 
_struct.pdbx_model_details        ? 
_struct.pdbx_CASP_flag            ? 
_struct.pdbx_model_type_details   ? 
# 
_struct_keywords.entry_id        3CLV 
_struct_keywords.pdbx_keywords   'SIGNALING PROTEIN' 
_struct_keywords.text            
'malaria, gtpase, Rab, structural genomics, GTP-binding, Nucleotide-binding, SIGNALING PROTEIN, Structural Genomics Consortium, SGC' 
# 
loop_
_struct_asym.id 
_struct_asym.pdbx_blank_PDB_chainid_flag 
_struct_asym.pdbx_modified 
_struct_asym.entity_id 
_struct_asym.details 
A N N 1 ? 
B N N 2 ? 
C N N 2 ? 
D N N 3 ? 
E N N 4 ? 
# 
_struct_ref.id                         1 
_struct_ref.db_name                    UNP 
_struct_ref.db_code                    O96193_PLAF7 
_struct_ref.pdbx_db_accession          O96193 
_struct_ref.entity_id                  1 
_struct_ref.pdbx_seq_one_letter_code   
;MEKKSSYKTVLLGESSVGKSSIVLRLTKDTFHENTNTTIGASFCTYVVNLNDINIKNNSNNEKNNNINSINDDNNVIITN
QHNNYNENLCNIKFDIWDTAGQERYASIVPLYYRGATCAIVVFDISNSNTLDRAKTWVNQLKISSNYIIILVANKIDKNK
FQVDILEVQKYAQDNNLLFIQTSAKTGTNIKNIFYMLAEEIYKNIIN
;
_struct_ref.pdbx_align_begin           1 
_struct_ref.pdbx_db_isoform            ? 
# 
_struct_ref_seq.align_id                      1 
_struct_ref_seq.ref_id                        1 
_struct_ref_seq.pdbx_PDB_id_code              3CLV 
_struct_ref_seq.pdbx_strand_id                A 
_struct_ref_seq.seq_align_beg                 2 
_struct_ref_seq.pdbx_seq_align_beg_ins_code   ? 
_struct_ref_seq.seq_align_end                 208 
_struct_ref_seq.pdbx_seq_align_end_ins_code   ? 
_struct_ref_seq.pdbx_db_accession             O96193 
_struct_ref_seq.db_align_beg                  1 
_struct_ref_seq.pdbx_db_align_beg_ins_code    ? 
_struct_ref_seq.db_align_end                  207 
_struct_ref_seq.pdbx_db_align_end_ins_code    ? 
_struct_ref_seq.pdbx_auth_seq_align_beg       2 
_struct_ref_seq.pdbx_auth_seq_align_end       208 
# 
_struct_ref_seq_dif.align_id                     1 
_struct_ref_seq_dif.pdbx_pdb_id_code             3CLV 
_struct_ref_seq_dif.mon_id                       GLY 
_struct_ref_seq_dif.pdbx_pdb_strand_id           A 
_struct_ref_seq_dif.seq_num                      1 
_struct_ref_seq_dif.pdbx_pdb_ins_code            ? 
_struct_ref_seq_dif.pdbx_seq_db_name             UNP 
_struct_ref_seq_dif.pdbx_seq_db_accession_code   O96193 
_struct_ref_seq_dif.db_mon_id                    ? 
_struct_ref_seq_dif.pdbx_seq_db_seq_num          ? 
_struct_ref_seq_dif.details                      'expression tag' 
_struct_ref_seq_dif.pdbx_auth_seq_num            1 
_struct_ref_seq_dif.pdbx_ordinal                 1 
# 
_pdbx_struct_assembly.id                   1 
_pdbx_struct_assembly.details              author_and_software_defined_assembly 
_pdbx_struct_assembly.method_details       PISA 
_pdbx_struct_assembly.oligomeric_details   dimeric 
_pdbx_struct_assembly.oligomeric_count     2 
# 
loop_
_pdbx_struct_assembly_prop.biol_id 
_pdbx_struct_assembly_prop.type 
_pdbx_struct_assembly_prop.value 
_pdbx_struct_assembly_prop.details 
1 'ABSA (A^2)' 3620  ? 
1 MORE         -57.1 ? 
1 'SSA (A^2)'  16360 ? 
# 
_pdbx_struct_assembly_gen.assembly_id       1 
_pdbx_struct_assembly_gen.oper_expression   1,2 
_pdbx_struct_assembly_gen.asym_id_list      A,B,C,D,E 
# 
loop_
_pdbx_struct_oper_list.id 
_pdbx_struct_oper_list.type 
_pdbx_struct_oper_list.name 
_pdbx_struct_oper_list.symmetry_operation 
_pdbx_struct_oper_list.matrix[1][1] 
_pdbx_struct_oper_list.matrix[1][2] 
_pdbx_struct_oper_list.matrix[1][3] 
_pdbx_struct_oper_list.vector[1] 
_pdbx_struct_oper_list.matrix[2][1] 
_pdbx_struct_oper_list.matrix[2][2] 
_pdbx_struct_oper_list.matrix[2][3] 
_pdbx_struct_oper_list.vector[2] 
_pdbx_struct_oper_list.matrix[3][1] 
_pdbx_struct_oper_list.matrix[3][2] 
_pdbx_struct_oper_list.matrix[3][3] 
_pdbx_struct_oper_list.vector[3] 
1 'identity operation'         1_555 x,y,z         1.0000000000  0.0000000000 0.0000000000 0.0000000000  0.0000000000 1.0000000000 0.0000000000 0.0000000000  0.0000000000 0.0000000000 1.0000000000  0.0000000000 
2 'crystal symmetry operation' 5_555 x-y,-y,-z+1/3 -0.9780200114 0.1788524562 0.1071851494 31.1258188629 0.1788524562 0.4553329227 0.8721718457 -7.1816503500 0.1071851494 0.8721718457 -0.4773129113 5.6006887453 
# 
_struct_biol.id        1 
_struct_biol.details   ? 
# 
loop_
_struct_conf.conf_type_id 
_struct_conf.id 
_struct_conf.pdbx_PDB_helix_id 
_struct_conf.beg_label_comp_id 
_struct_conf.beg_label_asym_id 
_struct_conf.beg_label_seq_id 
_struct_conf.pdbx_beg_PDB_ins_code 
_struct_conf.end_label_comp_id 
_struct_conf.end_label_asym_id 
_struct_conf.end_label_seq_id 
_struct_conf.pdbx_end_PDB_ins_code 
_struct_conf.beg_auth_comp_id 
_struct_conf.beg_auth_asym_id 
_struct_conf.beg_auth_seq_id 
_struct_conf.end_auth_comp_id 
_struct_conf.end_auth_asym_id 
_struct_conf.end_auth_seq_id 
_struct_conf.pdbx_PDB_helix_class 
_struct_conf.details 
_struct_conf.pdbx_PDB_helix_length 
HELX_P HELX_P1 1 GLY A 19  ? ASP A 30  ? GLY A 19  ASP A 30  1 ? 12 
HELX_P HELX_P2 2 GLY A 102 ? TYR A 106 ? GLY A 102 TYR A 106 5 ? 5  
HELX_P HELX_P3 3 ILE A 109 ? ARG A 115 ? ILE A 109 ARG A 115 1 ? 7  
HELX_P HELX_P4 4 ASN A 128 ? SER A 146 ? ASN A 128 SER A 146 1 ? 19 
HELX_P HELX_P5 5 ASP A 165 ? ASN A 176 ? ASP A 165 ASN A 176 1 ? 12 
HELX_P HELX_P6 6 ASN A 190 ? ILE A 207 ? ASN A 190 ILE A 207 1 ? 18 
# 
_struct_conf_type.id          HELX_P 
_struct_conf_type.criteria    ? 
_struct_conf_type.reference   ? 
# 
_struct_mon_prot_cis.pdbx_id                1 
_struct_mon_prot_cis.label_comp_id          GLY 
_struct_mon_prot_cis.label_seq_id           1 
_struct_mon_prot_cis.label_asym_id          A 
_struct_mon_prot_cis.label_alt_id           . 
_struct_mon_prot_cis.pdbx_PDB_ins_code      ? 
_struct_mon_prot_cis.auth_comp_id           GLY 
_struct_mon_prot_cis.auth_seq_id            1 
_struct_mon_prot_cis.auth_asym_id           A 
_struct_mon_prot_cis.pdbx_label_comp_id_2   MET 
_struct_mon_prot_cis.pdbx_label_seq_id_2    2 
_struct_mon_prot_cis.pdbx_label_asym_id_2   A 
_struct_mon_prot_cis.pdbx_PDB_ins_code_2    ? 
_struct_mon_prot_cis.pdbx_auth_comp_id_2    MET 
_struct_mon_prot_cis.pdbx_auth_seq_id_2     2 
_struct_mon_prot_cis.pdbx_auth_asym_id_2    A 
_struct_mon_prot_cis.pdbx_PDB_model_num     1 
_struct_mon_prot_cis.pdbx_omega_angle       16.87 
# 
_struct_sheet.id               A 
_struct_sheet.type             ? 
_struct_sheet.number_strands   6 
_struct_sheet.details          ? 
# 
loop_
_struct_sheet_order.sheet_id 
_struct_sheet_order.range_id_1 
_struct_sheet_order.range_id_2 
_struct_sheet_order.offset 
_struct_sheet_order.sense 
A 1 2 ? anti-parallel 
A 2 3 ? parallel      
A 3 4 ? parallel      
A 4 5 ? parallel      
A 5 6 ? parallel      
# 
loop_
_struct_sheet_range.sheet_id 
_struct_sheet_range.id 
_struct_sheet_range.beg_label_comp_id 
_struct_sheet_range.beg_label_asym_id 
_struct_sheet_range.beg_label_seq_id 
_struct_sheet_range.pdbx_beg_PDB_ins_code 
_struct_sheet_range.end_label_comp_id 
_struct_sheet_range.end_label_asym_id 
_struct_sheet_range.end_label_seq_id 
_struct_sheet_range.pdbx_end_PDB_ins_code 
_struct_sheet_range.beg_auth_comp_id 
_struct_sheet_range.beg_auth_asym_id 
_struct_sheet_range.beg_auth_seq_id 
_struct_sheet_range.end_auth_comp_id 
_struct_sheet_range.end_auth_asym_id 
_struct_sheet_range.end_auth_seq_id 
A 1 SER A 43  ? ASN A 50  ? SER A 43  ASN A 50  
A 2 ASN A 92  ? ASP A 99  ? ASN A 92  ASP A 99  
A 3 TYR A 8   ? LEU A 13  ? TYR A 8   LEU A 13  
A 4 CYS A 119 ? ASP A 125 ? CYS A 119 ASP A 125 
A 5 ILE A 149 ? ASN A 155 ? ILE A 149 ASN A 155 
A 6 LEU A 179 ? THR A 183 ? LEU A 179 THR A 183 
# 
loop_
_pdbx_struct_sheet_hbond.sheet_id 
_pdbx_struct_sheet_hbond.range_id_1 
_pdbx_struct_sheet_hbond.range_id_2 
_pdbx_struct_sheet_hbond.range_1_label_atom_id 
_pdbx_struct_sheet_hbond.range_1_label_comp_id 
_pdbx_struct_sheet_hbond.range_1_label_asym_id 
_pdbx_struct_sheet_hbond.range_1_label_seq_id 
_pdbx_struct_sheet_hbond.range_1_PDB_ins_code 
_pdbx_struct_sheet_hbond.range_1_auth_atom_id 
_pdbx_struct_sheet_hbond.range_1_auth_comp_id 
_pdbx_struct_sheet_hbond.range_1_auth_asym_id 
_pdbx_struct_sheet_hbond.range_1_auth_seq_id 
_pdbx_struct_sheet_hbond.range_2_label_atom_id 
_pdbx_struct_sheet_hbond.range_2_label_comp_id 
_pdbx_struct_sheet_hbond.range_2_label_asym_id 
_pdbx_struct_sheet_hbond.range_2_label_seq_id 
_pdbx_struct_sheet_hbond.range_2_PDB_ins_code 
_pdbx_struct_sheet_hbond.range_2_auth_atom_id 
_pdbx_struct_sheet_hbond.range_2_auth_comp_id 
_pdbx_struct_sheet_hbond.range_2_auth_asym_id 
_pdbx_struct_sheet_hbond.range_2_auth_seq_id 
A 1 2 N TYR A 47  ? N TYR A 47  O PHE A 95  ? O PHE A 95  
A 2 3 O TRP A 98  ? O TRP A 98  N LEU A 12  ? N LEU A 12  
A 3 4 N VAL A 11  ? N VAL A 11  O ILE A 121 ? O ILE A 121 
A 4 5 N VAL A 122 ? N VAL A 122 O VAL A 153 ? O VAL A 153 
A 5 6 N ALA A 154 ? N ALA A 154 O THR A 183 ? O THR A 183 
# 
loop_
_struct_site.id 
_struct_site.pdbx_evidence_code 
_struct_site.pdbx_auth_asym_id 
_struct_site.pdbx_auth_comp_id 
_struct_site.pdbx_auth_seq_id 
_struct_site.pdbx_auth_ins_code 
_struct_site.pdbx_num_residues 
_struct_site.details 
AC1 Software A CL  209 ? 5  'BINDING SITE FOR RESIDUE CL A 209'  
AC2 Software A CL  210 ? 1  'BINDING SITE FOR RESIDUE CL A 210'  
AC3 Software A GDP 211 ? 23 'BINDING SITE FOR RESIDUE GDP A 211' 
# 
loop_
_struct_site_gen.id 
_struct_site_gen.site_id 
_struct_site_gen.pdbx_num_res 
_struct_site_gen.label_comp_id 
_struct_site_gen.label_asym_id 
_struct_site_gen.label_seq_id 
_struct_site_gen.pdbx_auth_ins_code 
_struct_site_gen.auth_comp_id 
_struct_site_gen.auth_asym_id 
_struct_site_gen.auth_seq_id 
_struct_site_gen.label_atom_id 
_struct_site_gen.label_alt_id 
_struct_site_gen.symmetry 
_struct_site_gen.details 
1  AC1 5  THR A 36  ? THR A 36  . ? 1_555 ? 
2  AC1 5  ASN A 37  ? ASN A 37  . ? 1_555 ? 
3  AC1 5  ASN A 147 ? ASN A 147 . ? 4_455 ? 
4  AC1 5  HOH E .   ? HOH A 215 . ? 1_555 ? 
5  AC1 5  HOH E .   ? HOH A 269 . ? 1_555 ? 
6  AC2 1  HOH E .   ? HOH A 289 . ? 1_555 ? 
7  AC3 23 SER A 16  ? SER A 16  . ? 1_555 ? 
8  AC3 23 SER A 17  ? SER A 17  . ? 1_555 ? 
9  AC3 23 GLY A 19  ? GLY A 19  . ? 1_555 ? 
10 AC3 23 LYS A 20  ? LYS A 20  . ? 1_555 ? 
11 AC3 23 SER A 21  ? SER A 21  . ? 1_555 ? 
12 AC3 23 SER A 22  ? SER A 22  . ? 1_555 ? 
13 AC3 23 PHE A 32  ? PHE A 32  . ? 1_555 ? 
14 AC3 23 HIS A 33  ? HIS A 33  . ? 1_555 ? 
15 AC3 23 GLU A 34  ? GLU A 34  . ? 1_555 ? 
16 AC3 23 THR A 36  ? THR A 36  . ? 1_555 ? 
17 AC3 23 ASN A 155 ? ASN A 155 . ? 1_555 ? 
18 AC3 23 LYS A 156 ? LYS A 156 . ? 1_555 ? 
19 AC3 23 ASP A 158 ? ASP A 158 . ? 1_555 ? 
20 AC3 23 LYS A 159 ? LYS A 159 . ? 1_555 ? 
21 AC3 23 SER A 184 ? SER A 184 . ? 1_555 ? 
22 AC3 23 ALA A 185 ? ALA A 185 . ? 1_555 ? 
23 AC3 23 LYS A 186 ? LYS A 186 . ? 1_555 ? 
24 AC3 23 HOH E .   ? HOH A 243 . ? 1_555 ? 
25 AC3 23 HOH E .   ? HOH A 256 . ? 1_555 ? 
26 AC3 23 HOH E .   ? HOH A 263 . ? 1_555 ? 
27 AC3 23 HOH E .   ? HOH A 278 . ? 1_555 ? 
28 AC3 23 HOH E .   ? HOH A 288 . ? 1_555 ? 
29 AC3 23 HOH E .   ? HOH A 314 . ? 1_555 ? 
# 
_pdbx_validate_torsion.id              1 
_pdbx_validate_torsion.PDB_model_num   1 
_pdbx_validate_torsion.auth_comp_id    SER 
_pdbx_validate_torsion.auth_asym_id    A 
_pdbx_validate_torsion.auth_seq_id     17 
_pdbx_validate_torsion.PDB_ins_code    ? 
_pdbx_validate_torsion.label_alt_id    ? 
_pdbx_validate_torsion.phi             88.22 
_pdbx_validate_torsion.psi             -6.80 
# 
_pdbx_SG_project.id                    1 
_pdbx_SG_project.project_name          ? 
_pdbx_SG_project.full_name_of_center   'Structural Genomics Consortium' 
_pdbx_SG_project.initial_of_center     SGC 
# 
_pdbx_struct_special_symmetry.id              1 
_pdbx_struct_special_symmetry.PDB_model_num   1 
_pdbx_struct_special_symmetry.auth_asym_id    A 
_pdbx_struct_special_symmetry.auth_comp_id    HOH 
_pdbx_struct_special_symmetry.auth_seq_id     286 
_pdbx_struct_special_symmetry.PDB_ins_code    ? 
_pdbx_struct_special_symmetry.label_asym_id   E 
_pdbx_struct_special_symmetry.label_comp_id   HOH 
_pdbx_struct_special_symmetry.label_seq_id    . 
# 
_pdbx_phasing_MR.entry_id                     3CLV 
_pdbx_phasing_MR.method_rotation              ? 
_pdbx_phasing_MR.method_translation           ? 
_pdbx_phasing_MR.model_details                'Phaser MODE: MR_AUTO' 
_pdbx_phasing_MR.R_factor                     ? 
_pdbx_phasing_MR.R_rigid_body                 ? 
_pdbx_phasing_MR.correlation_coeff_Fo_to_Fc   ? 
_pdbx_phasing_MR.correlation_coeff_Io_to_Ic   ? 
_pdbx_phasing_MR.d_res_high_rotation          2.500 
_pdbx_phasing_MR.d_res_low_rotation           33.480 
_pdbx_phasing_MR.d_res_high_translation       2.500 
_pdbx_phasing_MR.d_res_low_translation        33.480 
_pdbx_phasing_MR.packing                      ? 
_pdbx_phasing_MR.reflns_percent_rotation      ? 
_pdbx_phasing_MR.reflns_percent_translation   ? 
_pdbx_phasing_MR.sigma_F_rotation             ? 
_pdbx_phasing_MR.sigma_F_translation          ? 
_pdbx_phasing_MR.sigma_I_rotation             ? 
_pdbx_phasing_MR.sigma_I_translation          ? 
# 
_phasing.method   MR 
# 
loop_
_pdbx_unobs_or_zero_occ_residues.id 
_pdbx_unobs_or_zero_occ_residues.PDB_model_num 
_pdbx_unobs_or_zero_occ_residues.polymer_flag 
_pdbx_unobs_or_zero_occ_residues.occupancy_flag 
_pdbx_unobs_or_zero_occ_residues.auth_asym_id 
_pdbx_unobs_or_zero_occ_residues.auth_comp_id 
_pdbx_unobs_or_zero_occ_residues.auth_seq_id 
_pdbx_unobs_or_zero_occ_residues.PDB_ins_code 
_pdbx_unobs_or_zero_occ_residues.label_asym_id 
_pdbx_unobs_or_zero_occ_residues.label_comp_id 
_pdbx_unobs_or_zero_occ_residues.label_seq_id 
1  1 Y 1 A ILE 54  ? A ILE 54  
2  1 Y 1 A ASN 55  ? A ASN 55  
3  1 Y 1 A ILE 56  ? A ILE 56  
4  1 Y 1 A LYS 57  ? A LYS 57  
5  1 Y 1 A ASN 58  ? A ASN 58  
6  1 Y 1 A ASN 59  ? A ASN 59  
7  1 Y 1 A SER 60  ? A SER 60  
8  1 Y 1 A ASN 61  ? A ASN 61  
9  1 Y 1 A ASN 62  ? A ASN 62  
10 1 Y 1 A GLU 63  ? A GLU 63  
11 1 Y 1 A LYS 64  ? A LYS 64  
12 1 Y 1 A ASN 65  ? A ASN 65  
13 1 Y 1 A ASN 66  ? A ASN 66  
14 1 Y 1 A ASN 67  ? A ASN 67  
15 1 Y 1 A ILE 68  ? A ILE 68  
16 1 Y 1 A ASN 69  ? A ASN 69  
17 1 Y 1 A SER 70  ? A SER 70  
18 1 Y 1 A ILE 71  ? A ILE 71  
19 1 Y 1 A ASN 72  ? A ASN 72  
20 1 Y 1 A ASP 73  ? A ASP 73  
21 1 Y 1 A ASP 74  ? A ASP 74  
22 1 Y 1 A ASN 75  ? A ASN 75  
23 1 Y 1 A ASN 76  ? A ASN 76  
24 1 Y 1 A VAL 77  ? A VAL 77  
25 1 Y 1 A ILE 78  ? A ILE 78  
26 1 Y 1 A ILE 79  ? A ILE 79  
27 1 Y 1 A THR 80  ? A THR 80  
28 1 Y 1 A ASN 81  ? A ASN 81  
29 1 Y 1 A GLN 82  ? A GLN 82  
30 1 Y 1 A HIS 83  ? A HIS 83  
31 1 Y 1 A ASN 84  ? A ASN 84  
32 1 Y 1 A LYS 161 ? A LYS 161 
33 1 Y 1 A ASN 208 ? A ASN 208 
# 
loop_
_chem_comp_atom.comp_id 
_chem_comp_atom.atom_id 
_chem_comp_atom.type_symbol 
_chem_comp_atom.pdbx_aromatic_flag 
_chem_comp_atom.pdbx_stereo_config 
_chem_comp_atom.pdbx_ordinal 
ALA N      N  N N 1   
ALA CA     C  N S 2   
ALA C      C  N N 3   
ALA O      O  N N 4   
ALA CB     C  N N 5   
ALA OXT    O  N N 6   
ALA H      H  N N 7   
ALA H2     H  N N 8   
ALA HA     H  N N 9   
ALA HB1    H  N N 10  
ALA HB2    H  N N 11  
ALA HB3    H  N N 12  
ALA HXT    H  N N 13  
ARG N      N  N N 14  
ARG CA     C  N S 15  
ARG C      C  N N 16  
ARG O      O  N N 17  
ARG CB     C  N N 18  
ARG CG     C  N N 19  
ARG CD     C  N N 20  
ARG NE     N  N N 21  
ARG CZ     C  N N 22  
ARG NH1    N  N N 23  
ARG NH2    N  N N 24  
ARG OXT    O  N N 25  
ARG H      H  N N 26  
ARG H2     H  N N 27  
ARG HA     H  N N 28  
ARG HB2    H  N N 29  
ARG HB3    H  N N 30  
ARG HG2    H  N N 31  
ARG HG3    H  N N 32  
ARG HD2    H  N N 33  
ARG HD3    H  N N 34  
ARG HE     H  N N 35  
ARG HH11   H  N N 36  
ARG HH12   H  N N 37  
ARG HH21   H  N N 38  
ARG HH22   H  N N 39  
ARG HXT    H  N N 40  
ASN N      N  N N 41  
ASN CA     C  N S 42  
ASN C      C  N N 43  
ASN O      O  N N 44  
ASN CB     C  N N 45  
ASN CG     C  N N 46  
ASN OD1    O  N N 47  
ASN ND2    N  N N 48  
ASN OXT    O  N N 49  
ASN H      H  N N 50  
ASN H2     H  N N 51  
ASN HA     H  N N 52  
ASN HB2    H  N N 53  
ASN HB3    H  N N 54  
ASN HD21   H  N N 55  
ASN HD22   H  N N 56  
ASN HXT    H  N N 57  
ASP N      N  N N 58  
ASP CA     C  N S 59  
ASP C      C  N N 60  
ASP O      O  N N 61  
ASP CB     C  N N 62  
ASP CG     C  N N 63  
ASP OD1    O  N N 64  
ASP OD2    O  N N 65  
ASP OXT    O  N N 66  
ASP H      H  N N 67  
ASP H2     H  N N 68  
ASP HA     H  N N 69  
ASP HB2    H  N N 70  
ASP HB3    H  N N 71  
ASP HD2    H  N N 72  
ASP HXT    H  N N 73  
CL  CL     CL N N 74  
CYS N      N  N N 75  
CYS CA     C  N R 76  
CYS C      C  N N 77  
CYS O      O  N N 78  
CYS CB     C  N N 79  
CYS SG     S  N N 80  
CYS OXT    O  N N 81  
CYS H      H  N N 82  
CYS H2     H  N N 83  
CYS HA     H  N N 84  
CYS HB2    H  N N 85  
CYS HB3    H  N N 86  
CYS HG     H  N N 87  
CYS HXT    H  N N 88  
GDP PB     P  N N 89  
GDP O1B    O  N N 90  
GDP O2B    O  N N 91  
GDP O3B    O  N N 92  
GDP O3A    O  N N 93  
GDP PA     P  N N 94  
GDP O1A    O  N N 95  
GDP O2A    O  N N 96  
GDP "O5'"  O  N N 97  
GDP "C5'"  C  N N 98  
GDP "C4'"  C  N R 99  
GDP "O4'"  O  N N 100 
GDP "C3'"  C  N S 101 
GDP "O3'"  O  N N 102 
GDP "C2'"  C  N R 103 
GDP "O2'"  O  N N 104 
GDP "C1'"  C  N R 105 
GDP N9     N  Y N 106 
GDP C8     C  Y N 107 
GDP N7     N  Y N 108 
GDP C5     C  Y N 109 
GDP C6     C  N N 110 
GDP O6     O  N N 111 
GDP N1     N  N N 112 
GDP C2     C  N N 113 
GDP N2     N  N N 114 
GDP N3     N  N N 115 
GDP C4     C  Y N 116 
GDP HOB2   H  N N 117 
GDP HOB3   H  N N 118 
GDP HOA2   H  N N 119 
GDP "H5'"  H  N N 120 
GDP "H5''" H  N N 121 
GDP "H4'"  H  N N 122 
GDP "H3'"  H  N N 123 
GDP "HO3'" H  N N 124 
GDP "H2'"  H  N N 125 
GDP "HO2'" H  N N 126 
GDP "H1'"  H  N N 127 
GDP H8     H  N N 128 
GDP HN1    H  N N 129 
GDP HN21   H  N N 130 
GDP HN22   H  N N 131 
GLN N      N  N N 132 
GLN CA     C  N S 133 
GLN C      C  N N 134 
GLN O      O  N N 135 
GLN CB     C  N N 136 
GLN CG     C  N N 137 
GLN CD     C  N N 138 
GLN OE1    O  N N 139 
GLN NE2    N  N N 140 
GLN OXT    O  N N 141 
GLN H      H  N N 142 
GLN H2     H  N N 143 
GLN HA     H  N N 144 
GLN HB2    H  N N 145 
GLN HB3    H  N N 146 
GLN HG2    H  N N 147 
GLN HG3    H  N N 148 
GLN HE21   H  N N 149 
GLN HE22   H  N N 150 
GLN HXT    H  N N 151 
GLU N      N  N N 152 
GLU CA     C  N S 153 
GLU C      C  N N 154 
GLU O      O  N N 155 
GLU CB     C  N N 156 
GLU CG     C  N N 157 
GLU CD     C  N N 158 
GLU OE1    O  N N 159 
GLU OE2    O  N N 160 
GLU OXT    O  N N 161 
GLU H      H  N N 162 
GLU H2     H  N N 163 
GLU HA     H  N N 164 
GLU HB2    H  N N 165 
GLU HB3    H  N N 166 
GLU HG2    H  N N 167 
GLU HG3    H  N N 168 
GLU HE2    H  N N 169 
GLU HXT    H  N N 170 
GLY N      N  N N 171 
GLY CA     C  N N 172 
GLY C      C  N N 173 
GLY O      O  N N 174 
GLY OXT    O  N N 175 
GLY H      H  N N 176 
GLY H2     H  N N 177 
GLY HA2    H  N N 178 
GLY HA3    H  N N 179 
GLY HXT    H  N N 180 
HIS N      N  N N 181 
HIS CA     C  N S 182 
HIS C      C  N N 183 
HIS O      O  N N 184 
HIS CB     C  N N 185 
HIS CG     C  Y N 186 
HIS ND1    N  Y N 187 
HIS CD2    C  Y N 188 
HIS CE1    C  Y N 189 
HIS NE2    N  Y N 190 
HIS OXT    O  N N 191 
HIS H      H  N N 192 
HIS H2     H  N N 193 
HIS HA     H  N N 194 
HIS HB2    H  N N 195 
HIS HB3    H  N N 196 
HIS HD1    H  N N 197 
HIS HD2    H  N N 198 
HIS HE1    H  N N 199 
HIS HE2    H  N N 200 
HIS HXT    H  N N 201 
HOH O      O  N N 202 
HOH H1     H  N N 203 
HOH H2     H  N N 204 
ILE N      N  N N 205 
ILE CA     C  N S 206 
ILE C      C  N N 207 
ILE O      O  N N 208 
ILE CB     C  N S 209 
ILE CG1    C  N N 210 
ILE CG2    C  N N 211 
ILE CD1    C  N N 212 
ILE OXT    O  N N 213 
ILE H      H  N N 214 
ILE H2     H  N N 215 
ILE HA     H  N N 216 
ILE HB     H  N N 217 
ILE HG12   H  N N 218 
ILE HG13   H  N N 219 
ILE HG21   H  N N 220 
ILE HG22   H  N N 221 
ILE HG23   H  N N 222 
ILE HD11   H  N N 223 
ILE HD12   H  N N 224 
ILE HD13   H  N N 225 
ILE HXT    H  N N 226 
LEU N      N  N N 227 
LEU CA     C  N S 228 
LEU C      C  N N 229 
LEU O      O  N N 230 
LEU CB     C  N N 231 
LEU CG     C  N N 232 
LEU CD1    C  N N 233 
LEU CD2    C  N N 234 
LEU OXT    O  N N 235 
LEU H      H  N N 236 
LEU H2     H  N N 237 
LEU HA     H  N N 238 
LEU HB2    H  N N 239 
LEU HB3    H  N N 240 
LEU HG     H  N N 241 
LEU HD11   H  N N 242 
LEU HD12   H  N N 243 
LEU HD13   H  N N 244 
LEU HD21   H  N N 245 
LEU HD22   H  N N 246 
LEU HD23   H  N N 247 
LEU HXT    H  N N 248 
LYS N      N  N N 249 
LYS CA     C  N S 250 
LYS C      C  N N 251 
LYS O      O  N N 252 
LYS CB     C  N N 253 
LYS CG     C  N N 254 
LYS CD     C  N N 255 
LYS CE     C  N N 256 
LYS NZ     N  N N 257 
LYS OXT    O  N N 258 
LYS H      H  N N 259 
LYS H2     H  N N 260 
LYS HA     H  N N 261 
LYS HB2    H  N N 262 
LYS HB3    H  N N 263 
LYS HG2    H  N N 264 
LYS HG3    H  N N 265 
LYS HD2    H  N N 266 
LYS HD3    H  N N 267 
LYS HE2    H  N N 268 
LYS HE3    H  N N 269 
LYS HZ1    H  N N 270 
LYS HZ2    H  N N 271 
LYS HZ3    H  N N 272 
LYS HXT    H  N N 273 
MET N      N  N N 274 
MET CA     C  N S 275 
MET C      C  N N 276 
MET O      O  N N 277 
MET CB     C  N N 278 
MET CG     C  N N 279 
MET SD     S  N N 280 
MET CE     C  N N 281 
MET OXT    O  N N 282 
MET H      H  N N 283 
MET H2     H  N N 284 
MET HA     H  N N 285 
MET HB2    H  N N 286 
MET HB3    H  N N 287 
MET HG2    H  N N 288 
MET HG3    H  N N 289 
MET HE1    H  N N 290 
MET HE2    H  N N 291 
MET HE3    H  N N 292 
MET HXT    H  N N 293 
PHE N      N  N N 294 
PHE CA     C  N S 295 
PHE C      C  N N 296 
PHE O      O  N N 297 
PHE CB     C  N N 298 
PHE CG     C  Y N 299 
PHE CD1    C  Y N 300 
PHE CD2    C  Y N 301 
PHE CE1    C  Y N 302 
PHE CE2    C  Y N 303 
PHE CZ     C  Y N 304 
PHE OXT    O  N N 305 
PHE H      H  N N 306 
PHE H2     H  N N 307 
PHE HA     H  N N 308 
PHE HB2    H  N N 309 
PHE HB3    H  N N 310 
PHE HD1    H  N N 311 
PHE HD2    H  N N 312 
PHE HE1    H  N N 313 
PHE HE2    H  N N 314 
PHE HZ     H  N N 315 
PHE HXT    H  N N 316 
PRO N      N  N N 317 
PRO CA     C  N S 318 
PRO C      C  N N 319 
PRO O      O  N N 320 
PRO CB     C  N N 321 
PRO CG     C  N N 322 
PRO CD     C  N N 323 
PRO OXT    O  N N 324 
PRO H      H  N N 325 
PRO HA     H  N N 326 
PRO HB2    H  N N 327 
PRO HB3    H  N N 328 
PRO HG2    H  N N 329 
PRO HG3    H  N N 330 
PRO HD2    H  N N 331 
PRO HD3    H  N N 332 
PRO HXT    H  N N 333 
SER N      N  N N 334 
SER CA     C  N S 335 
SER C      C  N N 336 
SER O      O  N N 337 
SER CB     C  N N 338 
SER OG     O  N N 339 
SER OXT    O  N N 340 
SER H      H  N N 341 
SER H2     H  N N 342 
SER HA     H  N N 343 
SER HB2    H  N N 344 
SER HB3    H  N N 345 
SER HG     H  N N 346 
SER HXT    H  N N 347 
THR N      N  N N 348 
THR CA     C  N S 349 
THR C      C  N N 350 
THR O      O  N N 351 
THR CB     C  N R 352 
THR OG1    O  N N 353 
THR CG2    C  N N 354 
THR OXT    O  N N 355 
THR H      H  N N 356 
THR H2     H  N N 357 
THR HA     H  N N 358 
THR HB     H  N N 359 
THR HG1    H  N N 360 
THR HG21   H  N N 361 
THR HG22   H  N N 362 
THR HG23   H  N N 363 
THR HXT    H  N N 364 
TRP N      N  N N 365 
TRP CA     C  N S 366 
TRP C      C  N N 367 
TRP O      O  N N 368 
TRP CB     C  N N 369 
TRP CG     C  Y N 370 
TRP CD1    C  Y N 371 
TRP CD2    C  Y N 372 
TRP NE1    N  Y N 373 
TRP CE2    C  Y N 374 
TRP CE3    C  Y N 375 
TRP CZ2    C  Y N 376 
TRP CZ3    C  Y N 377 
TRP CH2    C  Y N 378 
TRP OXT    O  N N 379 
TRP H      H  N N 380 
TRP H2     H  N N 381 
TRP HA     H  N N 382 
TRP HB2    H  N N 383 
TRP HB3    H  N N 384 
TRP HD1    H  N N 385 
TRP HE1    H  N N 386 
TRP HE3    H  N N 387 
TRP HZ2    H  N N 388 
TRP HZ3    H  N N 389 
TRP HH2    H  N N 390 
TRP HXT    H  N N 391 
TYR N      N  N N 392 
TYR CA     C  N S 393 
TYR C      C  N N 394 
TYR O      O  N N 395 
TYR CB     C  N N 396 
TYR CG     C  Y N 397 
TYR CD1    C  Y N 398 
TYR CD2    C  Y N 399 
TYR CE1    C  Y N 400 
TYR CE2    C  Y N 401 
TYR CZ     C  Y N 402 
TYR OH     O  N N 403 
TYR OXT    O  N N 404 
TYR H      H  N N 405 
TYR H2     H  N N 406 
TYR HA     H  N N 407 
TYR HB2    H  N N 408 
TYR HB3    H  N N 409 
TYR HD1    H  N N 410 
TYR HD2    H  N N 411 
TYR HE1    H  N N 412 
TYR HE2    H  N N 413 
TYR HH     H  N N 414 
TYR HXT    H  N N 415 
VAL N      N  N N 416 
VAL CA     C  N S 417 
VAL C      C  N N 418 
VAL O      O  N N 419 
VAL CB     C  N N 420 
VAL CG1    C  N N 421 
VAL CG2    C  N N 422 
VAL OXT    O  N N 423 
VAL H      H  N N 424 
VAL H2     H  N N 425 
VAL HA     H  N N 426 
VAL HB     H  N N 427 
VAL HG11   H  N N 428 
VAL HG12   H  N N 429 
VAL HG13   H  N N 430 
VAL HG21   H  N N 431 
VAL HG22   H  N N 432 
VAL HG23   H  N N 433 
VAL HXT    H  N N 434 
# 
loop_
_chem_comp_bond.comp_id 
_chem_comp_bond.atom_id_1 
_chem_comp_bond.atom_id_2 
_chem_comp_bond.value_order 
_chem_comp_bond.pdbx_aromatic_flag 
_chem_comp_bond.pdbx_stereo_config 
_chem_comp_bond.pdbx_ordinal 
ALA N     CA     sing N N 1   
ALA N     H      sing N N 2   
ALA N     H2     sing N N 3   
ALA CA    C      sing N N 4   
ALA CA    CB     sing N N 5   
ALA CA    HA     sing N N 6   
ALA C     O      doub N N 7   
ALA C     OXT    sing N N 8   
ALA CB    HB1    sing N N 9   
ALA CB    HB2    sing N N 10  
ALA CB    HB3    sing N N 11  
ALA OXT   HXT    sing N N 12  
ARG N     CA     sing N N 13  
ARG N     H      sing N N 14  
ARG N     H2     sing N N 15  
ARG CA    C      sing N N 16  
ARG CA    CB     sing N N 17  
ARG CA    HA     sing N N 18  
ARG C     O      doub N N 19  
ARG C     OXT    sing N N 20  
ARG CB    CG     sing N N 21  
ARG CB    HB2    sing N N 22  
ARG CB    HB3    sing N N 23  
ARG CG    CD     sing N N 24  
ARG CG    HG2    sing N N 25  
ARG CG    HG3    sing N N 26  
ARG CD    NE     sing N N 27  
ARG CD    HD2    sing N N 28  
ARG CD    HD3    sing N N 29  
ARG NE    CZ     sing N N 30  
ARG NE    HE     sing N N 31  
ARG CZ    NH1    sing N N 32  
ARG CZ    NH2    doub N N 33  
ARG NH1   HH11   sing N N 34  
ARG NH1   HH12   sing N N 35  
ARG NH2   HH21   sing N N 36  
ARG NH2   HH22   sing N N 37  
ARG OXT   HXT    sing N N 38  
ASN N     CA     sing N N 39  
ASN N     H      sing N N 40  
ASN N     H2     sing N N 41  
ASN CA    C      sing N N 42  
ASN CA    CB     sing N N 43  
ASN CA    HA     sing N N 44  
ASN C     O      doub N N 45  
ASN C     OXT    sing N N 46  
ASN CB    CG     sing N N 47  
ASN CB    HB2    sing N N 48  
ASN CB    HB3    sing N N 49  
ASN CG    OD1    doub N N 50  
ASN CG    ND2    sing N N 51  
ASN ND2   HD21   sing N N 52  
ASN ND2   HD22   sing N N 53  
ASN OXT   HXT    sing N N 54  
ASP N     CA     sing N N 55  
ASP N     H      sing N N 56  
ASP N     H2     sing N N 57  
ASP CA    C      sing N N 58  
ASP CA    CB     sing N N 59  
ASP CA    HA     sing N N 60  
ASP C     O      doub N N 61  
ASP C     OXT    sing N N 62  
ASP CB    CG     sing N N 63  
ASP CB    HB2    sing N N 64  
ASP CB    HB3    sing N N 65  
ASP CG    OD1    doub N N 66  
ASP CG    OD2    sing N N 67  
ASP OD2   HD2    sing N N 68  
ASP OXT   HXT    sing N N 69  
CYS N     CA     sing N N 70  
CYS N     H      sing N N 71  
CYS N     H2     sing N N 72  
CYS CA    C      sing N N 73  
CYS CA    CB     sing N N 74  
CYS CA    HA     sing N N 75  
CYS C     O      doub N N 76  
CYS C     OXT    sing N N 77  
CYS CB    SG     sing N N 78  
CYS CB    HB2    sing N N 79  
CYS CB    HB3    sing N N 80  
CYS SG    HG     sing N N 81  
CYS OXT   HXT    sing N N 82  
GDP PB    O1B    doub N N 83  
GDP PB    O2B    sing N N 84  
GDP PB    O3B    sing N N 85  
GDP PB    O3A    sing N N 86  
GDP O2B   HOB2   sing N N 87  
GDP O3B   HOB3   sing N N 88  
GDP O3A   PA     sing N N 89  
GDP PA    O1A    doub N N 90  
GDP PA    O2A    sing N N 91  
GDP PA    "O5'"  sing N N 92  
GDP O2A   HOA2   sing N N 93  
GDP "O5'" "C5'"  sing N N 94  
GDP "C5'" "C4'"  sing N N 95  
GDP "C5'" "H5'"  sing N N 96  
GDP "C5'" "H5''" sing N N 97  
GDP "C4'" "O4'"  sing N N 98  
GDP "C4'" "C3'"  sing N N 99  
GDP "C4'" "H4'"  sing N N 100 
GDP "O4'" "C1'"  sing N N 101 
GDP "C3'" "O3'"  sing N N 102 
GDP "C3'" "C2'"  sing N N 103 
GDP "C3'" "H3'"  sing N N 104 
GDP "O3'" "HO3'" sing N N 105 
GDP "C2'" "O2'"  sing N N 106 
GDP "C2'" "C1'"  sing N N 107 
GDP "C2'" "H2'"  sing N N 108 
GDP "O2'" "HO2'" sing N N 109 
GDP "C1'" N9     sing N N 110 
GDP "C1'" "H1'"  sing N N 111 
GDP N9    C8     sing Y N 112 
GDP N9    C4     sing Y N 113 
GDP C8    N7     doub Y N 114 
GDP C8    H8     sing N N 115 
GDP N7    C5     sing Y N 116 
GDP C5    C6     sing N N 117 
GDP C5    C4     doub Y N 118 
GDP C6    O6     doub N N 119 
GDP C6    N1     sing N N 120 
GDP N1    C2     sing N N 121 
GDP N1    HN1    sing N N 122 
GDP C2    N2     sing N N 123 
GDP C2    N3     doub N N 124 
GDP N2    HN21   sing N N 125 
GDP N2    HN22   sing N N 126 
GDP N3    C4     sing N N 127 
GLN N     CA     sing N N 128 
GLN N     H      sing N N 129 
GLN N     H2     sing N N 130 
GLN CA    C      sing N N 131 
GLN CA    CB     sing N N 132 
GLN CA    HA     sing N N 133 
GLN C     O      doub N N 134 
GLN C     OXT    sing N N 135 
GLN CB    CG     sing N N 136 
GLN CB    HB2    sing N N 137 
GLN CB    HB3    sing N N 138 
GLN CG    CD     sing N N 139 
GLN CG    HG2    sing N N 140 
GLN CG    HG3    sing N N 141 
GLN CD    OE1    doub N N 142 
GLN CD    NE2    sing N N 143 
GLN NE2   HE21   sing N N 144 
GLN NE2   HE22   sing N N 145 
GLN OXT   HXT    sing N N 146 
GLU N     CA     sing N N 147 
GLU N     H      sing N N 148 
GLU N     H2     sing N N 149 
GLU CA    C      sing N N 150 
GLU CA    CB     sing N N 151 
GLU CA    HA     sing N N 152 
GLU C     O      doub N N 153 
GLU C     OXT    sing N N 154 
GLU CB    CG     sing N N 155 
GLU CB    HB2    sing N N 156 
GLU CB    HB3    sing N N 157 
GLU CG    CD     sing N N 158 
GLU CG    HG2    sing N N 159 
GLU CG    HG3    sing N N 160 
GLU CD    OE1    doub N N 161 
GLU CD    OE2    sing N N 162 
GLU OE2   HE2    sing N N 163 
GLU OXT   HXT    sing N N 164 
GLY N     CA     sing N N 165 
GLY N     H      sing N N 166 
GLY N     H2     sing N N 167 
GLY CA    C      sing N N 168 
GLY CA    HA2    sing N N 169 
GLY CA    HA3    sing N N 170 
GLY C     O      doub N N 171 
GLY C     OXT    sing N N 172 
GLY OXT   HXT    sing N N 173 
HIS N     CA     sing N N 174 
HIS N     H      sing N N 175 
HIS N     H2     sing N N 176 
HIS CA    C      sing N N 177 
HIS CA    CB     sing N N 178 
HIS CA    HA     sing N N 179 
HIS C     O      doub N N 180 
HIS C     OXT    sing N N 181 
HIS CB    CG     sing N N 182 
HIS CB    HB2    sing N N 183 
HIS CB    HB3    sing N N 184 
HIS CG    ND1    sing Y N 185 
HIS CG    CD2    doub Y N 186 
HIS ND1   CE1    doub Y N 187 
HIS ND1   HD1    sing N N 188 
HIS CD2   NE2    sing Y N 189 
HIS CD2   HD2    sing N N 190 
HIS CE1   NE2    sing Y N 191 
HIS CE1   HE1    sing N N 192 
HIS NE2   HE2    sing N N 193 
HIS OXT   HXT    sing N N 194 
HOH O     H1     sing N N 195 
HOH O     H2     sing N N 196 
ILE N     CA     sing N N 197 
ILE N     H      sing N N 198 
ILE N     H2     sing N N 199 
ILE CA    C      sing N N 200 
ILE CA    CB     sing N N 201 
ILE CA    HA     sing N N 202 
ILE C     O      doub N N 203 
ILE C     OXT    sing N N 204 
ILE CB    CG1    sing N N 205 
ILE CB    CG2    sing N N 206 
ILE CB    HB     sing N N 207 
ILE CG1   CD1    sing N N 208 
ILE CG1   HG12   sing N N 209 
ILE CG1   HG13   sing N N 210 
ILE CG2   HG21   sing N N 211 
ILE CG2   HG22   sing N N 212 
ILE CG2   HG23   sing N N 213 
ILE CD1   HD11   sing N N 214 
ILE CD1   HD12   sing N N 215 
ILE CD1   HD13   sing N N 216 
ILE OXT   HXT    sing N N 217 
LEU N     CA     sing N N 218 
LEU N     H      sing N N 219 
LEU N     H2     sing N N 220 
LEU CA    C      sing N N 221 
LEU CA    CB     sing N N 222 
LEU CA    HA     sing N N 223 
LEU C     O      doub N N 224 
LEU C     OXT    sing N N 225 
LEU CB    CG     sing N N 226 
LEU CB    HB2    sing N N 227 
LEU CB    HB3    sing N N 228 
LEU CG    CD1    sing N N 229 
LEU CG    CD2    sing N N 230 
LEU CG    HG     sing N N 231 
LEU CD1   HD11   sing N N 232 
LEU CD1   HD12   sing N N 233 
LEU CD1   HD13   sing N N 234 
LEU CD2   HD21   sing N N 235 
LEU CD2   HD22   sing N N 236 
LEU CD2   HD23   sing N N 237 
LEU OXT   HXT    sing N N 238 
LYS N     CA     sing N N 239 
LYS N     H      sing N N 240 
LYS N     H2     sing N N 241 
LYS CA    C      sing N N 242 
LYS CA    CB     sing N N 243 
LYS CA    HA     sing N N 244 
LYS C     O      doub N N 245 
LYS C     OXT    sing N N 246 
LYS CB    CG     sing N N 247 
LYS CB    HB2    sing N N 248 
LYS CB    HB3    sing N N 249 
LYS CG    CD     sing N N 250 
LYS CG    HG2    sing N N 251 
LYS CG    HG3    sing N N 252 
LYS CD    CE     sing N N 253 
LYS CD    HD2    sing N N 254 
LYS CD    HD3    sing N N 255 
LYS CE    NZ     sing N N 256 
LYS CE    HE2    sing N N 257 
LYS CE    HE3    sing N N 258 
LYS NZ    HZ1    sing N N 259 
LYS NZ    HZ2    sing N N 260 
LYS NZ    HZ3    sing N N 261 
LYS OXT   HXT    sing N N 262 
MET N     CA     sing N N 263 
MET N     H      sing N N 264 
MET N     H2     sing N N 265 
MET CA    C      sing N N 266 
MET CA    CB     sing N N 267 
MET CA    HA     sing N N 268 
MET C     O      doub N N 269 
MET C     OXT    sing N N 270 
MET CB    CG     sing N N 271 
MET CB    HB2    sing N N 272 
MET CB    HB3    sing N N 273 
MET CG    SD     sing N N 274 
MET CG    HG2    sing N N 275 
MET CG    HG3    sing N N 276 
MET SD    CE     sing N N 277 
MET CE    HE1    sing N N 278 
MET CE    HE2    sing N N 279 
MET CE    HE3    sing N N 280 
MET OXT   HXT    sing N N 281 
PHE N     CA     sing N N 282 
PHE N     H      sing N N 283 
PHE N     H2     sing N N 284 
PHE CA    C      sing N N 285 
PHE CA    CB     sing N N 286 
PHE CA    HA     sing N N 287 
PHE C     O      doub N N 288 
PHE C     OXT    sing N N 289 
PHE CB    CG     sing N N 290 
PHE CB    HB2    sing N N 291 
PHE CB    HB3    sing N N 292 
PHE CG    CD1    doub Y N 293 
PHE CG    CD2    sing Y N 294 
PHE CD1   CE1    sing Y N 295 
PHE CD1   HD1    sing N N 296 
PHE CD2   CE2    doub Y N 297 
PHE CD2   HD2    sing N N 298 
PHE CE1   CZ     doub Y N 299 
PHE CE1   HE1    sing N N 300 
PHE CE2   CZ     sing Y N 301 
PHE CE2   HE2    sing N N 302 
PHE CZ    HZ     sing N N 303 
PHE OXT   HXT    sing N N 304 
PRO N     CA     sing N N 305 
PRO N     CD     sing N N 306 
PRO N     H      sing N N 307 
PRO CA    C      sing N N 308 
PRO CA    CB     sing N N 309 
PRO CA    HA     sing N N 310 
PRO C     O      doub N N 311 
PRO C     OXT    sing N N 312 
PRO CB    CG     sing N N 313 
PRO CB    HB2    sing N N 314 
PRO CB    HB3    sing N N 315 
PRO CG    CD     sing N N 316 
PRO CG    HG2    sing N N 317 
PRO CG    HG3    sing N N 318 
PRO CD    HD2    sing N N 319 
PRO CD    HD3    sing N N 320 
PRO OXT   HXT    sing N N 321 
SER N     CA     sing N N 322 
SER N     H      sing N N 323 
SER N     H2     sing N N 324 
SER CA    C      sing N N 325 
SER CA    CB     sing N N 326 
SER CA    HA     sing N N 327 
SER C     O      doub N N 328 
SER C     OXT    sing N N 329 
SER CB    OG     sing N N 330 
SER CB    HB2    sing N N 331 
SER CB    HB3    sing N N 332 
SER OG    HG     sing N N 333 
SER OXT   HXT    sing N N 334 
THR N     CA     sing N N 335 
THR N     H      sing N N 336 
THR N     H2     sing N N 337 
THR CA    C      sing N N 338 
THR CA    CB     sing N N 339 
THR CA    HA     sing N N 340 
THR C     O      doub N N 341 
THR C     OXT    sing N N 342 
THR CB    OG1    sing N N 343 
THR CB    CG2    sing N N 344 
THR CB    HB     sing N N 345 
THR OG1   HG1    sing N N 346 
THR CG2   HG21   sing N N 347 
THR CG2   HG22   sing N N 348 
THR CG2   HG23   sing N N 349 
THR OXT   HXT    sing N N 350 
TRP N     CA     sing N N 351 
TRP N     H      sing N N 352 
TRP N     H2     sing N N 353 
TRP CA    C      sing N N 354 
TRP CA    CB     sing N N 355 
TRP CA    HA     sing N N 356 
TRP C     O      doub N N 357 
TRP C     OXT    sing N N 358 
TRP CB    CG     sing N N 359 
TRP CB    HB2    sing N N 360 
TRP CB    HB3    sing N N 361 
TRP CG    CD1    doub Y N 362 
TRP CG    CD2    sing Y N 363 
TRP CD1   NE1    sing Y N 364 
TRP CD1   HD1    sing N N 365 
TRP CD2   CE2    doub Y N 366 
TRP CD2   CE3    sing Y N 367 
TRP NE1   CE2    sing Y N 368 
TRP NE1   HE1    sing N N 369 
TRP CE2   CZ2    sing Y N 370 
TRP CE3   CZ3    doub Y N 371 
TRP CE3   HE3    sing N N 372 
TRP CZ2   CH2    doub Y N 373 
TRP CZ2   HZ2    sing N N 374 
TRP CZ3   CH2    sing Y N 375 
TRP CZ3   HZ3    sing N N 376 
TRP CH2   HH2    sing N N 377 
TRP OXT   HXT    sing N N 378 
TYR N     CA     sing N N 379 
TYR N     H      sing N N 380 
TYR N     H2     sing N N 381 
TYR CA    C      sing N N 382 
TYR CA    CB     sing N N 383 
TYR CA    HA     sing N N 384 
TYR C     O      doub N N 385 
TYR C     OXT    sing N N 386 
TYR CB    CG     sing N N 387 
TYR CB    HB2    sing N N 388 
TYR CB    HB3    sing N N 389 
TYR CG    CD1    doub Y N 390 
TYR CG    CD2    sing Y N 391 
TYR CD1   CE1    sing Y N 392 
TYR CD1   HD1    sing N N 393 
TYR CD2   CE2    doub Y N 394 
TYR CD2   HD2    sing N N 395 
TYR CE1   CZ     doub Y N 396 
TYR CE1   HE1    sing N N 397 
TYR CE2   CZ     sing Y N 398 
TYR CE2   HE2    sing N N 399 
TYR CZ    OH     sing N N 400 
TYR OH    HH     sing N N 401 
TYR OXT   HXT    sing N N 402 
VAL N     CA     sing N N 403 
VAL N     H      sing N N 404 
VAL N     H2     sing N N 405 
VAL CA    C      sing N N 406 
VAL CA    CB     sing N N 407 
VAL CA    HA     sing N N 408 
VAL C     O      doub N N 409 
VAL C     OXT    sing N N 410 
VAL CB    CG1    sing N N 411 
VAL CB    CG2    sing N N 412 
VAL CB    HB     sing N N 413 
VAL CG1   HG11   sing N N 414 
VAL CG1   HG12   sing N N 415 
VAL CG1   HG13   sing N N 416 
VAL CG2   HG21   sing N N 417 
VAL CG2   HG22   sing N N 418 
VAL CG2   HG23   sing N N 419 
VAL OXT   HXT    sing N N 420 
# 
_atom_sites.entry_id                    3CLV 
_atom_sites.fract_transf_matrix[1][1]   -0.00179163 
_atom_sites.fract_transf_matrix[1][2]   0.00896358 
_atom_sites.fract_transf_matrix[1][3]   0.01462113 
_atom_sites.fract_transf_matrix[2][1]   -0.00671421 
_atom_sites.fract_transf_matrix[2][2]   -0.00754953 
_atom_sites.fract_transf_matrix[2][3]   0.01397424 
_atom_sites.fract_transf_matrix[3][1]   0.01202073 
_atom_sites.fract_transf_matrix[3][2]   -0.00373070 
_atom_sites.fract_transf_matrix[3][3]   0.00376011 
_atom_sites.fract_transf_vector[1]      -0.436795 
_atom_sites.fract_transf_vector[2]      0.038251 
_atom_sites.fract_transf_vector[3]      -0.044334 
# 
loop_
_atom_type.symbol 
C  
CL 
N  
O  
P  
S  
# 
loop_
_atom_site.group_PDB 
_atom_site.id 
_atom_site.type_symbol 
_atom_site.label_atom_id 
_atom_site.label_alt_id 
_atom_site.label_comp_id 
_atom_site.label_asym_id 
_atom_site.label_entity_id 
_atom_site.label_seq_id 
_atom_site.pdbx_PDB_ins_code 
_atom_site.Cartn_x 
_atom_site.Cartn_y 
_atom_site.Cartn_z 
_atom_site.occupancy 
_atom_site.B_iso_or_equiv 
_atom_site.pdbx_formal_charge 
_atom_site.auth_seq_id 
_atom_site.auth_comp_id 
_atom_site.auth_asym_id 
_atom_site.auth_atom_id 
_atom_site.pdbx_PDB_model_num 
ATOM   1    N  N     . GLY A 1 1   ? 9.671   4.613   18.280  1.00 36.48 ? 1   GLY A N     1 
ATOM   2    C  CA    . GLY A 1 1   ? 9.497   5.554   17.131  1.00 36.13 ? 1   GLY A CA    1 
ATOM   3    C  C     . GLY A 1 1   ? 8.494   6.656   17.439  1.00 35.66 ? 1   GLY A C     1 
ATOM   4    O  O     . GLY A 1 1   ? 7.682   6.516   18.355  1.00 36.17 ? 1   GLY A O     1 
ATOM   5    N  N     . MET A 1 2   ? 8.496   7.715   16.624  1.00 34.95 ? 2   MET A N     1 
ATOM   6    C  CA    . MET A 1 2   ? 9.140   7.641   15.318  1.00 33.56 ? 2   MET A CA    1 
ATOM   7    C  C     . MET A 1 2   ? 10.271  8.625   15.015  1.00 33.35 ? 2   MET A C     1 
ATOM   8    O  O     . MET A 1 2   ? 10.091  9.843   15.012  1.00 32.55 ? 2   MET A O     1 
ATOM   9    C  CB    . MET A 1 2   ? 8.084   7.670   14.201  1.00 33.71 ? 2   MET A CB    1 
ATOM   10   C  CG    . MET A 1 2   ? 8.584   7.135   12.873  1.00 33.82 ? 2   MET A CG    1 
ATOM   11   S  SD    . MET A 1 2   ? 7.259   6.928   11.667  1.00 31.41 ? 2   MET A SD    1 
ATOM   12   C  CE    . MET A 1 2   ? 6.348   5.541   12.338  1.00 30.10 ? 2   MET A CE    1 
ATOM   13   N  N     . GLU A 1 3   ? 11.430  8.036   14.732  1.00 33.34 ? 3   GLU A N     1 
ATOM   14   C  CA    . GLU A 1 3   ? 12.583  8.685   14.114  1.00 33.32 ? 3   GLU A CA    1 
ATOM   15   C  C     . GLU A 1 3   ? 12.218  9.253   12.723  1.00 32.40 ? 3   GLU A C     1 
ATOM   16   O  O     . GLU A 1 3   ? 11.587  8.568   11.923  1.00 32.47 ? 3   GLU A O     1 
ATOM   17   C  CB    . GLU A 1 3   ? 13.695  7.628   13.988  1.00 33.39 ? 3   GLU A CB    1 
ATOM   18   C  CG    . GLU A 1 3   ? 14.908  8.004   13.127  1.00 35.04 ? 3   GLU A CG    1 
ATOM   19   C  CD    . GLU A 1 3   ? 15.633  6.781   12.519  1.00 35.43 ? 3   GLU A CD    1 
ATOM   20   O  OE1   . GLU A 1 3   ? 15.020  5.685   12.374  1.00 37.47 ? 3   GLU A OE1   1 
ATOM   21   O  OE2   . GLU A 1 3   ? 16.825  6.926   12.163  1.00 36.83 ? 3   GLU A OE2   1 
ATOM   22   N  N     . LYS A 1 4   ? 12.604  10.500  12.452  1.00 31.41 ? 4   LYS A N     1 
ATOM   23   C  CA    . LYS A 1 4   ? 12.439  11.104  11.124  1.00 30.70 ? 4   LYS A CA    1 
ATOM   24   C  C     . LYS A 1 4   ? 13.499  10.536  10.161  1.00 29.82 ? 4   LYS A C     1 
ATOM   25   O  O     . LYS A 1 4   ? 14.668  10.416  10.531  1.00 29.61 ? 4   LYS A O     1 
ATOM   26   C  CB    . LYS A 1 4   ? 12.536  12.637  11.232  1.00 31.17 ? 4   LYS A CB    1 
ATOM   27   C  CG    . LYS A 1 4   ? 12.680  13.387  9.905   1.00 31.57 ? 4   LYS A CG    1 
ATOM   28   C  CD    . LYS A 1 4   ? 13.515  14.658  10.063  1.00 34.30 ? 4   LYS A CD    1 
ATOM   29   N  N     . LYS A 1 5   ? 13.090  10.159  8.945   1.00 28.43 ? 5   LYS A N     1 
ATOM   30   C  CA    . LYS A 1 5   ? 13.999  9.534   7.966   1.00 27.46 ? 5   LYS A CA    1 
ATOM   31   C  C     . LYS A 1 5   ? 13.997  10.259  6.619   1.00 26.44 ? 5   LYS A C     1 
ATOM   32   O  O     . LYS A 1 5   ? 13.000  10.884  6.246   1.00 26.19 ? 5   LYS A O     1 
ATOM   33   C  CB    . LYS A 1 5   ? 13.628  8.069   7.719   1.00 27.30 ? 5   LYS A CB    1 
ATOM   34   C  CG    . LYS A 1 5   ? 13.291  7.246   8.965   1.00 28.89 ? 5   LYS A CG    1 
ATOM   35   C  CD    . LYS A 1 5   ? 12.948  5.801   8.598   1.00 29.01 ? 5   LYS A CD    1 
ATOM   36   C  CE    . LYS A 1 5   ? 14.176  5.056   8.128   1.00 31.93 ? 5   LYS A CE    1 
ATOM   37   N  NZ    . LYS A 1 5   ? 13.848  3.867   7.307   1.00 34.81 ? 5   LYS A NZ    1 
ATOM   38   N  N     . SER A 1 6   ? 15.100  10.144  5.878   1.00 25.31 ? 6   SER A N     1 
ATOM   39   C  CA    . SER A 1 6   ? 15.179  10.725  4.529   1.00 25.05 ? 6   SER A CA    1 
ATOM   40   C  C     . SER A 1 6   ? 14.243  10.027  3.537   1.00 23.54 ? 6   SER A C     1 
ATOM   41   O  O     . SER A 1 6   ? 13.814  10.633  2.561   1.00 23.28 ? 6   SER A O     1 
ATOM   42   C  CB    . SER A 1 6   ? 16.618  10.707  4.003   1.00 25.24 ? 6   SER A CB    1 
ATOM   43   O  OG    . SER A 1 6   ? 17.127  9.385   4.045   1.00 29.09 ? 6   SER A OG    1 
ATOM   44   N  N     . SER A 1 7   ? 13.966  8.744   3.770   1.00 22.30 ? 7   SER A N     1 
ATOM   45   C  CA    . SER A 1 7   ? 12.828  8.067   3.126   1.00 20.84 ? 7   SER A CA    1 
ATOM   46   C  C     . SER A 1 7   ? 12.283  6.919   3.976   1.00 20.12 ? 7   SER A C     1 
ATOM   47   O  O     . SER A 1 7   ? 12.961  6.397   4.878   1.00 19.47 ? 7   SER A O     1 
ATOM   48   C  CB    . SER A 1 7   ? 13.146  7.599   1.697   1.00 21.08 ? 7   SER A CB    1 
ATOM   49   O  OG    . SER A 1 7   ? 13.956  6.454   1.693   1.00 20.71 ? 7   SER A OG    1 
ATOM   50   N  N     . TYR A 1 8   ? 11.053  6.533   3.669   1.00 18.66 ? 8   TYR A N     1 
ATOM   51   C  CA    . TYR A 1 8   ? 10.331  5.553   4.449   1.00 17.35 ? 8   TYR A CA    1 
ATOM   52   C  C     . TYR A 1 8   ? 10.055  4.329   3.592   1.00 16.39 ? 8   TYR A C     1 
ATOM   53   O  O     . TYR A 1 8   ? 9.231   4.378   2.659   1.00 15.96 ? 8   TYR A O     1 
ATOM   54   C  CB    . TYR A 1 8   ? 9.047   6.173   5.005   1.00 17.49 ? 8   TYR A CB    1 
ATOM   55   C  CG    . TYR A 1 8   ? 9.330   7.371   5.894   1.00 18.42 ? 8   TYR A CG    1 
ATOM   56   C  CD1   . TYR A 1 8   ? 9.589   7.201   7.242   1.00 17.95 ? 8   TYR A CD1   1 
ATOM   57   C  CD2   . TYR A 1 8   ? 9.355   8.672   5.375   1.00 16.89 ? 8   TYR A CD2   1 
ATOM   58   C  CE1   . TYR A 1 8   ? 9.867   8.275   8.067   1.00 20.85 ? 8   TYR A CE1   1 
ATOM   59   C  CE2   . TYR A 1 8   ? 9.646   9.769   6.199   1.00 18.47 ? 8   TYR A CE2   1 
ATOM   60   C  CZ    . TYR A 1 8   ? 9.893   9.551   7.546   1.00 19.12 ? 8   TYR A CZ    1 
ATOM   61   O  OH    . TYR A 1 8   ? 10.181  10.595  8.398   1.00 20.15 ? 8   TYR A OH    1 
ATOM   62   N  N     . LYS A 1 9   ? 10.764  3.239   3.902   1.00 14.55 ? 9   LYS A N     1 
ATOM   63   C  CA    . LYS A 1 9   ? 10.519  1.965   3.217   1.00 13.21 ? 9   LYS A CA    1 
ATOM   64   C  C     . LYS A 1 9   ? 9.057   1.565   3.353   1.00 13.05 ? 9   LYS A C     1 
ATOM   65   O  O     . LYS A 1 9   ? 8.494   1.577   4.457   1.00 13.18 ? 9   LYS A O     1 
ATOM   66   C  CB    . LYS A 1 9   ? 11.441  0.849   3.721   1.00 13.31 ? 9   LYS A CB    1 
ATOM   67   C  CG    . LYS A 1 9   ? 11.225  -0.511  3.026   1.00 11.50 ? 9   LYS A CG    1 
ATOM   68   C  CD    . LYS A 1 9   ? 12.248  -1.536  3.542   1.00 12.75 ? 9   LYS A CD    1 
ATOM   69   C  CE    . LYS A 1 9   ? 12.095  -2.881  2.843   1.00 14.02 ? 9   LYS A CE    1 
ATOM   70   N  NZ    . LYS A 1 9   ? 13.111  -3.864  3.380   1.00 13.11 ? 9   LYS A NZ    1 
ATOM   71   N  N     . THR A 1 10  ? 8.441   1.235   2.215   1.00 12.69 ? 10  THR A N     1 
ATOM   72   C  CA    . THR A 1 10  ? 7.022   0.914   2.161   1.00 13.29 ? 10  THR A CA    1 
ATOM   73   C  C     . THR A 1 10  ? 6.846   -0.345  1.338   1.00 13.17 ? 10  THR A C     1 
ATOM   74   O  O     . THR A 1 10  ? 7.163   -0.363  0.137   1.00 13.55 ? 10  THR A O     1 
ATOM   75   C  CB    . THR A 1 10  ? 6.237   2.097   1.562   1.00 13.07 ? 10  THR A CB    1 
ATOM   76   O  OG1   . THR A 1 10  ? 6.418   3.238   2.399   1.00 15.61 ? 10  THR A OG1   1 
ATOM   77   C  CG2   . THR A 1 10  ? 4.760   1.777   1.417   1.00 11.86 ? 10  THR A CG2   1 
ATOM   78   N  N     . VAL A 1 11  ? 6.379   -1.414  1.990   1.00 14.02 ? 11  VAL A N     1 
ATOM   79   C  CA    . VAL A 1 11  ? 6.106   -2.660  1.283   1.00 14.35 ? 11  VAL A CA    1 
ATOM   80   C  C     . VAL A 1 11  ? 4.715   -2.604  0.648   1.00 14.82 ? 11  VAL A C     1 
ATOM   81   O  O     . VAL A 1 11  ? 3.702   -2.313  1.311   1.00 14.88 ? 11  VAL A O     1 
ATOM   82   C  CB    . VAL A 1 11  ? 6.310   -3.951  2.136   1.00 14.96 ? 11  VAL A CB    1 
ATOM   83   C  CG1   . VAL A 1 11  ? 5.450   -3.954  3.422   1.00 13.98 ? 11  VAL A CG1   1 
ATOM   84   C  CG2   . VAL A 1 11  ? 6.012   -5.223  1.306   1.00 14.62 ? 11  VAL A CG2   1 
ATOM   85   N  N     . LEU A 1 12  ? 4.686   -2.866  -0.652  1.00 14.91 ? 12  LEU A N     1 
ATOM   86   C  CA    . LEU A 1 12  ? 3.432   -2.954  -1.370  1.00 15.29 ? 12  LEU A CA    1 
ATOM   87   C  C     . LEU A 1 12  ? 3.159   -4.425  -1.637  1.00 16.00 ? 12  LEU A C     1 
ATOM   88   O  O     . LEU A 1 12  ? 3.868   -5.080  -2.408  1.00 15.39 ? 12  LEU A O     1 
ATOM   89   C  CB    . LEU A 1 12  ? 3.496   -2.116  -2.660  1.00 15.34 ? 12  LEU A CB    1 
ATOM   90   C  CG    . LEU A 1 12  ? 2.325   -2.202  -3.640  1.00 15.39 ? 12  LEU A CG    1 
ATOM   91   C  CD1   . LEU A 1 12  ? 1.004   -1.822  -3.008  1.00 13.66 ? 12  LEU A CD1   1 
ATOM   92   C  CD2   . LEU A 1 12  ? 2.627   -1.280  -4.822  1.00 15.33 ? 12  LEU A CD2   1 
ATOM   93   N  N     . LEU A 1 13  ? 2.133   -4.940  -0.963  1.00 16.57 ? 13  LEU A N     1 
ATOM   94   C  CA    . LEU A 1 13  ? 1.898   -6.357  -0.822  1.00 17.15 ? 13  LEU A CA    1 
ATOM   95   C  C     . LEU A 1 13  ? 0.467   -6.699  -1.225  1.00 16.54 ? 13  LEU A C     1 
ATOM   96   O  O     . LEU A 1 13  ? -0.448  -5.923  -0.981  1.00 15.31 ? 13  LEU A O     1 
ATOM   97   C  CB    . LEU A 1 13  ? 2.135   -6.745  0.649   1.00 17.88 ? 13  LEU A CB    1 
ATOM   98   C  CG    . LEU A 1 13  ? 1.784   -8.126  1.175   1.00 19.49 ? 13  LEU A CG    1 
ATOM   99   C  CD1   . LEU A 1 13  ? 2.762   -9.174  0.640   1.00 24.23 ? 13  LEU A CD1   1 
ATOM   100  C  CD2   . LEU A 1 13  ? 1.839   -8.103  2.702   1.00 20.12 ? 13  LEU A CD2   1 
ATOM   101  N  N     . GLY A 1 14  ? 0.277   -7.876  -1.816  1.00 16.01 ? 14  GLY A N     1 
ATOM   102  C  CA    . GLY A 1 14  ? -1.062  -8.363  -2.183  1.00 17.15 ? 14  GLY A CA    1 
ATOM   103  C  C     . GLY A 1 14  ? -0.918  -9.512  -3.156  1.00 17.23 ? 14  GLY A C     1 
ATOM   104  O  O     . GLY A 1 14  ? 0.158   -9.700  -3.738  1.00 16.85 ? 14  GLY A O     1 
ATOM   105  N  N     . GLU A 1 15  ? -1.990  -10.281 -3.334  1.00 17.95 ? 15  GLU A N     1 
ATOM   106  C  CA    . GLU A 1 15  ? -1.984  -11.425 -4.258  1.00 19.09 ? 15  GLU A CA    1 
ATOM   107  C  C     . GLU A 1 15  ? -1.748  -10.932 -5.705  1.00 18.65 ? 15  GLU A C     1 
ATOM   108  O  O     . GLU A 1 15  ? -2.130  -9.814  -6.041  1.00 17.84 ? 15  GLU A O     1 
ATOM   109  C  CB    . GLU A 1 15  ? -3.319  -12.172 -4.141  1.00 19.55 ? 15  GLU A CB    1 
ATOM   110  C  CG    . GLU A 1 15  ? -3.443  -13.409 -5.045  1.00 22.68 ? 15  GLU A CG    1 
ATOM   111  C  CD    . GLU A 1 15  ? -4.674  -14.253 -4.764  1.00 22.65 ? 15  GLU A CD    1 
ATOM   112  O  OE1   . GLU A 1 15  ? -5.207  -14.225 -3.624  1.00 24.51 ? 15  GLU A OE1   1 
ATOM   113  O  OE2   . GLU A 1 15  ? -5.107  -14.962 -5.707  1.00 29.04 ? 15  GLU A OE2   1 
ATOM   114  N  N     . SER A 1 16  ? -1.116  -11.734 -6.565  1.00 18.46 ? 16  SER A N     1 
ATOM   115  C  CA    . SER A 1 16  ? -1.042  -11.350 -7.975  1.00 18.69 ? 16  SER A CA    1 
ATOM   116  C  C     . SER A 1 16  ? -2.426  -11.057 -8.561  1.00 17.82 ? 16  SER A C     1 
ATOM   117  O  O     . SER A 1 16  ? -3.432  -11.702 -8.206  1.00 16.90 ? 16  SER A O     1 
ATOM   118  C  CB    . SER A 1 16  ? -0.272  -12.359 -8.847  1.00 19.35 ? 16  SER A CB    1 
ATOM   119  O  OG    . SER A 1 16  ? -0.895  -13.625 -8.831  1.00 23.65 ? 16  SER A OG    1 
ATOM   120  N  N     . SER A 1 17  ? -2.446  -10.037 -9.418  1.00 17.64 ? 17  SER A N     1 
ATOM   121  C  CA    . SER A 1 17  ? -3.621  -9.552  -10.152 1.00 17.98 ? 17  SER A CA    1 
ATOM   122  C  C     . SER A 1 17  ? -4.469  -8.503  -9.440  1.00 17.53 ? 17  SER A C     1 
ATOM   123  O  O     . SER A 1 17  ? -5.384  -7.960  -10.055 1.00 16.93 ? 17  SER A O     1 
ATOM   124  C  CB    . SER A 1 17  ? -4.524  -10.703 -10.655 1.00 18.93 ? 17  SER A CB    1 
ATOM   125  O  OG    . SER A 1 17  ? -5.488  -11.021 -9.664  1.00 20.99 ? 17  SER A OG    1 
ATOM   126  N  N     . VAL A 1 18  ? -4.166  -8.214  -8.170  1.00 16.71 ? 18  VAL A N     1 
ATOM   127  C  CA    . VAL A 1 18  ? -4.948  -7.204  -7.396  1.00 16.14 ? 18  VAL A CA    1 
ATOM   128  C  C     . VAL A 1 18  ? -4.716  -5.774  -7.856  1.00 15.57 ? 18  VAL A C     1 
ATOM   129  O  O     . VAL A 1 18  ? -5.558  -4.905  -7.637  1.00 16.37 ? 18  VAL A O     1 
ATOM   130  C  CB    . VAL A 1 18  ? -4.783  -7.338  -5.848  1.00 15.57 ? 18  VAL A CB    1 
ATOM   131  C  CG1   . VAL A 1 18  ? -5.170  -8.731  -5.391  1.00 16.22 ? 18  VAL A CG1   1 
ATOM   132  C  CG2   . VAL A 1 18  ? -3.366  -6.958  -5.369  1.00 16.72 ? 18  VAL A CG2   1 
ATOM   133  N  N     . GLY A 1 19  ? -3.591  -5.521  -8.521  1.00 14.82 ? 19  GLY A N     1 
ATOM   134  C  CA    . GLY A 1 19  ? -3.363  -4.209  -9.111  1.00 13.33 ? 19  GLY A CA    1 
ATOM   135  C  C     . GLY A 1 19  ? -2.195  -3.407  -8.548  1.00 13.66 ? 19  GLY A C     1 
ATOM   136  O  O     . GLY A 1 19  ? -2.138  -2.193  -8.734  1.00 13.67 ? 19  GLY A O     1 
ATOM   137  N  N     . LYS A 1 20  ? -1.253  -4.074  -7.885  1.00 13.03 ? 20  LYS A N     1 
ATOM   138  C  CA    . LYS A 1 20  ? -0.059  -3.405  -7.340  1.00 13.15 ? 20  LYS A CA    1 
ATOM   139  C  C     . LYS A 1 20  ? 0.749   -2.659  -8.415  1.00 12.94 ? 20  LYS A C     1 
ATOM   140  O  O     . LYS A 1 20  ? 1.088   -1.499  -8.227  1.00 12.64 ? 20  LYS A O     1 
ATOM   141  C  CB    . LYS A 1 20  ? 0.842   -4.425  -6.627  1.00 13.53 ? 20  LYS A CB    1 
ATOM   142  C  CG    . LYS A 1 20  ? 0.198   -5.119  -5.407  1.00 13.56 ? 20  LYS A CG    1 
ATOM   143  C  CD    . LYS A 1 20  ? 1.188   -6.089  -4.708  1.00 12.74 ? 20  LYS A CD    1 
ATOM   144  C  CE    . LYS A 1 20  ? 1.679   -7.280  -5.580  1.00 11.34 ? 20  LYS A CE    1 
ATOM   145  N  NZ    . LYS A 1 20  ? 0.577   -8.156  -6.200  1.00 11.58 ? 20  LYS A NZ    1 
ATOM   146  N  N     . SER A 1 21  ? 1.052   -3.299  -9.547  1.00 13.65 ? 21  SER A N     1 
ATOM   147  C  CA    . SER A 1 21  ? 1.894   -2.615  -10.542 1.00 13.86 ? 21  SER A CA    1 
ATOM   148  C  C     . SER A 1 21  ? 1.114   -1.428  -11.100 1.00 13.77 ? 21  SER A C     1 
ATOM   149  O  O     . SER A 1 21  ? 1.697   -0.404  -11.425 1.00 13.87 ? 21  SER A O     1 
ATOM   150  C  CB    . SER A 1 21  ? 2.382   -3.551  -11.670 1.00 13.68 ? 21  SER A CB    1 
ATOM   151  O  OG    . SER A 1 21  ? 1.360   -3.845  -12.619 1.00 15.82 ? 21  SER A OG    1 
ATOM   152  N  N     . SER A 1 22  ? -0.210  -1.582  -11.178 1.00 13.81 ? 22  SER A N     1 
ATOM   153  C  CA    . SER A 1 22  ? -1.106  -0.537  -11.672 1.00 14.24 ? 22  SER A CA    1 
ATOM   154  C  C     . SER A 1 22  ? -1.194  0.659   -10.723 1.00 14.74 ? 22  SER A C     1 
ATOM   155  O  O     . SER A 1 22  ? -1.190  1.814   -11.163 1.00 14.15 ? 22  SER A O     1 
ATOM   156  C  CB    . SER A 1 22  ? -2.482  -1.106  -11.982 1.00 14.02 ? 22  SER A CB    1 
ATOM   157  O  OG    . SER A 1 22  ? -2.387  -2.131  -12.967 1.00 14.39 ? 22  SER A OG    1 
ATOM   158  N  N     . ILE A 1 23  ? -1.253  0.389   -9.415  1.00 15.07 ? 23  ILE A N     1 
ATOM   159  C  CA    . ILE A 1 23  ? -1.174  1.475   -8.435  1.00 14.72 ? 23  ILE A CA    1 
ATOM   160  C  C     . ILE A 1 23  ? 0.122   2.274   -8.625  1.00 14.94 ? 23  ILE A C     1 
ATOM   161  O  O     . ILE A 1 23  ? 0.099   3.506   -8.630  1.00 14.45 ? 23  ILE A O     1 
ATOM   162  C  CB    . ILE A 1 23  ? -1.310  0.940   -6.979  1.00 15.20 ? 23  ILE A CB    1 
ATOM   163  C  CG1   . ILE A 1 23  ? -2.717  0.398   -6.746  1.00 15.04 ? 23  ILE A CG1   1 
ATOM   164  C  CG2   . ILE A 1 23  ? -0.960  2.038   -5.928  1.00 15.39 ? 23  ILE A CG2   1 
ATOM   165  C  CD1   . ILE A 1 23  ? -2.846  -0.463  -5.465  1.00 14.35 ? 23  ILE A CD1   1 
ATOM   166  N  N     . VAL A 1 24  ? 1.253   1.580   -8.775  1.00 14.49 ? 24  VAL A N     1 
ATOM   167  C  CA    . VAL A 1 24  ? 2.537   2.242   -9.003  1.00 15.55 ? 24  VAL A CA    1 
ATOM   168  C  C     . VAL A 1 24  ? 2.553   3.036   -10.332 1.00 15.93 ? 24  VAL A C     1 
ATOM   169  O  O     . VAL A 1 24  ? 3.055   4.150   -10.382 1.00 16.31 ? 24  VAL A O     1 
ATOM   170  C  CB    . VAL A 1 24  ? 3.727   1.239   -8.940  1.00 14.74 ? 24  VAL A CB    1 
ATOM   171  C  CG1   . VAL A 1 24  ? 5.041   1.839   -9.539  1.00 15.75 ? 24  VAL A CG1   1 
ATOM   172  C  CG2   . VAL A 1 24  ? 3.938   0.747   -7.512  1.00 15.44 ? 24  VAL A CG2   1 
ATOM   173  N  N     . LEU A 1 25  ? 2.014   2.455   -11.401 1.00 16.43 ? 25  LEU A N     1 
ATOM   174  C  CA    . LEU A 1 25  ? 2.044   3.150   -12.687 1.00 16.35 ? 25  LEU A CA    1 
ATOM   175  C  C     . LEU A 1 25  ? 1.197   4.433   -12.689 1.00 16.81 ? 25  LEU A C     1 
ATOM   176  O  O     . LEU A 1 25  ? 1.608   5.474   -13.232 1.00 16.86 ? 25  LEU A O     1 
ATOM   177  C  CB    . LEU A 1 25  ? 1.607   2.215   -13.812 1.00 16.49 ? 25  LEU A CB    1 
ATOM   178  C  CG    . LEU A 1 25  ? 1.833   2.790   -15.215 1.00 15.66 ? 25  LEU A CG    1 
ATOM   179  C  CD1   . LEU A 1 25  ? 3.342   2.922   -15.494 1.00 17.75 ? 25  LEU A CD1   1 
ATOM   180  C  CD2   . LEU A 1 25  ? 1.157   1.905   -16.227 1.00 17.18 ? 25  LEU A CD2   1 
ATOM   181  N  N     . ARG A 1 26  ? 0.014   4.338   -12.088 1.00 17.88 ? 26  ARG A N     1 
ATOM   182  C  CA    . ARG A 1 26  ? -0.926  5.449   -11.969 1.00 18.50 ? 26  ARG A CA    1 
ATOM   183  C  C     . ARG A 1 26  ? -0.304  6.502   -11.063 1.00 18.93 ? 26  ARG A C     1 
ATOM   184  O  O     . ARG A 1 26  ? -0.285  7.681   -11.401 1.00 19.09 ? 26  ARG A O     1 
ATOM   185  C  CB    . ARG A 1 26  ? -2.248  4.937   -11.388 1.00 18.65 ? 26  ARG A CB    1 
ATOM   186  C  CG    . ARG A 1 26  ? -3.344  5.962   -11.221 1.00 21.12 ? 26  ARG A CG    1 
ATOM   187  C  CD    . ARG A 1 26  ? -4.258  5.889   -12.431 1.00 26.98 ? 26  ARG A CD    1 
ATOM   188  N  NE    . ARG A 1 26  ? -3.955  6.941   -13.357 1.00 29.05 ? 26  ARG A NE    1 
ATOM   189  C  CZ    . ARG A 1 26  ? -4.596  7.155   -14.497 1.00 29.03 ? 26  ARG A CZ    1 
ATOM   190  N  NH1   . ARG A 1 26  ? -5.586  6.356   -14.901 1.00 30.39 ? 26  ARG A NH1   1 
ATOM   191  N  NH2   . ARG A 1 26  ? -4.226  8.178   -15.230 1.00 28.79 ? 26  ARG A NH2   1 
ATOM   192  N  N     . LEU A 1 27  ? 0.252   6.057   -9.936  1.00 19.02 ? 27  LEU A N     1 
ATOM   193  C  CA    . LEU A 1 27  ? 0.894   6.969   -8.993  1.00 19.33 ? 27  LEU A CA    1 
ATOM   194  C  C     . LEU A 1 27  ? 2.058   7.736   -9.614  1.00 19.35 ? 27  LEU A C     1 
ATOM   195  O  O     . LEU A 1 27  ? 2.122   8.968   -9.502  1.00 20.18 ? 27  LEU A O     1 
ATOM   196  C  CB    . LEU A 1 27  ? 1.346   6.229   -7.727  1.00 18.10 ? 27  LEU A CB    1 
ATOM   197  C  CG    . LEU A 1 27  ? 2.024   7.106   -6.680  1.00 17.78 ? 27  LEU A CG    1 
ATOM   198  C  CD1   . LEU A 1 27  ? 0.961   7.910   -5.938  1.00 16.28 ? 27  LEU A CD1   1 
ATOM   199  C  CD2   . LEU A 1 27  ? 2.861   6.243   -5.730  1.00 18.25 ? 27  LEU A CD2   1 
ATOM   200  N  N     . THR A 1 28  ? 2.953   7.024   -10.293 1.00 20.01 ? 28  THR A N     1 
ATOM   201  C  CA    . THR A 1 28  ? 4.215   7.614   -10.718 1.00 20.04 ? 28  THR A CA    1 
ATOM   202  C  C     . THR A 1 28  ? 4.222   8.179   -12.137 1.00 20.81 ? 28  THR A C     1 
ATOM   203  O  O     . THR A 1 28  ? 5.023   9.073   -12.453 1.00 19.49 ? 28  THR A O     1 
ATOM   204  C  CB    . THR A 1 28  ? 5.380   6.635   -10.514 1.00 20.08 ? 28  THR A CB    1 
ATOM   205  O  OG1   . THR A 1 28  ? 5.177   5.468   -11.328 1.00 20.31 ? 28  THR A OG1   1 
ATOM   206  C  CG2   . THR A 1 28  ? 5.446   6.226   -9.030  1.00 21.47 ? 28  THR A CG2   1 
ATOM   207  N  N     . LYS A 1 29  ? 3.327   7.682   -12.986 1.00 21.23 ? 29  LYS A N     1 
ATOM   208  C  CA    . LYS A 1 29  ? 3.347   8.052   -14.392 1.00 22.95 ? 29  LYS A CA    1 
ATOM   209  C  C     . LYS A 1 29  ? 1.956   8.440   -14.924 1.00 23.22 ? 29  LYS A C     1 
ATOM   210  O  O     . LYS A 1 29  ? 1.789   8.700   -16.123 1.00 24.34 ? 29  LYS A O     1 
ATOM   211  C  CB    . LYS A 1 29  ? 3.992   6.923   -15.205 1.00 22.94 ? 29  LYS A CB    1 
ATOM   212  C  CG    . LYS A 1 29  ? 5.478   6.737   -14.888 1.00 24.15 ? 29  LYS A CG    1 
ATOM   213  C  CD    . LYS A 1 29  ? 6.082   5.500   -15.538 1.00 24.75 ? 29  LYS A CD    1 
ATOM   214  C  CE    . LYS A 1 29  ? 7.601   5.436   -15.310 1.00 27.33 ? 29  LYS A CE    1 
ATOM   215  N  NZ    . LYS A 1 29  ? 8.234   4.249   -15.970 1.00 29.47 ? 29  LYS A NZ    1 
ATOM   216  N  N     . ASP A 1 30  ? 0.973   8.496   -14.022 1.00 22.77 ? 30  ASP A N     1 
ATOM   217  C  CA    . ASP A 1 30  ? -0.398  8.889   -14.346 1.00 22.64 ? 30  ASP A CA    1 
ATOM   218  C  C     . ASP A 1 30  ? -0.940  8.140   -15.571 1.00 22.03 ? 30  ASP A C     1 
ATOM   219  O  O     . ASP A 1 30  ? -1.530  8.745   -16.480 1.00 20.25 ? 30  ASP A O     1 
ATOM   220  C  CB    . ASP A 1 30  ? -0.485  10.410  -14.507 1.00 23.45 ? 30  ASP A CB    1 
ATOM   221  C  CG    . ASP A 1 30  ? -1.900  10.927  -14.444 1.00 25.36 ? 30  ASP A CG    1 
ATOM   222  O  OD1   . ASP A 1 30  ? -2.762  10.290  -13.804 1.00 27.50 ? 30  ASP A OD1   1 
ATOM   223  O  OD2   . ASP A 1 30  ? -2.145  11.985  -15.058 1.00 30.64 ? 30  ASP A OD2   1 
ATOM   224  N  N     . THR A 1 31  ? -0.720  6.823   -15.575 1.00 20.82 ? 31  THR A N     1 
ATOM   225  C  CA    . THR A 1 31  ? -1.002  5.957   -16.711 1.00 21.80 ? 31  THR A CA    1 
ATOM   226  C  C     . THR A 1 31  ? -1.603  4.651   -16.220 1.00 21.00 ? 31  THR A C     1 
ATOM   227  O  O     . THR A 1 31  ? -1.246  4.168   -15.144 1.00 21.26 ? 31  THR A O     1 
ATOM   228  C  CB    . THR A 1 31  ? 0.307   5.625   -17.502 1.00 22.48 ? 31  THR A CB    1 
ATOM   229  O  OG1   . THR A 1 31  ? 0.737   6.788   -18.194 1.00 24.59 ? 31  THR A OG1   1 
ATOM   230  C  CG2   . THR A 1 31  ? 0.075   4.531   -18.539 1.00 23.90 ? 31  THR A CG2   1 
ATOM   231  N  N     . PHE A 1 32  ? -2.513  4.083   -17.012 1.00 19.99 ? 32  PHE A N     1 
ATOM   232  C  CA    . PHE A 1 32  ? -3.071  2.764   -16.734 1.00 19.64 ? 32  PHE A CA    1 
ATOM   233  C  C     . PHE A 1 32  ? -2.992  1.845   -17.955 1.00 19.99 ? 32  PHE A C     1 
ATOM   234  O  O     . PHE A 1 32  ? -3.324  2.264   -19.075 1.00 19.47 ? 32  PHE A O     1 
ATOM   235  C  CB    . PHE A 1 32  ? -4.516  2.901   -16.228 1.00 19.76 ? 32  PHE A CB    1 
ATOM   236  C  CG    . PHE A 1 32  ? -5.237  1.583   -16.043 1.00 19.75 ? 32  PHE A CG    1 
ATOM   237  C  CD1   . PHE A 1 32  ? -5.052  0.815   -14.887 1.00 19.13 ? 32  PHE A CD1   1 
ATOM   238  C  CD2   . PHE A 1 32  ? -6.118  1.125   -17.013 1.00 19.13 ? 32  PHE A CD2   1 
ATOM   239  C  CE1   . PHE A 1 32  ? -5.719  -0.411  -14.733 1.00 17.55 ? 32  PHE A CE1   1 
ATOM   240  C  CE2   . PHE A 1 32  ? -6.811  -0.077  -16.850 1.00 16.72 ? 32  PHE A CE2   1 
ATOM   241  C  CZ    . PHE A 1 32  ? -6.606  -0.843  -15.703 1.00 19.58 ? 32  PHE A CZ    1 
ATOM   242  N  N     . HIS A 1 33  ? -2.581  0.590   -17.724 1.00 19.48 ? 33  HIS A N     1 
ATOM   243  C  CA    . HIS A 1 33  ? -2.584  -0.450  -18.762 1.00 19.09 ? 33  HIS A CA    1 
ATOM   244  C  C     . HIS A 1 33  ? -3.585  -1.551  -18.432 1.00 19.44 ? 33  HIS A C     1 
ATOM   245  O  O     . HIS A 1 33  ? -3.487  -2.167  -17.367 1.00 18.82 ? 33  HIS A O     1 
ATOM   246  C  CB    . HIS A 1 33  ? -1.180  -1.071  -18.932 1.00 18.81 ? 33  HIS A CB    1 
ATOM   247  C  CG    . HIS A 1 33  ? -0.113  -0.087  -19.307 1.00 16.55 ? 33  HIS A CG    1 
ATOM   248  N  ND1   . HIS A 1 33  ? 1.223   -0.320  -19.067 1.00 16.25 ? 33  HIS A ND1   1 
ATOM   249  C  CD2   . HIS A 1 33  ? -0.180  1.130   -19.904 1.00 16.56 ? 33  HIS A CD2   1 
ATOM   250  C  CE1   . HIS A 1 33  ? 1.933   0.705   -19.502 1.00 16.72 ? 33  HIS A CE1   1 
ATOM   251  N  NE2   . HIS A 1 33  ? 1.104   1.597   -20.018 1.00 18.14 ? 33  HIS A NE2   1 
ATOM   252  N  N     . GLU A 1 34  ? -4.527  -1.797  -19.360 1.00 19.35 ? 34  GLU A N     1 
ATOM   253  C  CA    A GLU A 1 34  ? -5.569  -2.816  -19.170 0.50 19.86 ? 34  GLU A CA    1 
ATOM   254  C  CA    B GLU A 1 34  ? -5.572  -2.817  -19.200 0.50 19.99 ? 34  GLU A CA    1 
ATOM   255  C  C     . GLU A 1 34  ? -4.984  -4.230  -19.141 1.00 19.89 ? 34  GLU A C     1 
ATOM   256  O  O     . GLU A 1 34  ? -5.579  -5.147  -18.566 1.00 19.79 ? 34  GLU A O     1 
ATOM   257  C  CB    A GLU A 1 34  ? -6.657  -2.714  -20.255 0.50 20.27 ? 34  GLU A CB    1 
ATOM   258  C  CB    B GLU A 1 34  ? -6.617  -2.713  -20.333 0.50 20.08 ? 34  GLU A CB    1 
ATOM   259  C  CG    A GLU A 1 34  ? -7.462  -1.419  -20.244 0.50 21.60 ? 34  GLU A CG    1 
ATOM   260  C  CG    B GLU A 1 34  ? -6.144  -3.276  -21.684 0.50 20.57 ? 34  GLU A CG    1 
ATOM   261  C  CD    A GLU A 1 34  ? -8.707  -1.459  -19.350 0.50 24.24 ? 34  GLU A CD    1 
ATOM   262  C  CD    B GLU A 1 34  ? -7.115  -3.041  -22.839 0.50 21.37 ? 34  GLU A CD    1 
ATOM   263  O  OE1   A GLU A 1 34  ? -9.519  -0.515  -19.435 0.50 26.44 ? 34  GLU A OE1   1 
ATOM   264  O  OE1   B GLU A 1 34  ? -8.234  -2.538  -22.605 0.50 22.97 ? 34  GLU A OE1   1 
ATOM   265  O  OE2   A GLU A 1 34  ? -8.890  -2.414  -18.571 0.50 25.56 ? 34  GLU A OE2   1 
ATOM   266  O  OE2   B GLU A 1 34  ? -6.744  -3.357  -23.990 0.50 22.89 ? 34  GLU A OE2   1 
ATOM   267  N  N     . ASN A 1 35  ? -3.819  -4.397  -19.764 1.00 20.22 ? 35  ASN A N     1 
ATOM   268  C  CA    . ASN A 1 35  ? -3.082  -5.663  -19.781 1.00 19.90 ? 35  ASN A CA    1 
ATOM   269  C  C     . ASN A 1 35  ? -1.719  -5.416  -19.157 1.00 19.04 ? 35  ASN A C     1 
ATOM   270  O  O     . ASN A 1 35  ? -1.106  -4.396  -19.415 1.00 17.69 ? 35  ASN A O     1 
ATOM   271  C  CB    . ASN A 1 35  ? -2.882  -6.157  -21.221 1.00 20.50 ? 35  ASN A CB    1 
ATOM   272  C  CG    . ASN A 1 35  ? -4.196  -6.355  -21.961 1.00 23.33 ? 35  ASN A CG    1 
ATOM   273  O  OD1   . ASN A 1 35  ? -5.187  -6.804  -21.390 1.00 26.36 ? 35  ASN A OD1   1 
ATOM   274  N  ND2   . ASN A 1 35  ? -4.212  -5.996  -23.235 1.00 26.36 ? 35  ASN A ND2   1 
ATOM   275  N  N     . THR A 1 36  ? -1.262  -6.339  -18.318 1.00 18.70 ? 36  THR A N     1 
ATOM   276  C  CA    . THR A 1 36  ? 0.034   -6.178  -17.649 1.00 18.24 ? 36  THR A CA    1 
ATOM   277  C  C     . THR A 1 36  ? 0.799   -7.487  -17.734 1.00 18.17 ? 36  THR A C     1 
ATOM   278  O  O     . THR A 1 36  ? 0.206   -8.534  -17.928 1.00 17.68 ? 36  THR A O     1 
ATOM   279  C  CB    . THR A 1 36  ? -0.111  -5.749  -16.151 1.00 18.12 ? 36  THR A CB    1 
ATOM   280  O  OG1   . THR A 1 36  ? -0.809  -6.759  -15.417 1.00 15.91 ? 36  THR A OG1   1 
ATOM   281  C  CG2   . THR A 1 36  ? -0.845  -4.412  -16.014 1.00 19.02 ? 36  THR A CG2   1 
ATOM   282  N  N     . ASN A 1 37  ? 2.121   -7.417  -17.605 1.00 18.41 ? 37  ASN A N     1 
ATOM   283  C  CA    . ASN A 1 37  ? 2.965   -8.598  -17.689 1.00 18.50 ? 37  ASN A CA    1 
ATOM   284  C  C     . ASN A 1 37  ? 3.542   -8.914  -16.314 1.00 19.14 ? 37  ASN A C     1 
ATOM   285  O  O     . ASN A 1 37  ? 3.562   -8.056  -15.439 1.00 18.70 ? 37  ASN A O     1 
ATOM   286  C  CB    . ASN A 1 37  ? 4.129   -8.403  -18.696 1.00 18.45 ? 37  ASN A CB    1 
ATOM   287  C  CG    . ASN A 1 37  ? 3.666   -8.035  -20.113 1.00 18.53 ? 37  ASN A CG    1 
ATOM   288  O  OD1   . ASN A 1 37  ? 4.444   -7.502  -20.902 1.00 20.57 ? 37  ASN A OD1   1 
ATOM   289  N  ND2   . ASN A 1 37  ? 2.413   -8.299  -20.429 1.00 17.13 ? 37  ASN A ND2   1 
ATOM   290  N  N     . THR A 1 38  ? 4.030   -10.146 -16.155 1.00 19.66 ? 38  THR A N     1 
ATOM   291  C  CA    . THR A 1 38  ? 4.814   -10.542 -14.988 1.00 20.36 ? 38  THR A CA    1 
ATOM   292  C  C     . THR A 1 38  ? 6.065   -9.666  -14.906 1.00 20.21 ? 38  THR A C     1 
ATOM   293  O  O     . THR A 1 38  ? 6.659   -9.300  -15.928 1.00 20.25 ? 38  THR A O     1 
ATOM   294  C  CB    . THR A 1 38  ? 5.237   -12.033 -15.071 1.00 20.81 ? 38  THR A CB    1 
ATOM   295  O  OG1   . THR A 1 38  ? 6.073   -12.242 -16.217 1.00 21.21 ? 38  THR A OG1   1 
ATOM   296  C  CG2   . THR A 1 38  ? 4.007   -12.966 -15.150 1.00 21.27 ? 38  THR A CG2   1 
ATOM   297  N  N     . THR A 1 39  ? 6.451   -9.343  -13.680 1.00 20.53 ? 39  THR A N     1 
ATOM   298  C  CA    . THR A 1 39  ? 7.541   -8.437  -13.407 1.00 20.45 ? 39  THR A CA    1 
ATOM   299  C  C     . THR A 1 39  ? 8.891   -9.116  -13.652 1.00 19.84 ? 39  THR A C     1 
ATOM   300  O  O     . THR A 1 39  ? 9.086   -10.308 -13.359 1.00 20.39 ? 39  THR A O     1 
ATOM   301  C  CB    . THR A 1 39  ? 7.418   -7.834  -11.983 1.00 21.38 ? 39  THR A CB    1 
ATOM   302  O  OG1   . THR A 1 39  ? 6.240   -7.008  -11.928 1.00 23.41 ? 39  THR A OG1   1 
ATOM   303  C  CG2   . THR A 1 39  ? 8.637   -6.979  -11.640 1.00 20.61 ? 39  THR A CG2   1 
ATOM   304  N  N     . ILE A 1 40  ? 9.796   -8.362  -14.255 1.00 17.90 ? 40  ILE A N     1 
ATOM   305  C  CA    . ILE A 1 40  ? 11.140  -8.836  -14.501 1.00 17.67 ? 40  ILE A CA    1 
ATOM   306  C  C     . ILE A 1 40  ? 12.036  -8.177  -13.459 1.00 17.83 ? 40  ILE A C     1 
ATOM   307  O  O     . ILE A 1 40  ? 12.199  -6.966  -13.477 1.00 17.72 ? 40  ILE A O     1 
ATOM   308  C  CB    . ILE A 1 40  ? 11.623  -8.492  -15.947 1.00 17.28 ? 40  ILE A CB    1 
ATOM   309  C  CG1   . ILE A 1 40  ? 10.649  -9.097  -16.983 1.00 18.55 ? 40  ILE A CG1   1 
ATOM   310  C  CG2   . ILE A 1 40  ? 13.045  -9.025  -16.153 1.00 16.98 ? 40  ILE A CG2   1 
ATOM   311  C  CD1   . ILE A 1 40  ? 11.093  -8.951  -18.482 1.00 18.08 ? 40  ILE A CD1   1 
ATOM   312  N  N     . GLY A 1 41  ? 12.588  -8.970  -12.538 1.00 18.13 ? 41  GLY A N     1 
ATOM   313  C  CA    . GLY A 1 41  ? 13.526  -8.454  -11.535 1.00 18.75 ? 41  GLY A CA    1 
ATOM   314  C  C     . GLY A 1 41  ? 12.800  -7.793  -10.378 1.00 19.58 ? 41  GLY A C     1 
ATOM   315  O  O     . GLY A 1 41  ? 11.572  -7.811  -10.331 1.00 20.37 ? 41  GLY A O     1 
ATOM   316  N  N     . ALA A 1 42  ? 13.550  -7.213  -9.445  1.00 19.48 ? 42  ALA A N     1 
ATOM   317  C  CA    . ALA A 1 42  ? 12.967  -6.527  -8.289  1.00 19.51 ? 42  ALA A CA    1 
ATOM   318  C  C     . ALA A 1 42  ? 12.284  -5.218  -8.694  1.00 19.70 ? 42  ALA A C     1 
ATOM   319  O  O     . ALA A 1 42  ? 12.719  -4.535  -9.635  1.00 19.31 ? 42  ALA A O     1 
ATOM   320  C  CB    . ALA A 1 42  ? 14.016  -6.295  -7.217  1.00 19.60 ? 42  ALA A CB    1 
ATOM   321  N  N     . SER A 1 43  ? 11.205  -4.883  -7.988  1.00 18.66 ? 43  SER A N     1 
ATOM   322  C  CA    . SER A 1 43  ? 10.347  -3.765  -8.374  1.00 18.90 ? 43  SER A CA    1 
ATOM   323  C  C     . SER A 1 43  ? 10.354  -2.671  -7.308  1.00 18.91 ? 43  SER A C     1 
ATOM   324  O  O     . SER A 1 43  ? 9.762   -2.851  -6.241  1.00 18.63 ? 43  SER A O     1 
ATOM   325  C  CB    . SER A 1 43  ? 8.926   -4.270  -8.625  1.00 19.00 ? 43  SER A CB    1 
ATOM   326  O  OG    . SER A 1 43  ? 8.080   -3.241  -9.092  1.00 18.06 ? 43  SER A OG    1 
ATOM   327  N  N     . PHE A 1 44  ? 11.033  -1.556  -7.593  1.00 18.88 ? 44  PHE A N     1 
ATOM   328  C  CA    . PHE A 1 44  ? 11.098  -0.414  -6.675  1.00 20.05 ? 44  PHE A CA    1 
ATOM   329  C  C     . PHE A 1 44  ? 10.693  0.883   -7.355  1.00 20.57 ? 44  PHE A C     1 
ATOM   330  O  O     . PHE A 1 44  ? 10.880  1.043   -8.575  1.00 19.99 ? 44  PHE A O     1 
ATOM   331  C  CB    . PHE A 1 44  ? 12.525  -0.174  -6.161  1.00 20.10 ? 44  PHE A CB    1 
ATOM   332  C  CG    . PHE A 1 44  ? 13.254  -1.409  -5.717  1.00 20.80 ? 44  PHE A CG    1 
ATOM   333  C  CD1   . PHE A 1 44  ? 12.892  -2.069  -4.541  1.00 19.72 ? 44  PHE A CD1   1 
ATOM   334  C  CD2   . PHE A 1 44  ? 14.352  -1.876  -6.449  1.00 21.43 ? 44  PHE A CD2   1 
ATOM   335  C  CE1   . PHE A 1 44  ? 13.601  -3.211  -4.112  1.00 20.24 ? 44  PHE A CE1   1 
ATOM   336  C  CE2   . PHE A 1 44  ? 15.077  -3.002  -6.024  1.00 21.48 ? 44  PHE A CE2   1 
ATOM   337  C  CZ    . PHE A 1 44  ? 14.701  -3.665  -4.852  1.00 20.43 ? 44  PHE A CZ    1 
ATOM   338  N  N     . CYS A 1 45  ? 10.180  1.809   -6.547  1.00 20.56 ? 45  CYS A N     1 
ATOM   339  C  CA    A CYS A 1 45  ? 9.909   3.174   -7.001  0.50 19.67 ? 45  CYS A CA    1 
ATOM   340  C  CA    B CYS A 1 45  ? 9.823   3.148   -6.987  0.50 20.82 ? 45  CYS A CA    1 
ATOM   341  C  C     . CYS A 1 45  ? 9.852   4.107   -5.801  1.00 20.33 ? 45  CYS A C     1 
ATOM   342  O  O     . CYS A 1 45  ? 9.711   3.675   -4.665  1.00 19.95 ? 45  CYS A O     1 
ATOM   343  C  CB    A CYS A 1 45  ? 8.606   3.261   -7.812  0.50 19.52 ? 45  CYS A CB    1 
ATOM   344  C  CB    B CYS A 1 45  ? 8.418   3.130   -7.571  0.50 20.82 ? 45  CYS A CB    1 
ATOM   345  S  SG    A CYS A 1 45  ? 7.093   3.347   -6.842  0.50 15.32 ? 45  CYS A SG    1 
ATOM   346  S  SG    B CYS A 1 45  ? 8.207   4.405   -8.750  0.50 23.56 ? 45  CYS A SG    1 
ATOM   347  N  N     . THR A 1 46  ? 10.005  5.403   -6.059  1.00 20.51 ? 46  THR A N     1 
ATOM   348  C  CA    . THR A 1 46  ? 9.893   6.395   -4.985  1.00 21.09 ? 46  THR A CA    1 
ATOM   349  C  C     . THR A 1 46  ? 8.743   7.374   -5.255  1.00 21.95 ? 46  THR A C     1 
ATOM   350  O  O     . THR A 1 46  ? 8.273   7.505   -6.386  1.00 21.97 ? 46  THR A O     1 
ATOM   351  C  CB    . THR A 1 46  ? 11.226  7.127   -4.701  1.00 21.41 ? 46  THR A CB    1 
ATOM   352  O  OG1   . THR A 1 46  ? 11.617  7.897   -5.847  1.00 21.75 ? 46  THR A OG1   1 
ATOM   353  C  CG2   . THR A 1 46  ? 12.328  6.127   -4.395  1.00 19.86 ? 46  THR A CG2   1 
ATOM   354  N  N     . TYR A 1 47  ? 8.267   8.024   -4.202  1.00 21.68 ? 47  TYR A N     1 
ATOM   355  C  CA    . TYR A 1 47  ? 7.195   8.982   -4.334  1.00 22.19 ? 47  TYR A CA    1 
ATOM   356  C  C     . TYR A 1 47  ? 7.259   9.926   -3.158  1.00 22.74 ? 47  TYR A C     1 
ATOM   357  O  O     . TYR A 1 47  ? 7.495   9.503   -2.017  1.00 21.93 ? 47  TYR A O     1 
ATOM   358  C  CB    . TYR A 1 47  ? 5.834   8.283   -4.396  1.00 22.44 ? 47  TYR A CB    1 
ATOM   359  C  CG    . TYR A 1 47  ? 4.696   9.241   -4.638  1.00 22.13 ? 47  TYR A CG    1 
ATOM   360  C  CD1   . TYR A 1 47  ? 4.530   9.843   -5.895  1.00 23.07 ? 47  TYR A CD1   1 
ATOM   361  C  CD2   . TYR A 1 47  ? 3.801   9.567   -3.618  1.00 20.17 ? 47  TYR A CD2   1 
ATOM   362  C  CE1   . TYR A 1 47  ? 3.501   10.721  -6.133  1.00 23.96 ? 47  TYR A CE1   1 
ATOM   363  C  CE2   . TYR A 1 47  ? 2.753   10.453  -3.846  1.00 21.97 ? 47  TYR A CE2   1 
ATOM   364  C  CZ    . TYR A 1 47  ? 2.616   11.027  -5.112  1.00 23.64 ? 47  TYR A CZ    1 
ATOM   365  O  OH    . TYR A 1 47  ? 1.607   11.918  -5.383  1.00 25.89 ? 47  TYR A OH    1 
ATOM   366  N  N     . VAL A 1 48  ? 7.064   11.212  -3.438  1.00 23.12 ? 48  VAL A N     1 
ATOM   367  C  CA    . VAL A 1 48  ? 7.153   12.223  -2.400  1.00 23.94 ? 48  VAL A CA    1 
ATOM   368  C  C     . VAL A 1 48  ? 5.788   12.858  -2.183  1.00 24.72 ? 48  VAL A C     1 
ATOM   369  O  O     . VAL A 1 48  ? 5.114   13.246  -3.133  1.00 24.92 ? 48  VAL A O     1 
ATOM   370  C  CB    . VAL A 1 48  ? 8.184   13.307  -2.765  1.00 23.97 ? 48  VAL A CB    1 
ATOM   371  C  CG1   . VAL A 1 48  ? 8.253   14.366  -1.668  1.00 24.02 ? 48  VAL A CG1   1 
ATOM   372  C  CG2   . VAL A 1 48  ? 9.552   12.685  -3.008  1.00 23.93 ? 48  VAL A CG2   1 
ATOM   373  N  N     . VAL A 1 49  ? 5.376   12.943  -0.930  1.00 25.52 ? 49  VAL A N     1 
ATOM   374  C  CA    . VAL A 1 49  ? 4.207   13.719  -0.554  1.00 26.54 ? 49  VAL A CA    1 
ATOM   375  C  C     . VAL A 1 49  ? 4.733   14.902  0.242   1.00 28.43 ? 49  VAL A C     1 
ATOM   376  O  O     . VAL A 1 49  ? 5.466   14.726  1.218   1.00 28.22 ? 49  VAL A O     1 
ATOM   377  C  CB    . VAL A 1 49  ? 3.217   12.925  0.353   1.00 25.94 ? 49  VAL A CB    1 
ATOM   378  C  CG1   . VAL A 1 49  ? 2.076   13.833  0.831   1.00 24.59 ? 49  VAL A CG1   1 
ATOM   379  C  CG2   . VAL A 1 49  ? 2.648   11.702  -0.363  1.00 26.15 ? 49  VAL A CG2   1 
ATOM   380  N  N     . ASN A 1 50  ? 4.386   16.111  -0.176  1.00 30.46 ? 50  ASN A N     1 
ATOM   381  C  CA    . ASN A 1 50  ? 4.596   17.256  0.709   1.00 33.13 ? 50  ASN A CA    1 
ATOM   382  C  C     . ASN A 1 50  ? 3.261   17.644  1.331   1.00 33.77 ? 50  ASN A C     1 
ATOM   383  O  O     . ASN A 1 50  ? 2.310   17.980  0.618   1.00 33.88 ? 50  ASN A O     1 
ATOM   384  C  CB    . ASN A 1 50  ? 5.267   18.431  -0.010  1.00 33.79 ? 50  ASN A CB    1 
ATOM   385  C  CG    . ASN A 1 50  ? 5.615   19.574  0.941   1.00 35.94 ? 50  ASN A CG    1 
ATOM   386  O  OD1   . ASN A 1 50  ? 4.761   20.399  1.265   1.00 37.37 ? 50  ASN A OD1   1 
ATOM   387  N  ND2   . ASN A 1 50  ? 6.871   19.618  1.394   1.00 36.43 ? 50  ASN A ND2   1 
ATOM   388  N  N     . LEU A 1 51  ? 3.197   17.573  2.659   1.00 34.99 ? 51  LEU A N     1 
ATOM   389  C  CA    . LEU A 1 51  ? 1.935   17.702  3.386   1.00 36.38 ? 51  LEU A CA    1 
ATOM   390  C  C     . LEU A 1 51  ? 1.350   19.115  3.356   1.00 37.63 ? 51  LEU A C     1 
ATOM   391  O  O     . LEU A 1 51  ? 0.131   19.278  3.415   1.00 37.71 ? 51  LEU A O     1 
ATOM   392  C  CB    . LEU A 1 51  ? 2.085   17.195  4.826   1.00 36.34 ? 51  LEU A CB    1 
ATOM   393  C  CG    . LEU A 1 51  ? 2.093   15.672  5.058   1.00 35.87 ? 51  LEU A CG    1 
ATOM   394  C  CD1   . LEU A 1 51  ? 2.227   15.397  6.536   1.00 36.25 ? 51  LEU A CD1   1 
ATOM   395  C  CD2   . LEU A 1 51  ? 0.838   14.983  4.514   1.00 34.88 ? 51  LEU A CD2   1 
ATOM   396  N  N     . ASN A 1 52  ? 2.225   20.115  3.247   1.00 38.99 ? 52  ASN A N     1 
ATOM   397  C  CA    . ASN A 1 52  ? 1.828   21.517  3.062   1.00 40.66 ? 52  ASN A CA    1 
ATOM   398  C  C     . ASN A 1 52  ? 1.380   21.872  1.639   1.00 41.50 ? 52  ASN A C     1 
ATOM   399  O  O     . ASN A 1 52  ? 1.177   23.050  1.340   1.00 41.76 ? 52  ASN A O     1 
ATOM   400  C  CB    . ASN A 1 52  ? 2.988   22.444  3.427   1.00 40.67 ? 52  ASN A CB    1 
ATOM   401  C  CG    . ASN A 1 52  ? 3.216   22.544  4.912   1.00 41.55 ? 52  ASN A CG    1 
ATOM   402  O  OD1   . ASN A 1 52  ? 2.275   22.508  5.704   1.00 44.27 ? 52  ASN A OD1   1 
ATOM   403  N  ND2   . ASN A 1 52  ? 4.474   22.691  5.303   1.00 41.96 ? 52  ASN A ND2   1 
ATOM   404  N  N     . ASP A 1 53  ? 1.250   20.869  0.768   1.00 42.34 ? 53  ASP A N     1 
ATOM   405  C  CA    . ASP A 1 53  ? 0.947   21.105  -0.650  1.00 42.89 ? 53  ASP A CA    1 
ATOM   406  C  C     . ASP A 1 53  ? -0.026  20.072  -1.211  1.00 43.16 ? 53  ASP A C     1 
ATOM   407  O  O     . ASP A 1 53  ? -0.941  19.622  -0.518  1.00 43.66 ? 53  ASP A O     1 
ATOM   408  C  CB    . ASP A 1 53  ? 2.236   21.114  -1.483  1.00 42.99 ? 53  ASP A CB    1 
ATOM   409  N  N     . ASN A 1 85  ? 0.350   24.457  8.073   1.00 58.99 ? 85  ASN A N     1 
ATOM   410  C  CA    . ASN A 1 85  ? 0.041   23.861  9.367   1.00 59.04 ? 85  ASN A CA    1 
ATOM   411  C  C     . ASN A 1 85  ? 1.058   22.796  9.785   1.00 59.04 ? 85  ASN A C     1 
ATOM   412  O  O     . ASN A 1 85  ? 1.033   22.316  10.925  1.00 59.30 ? 85  ASN A O     1 
ATOM   413  C  CB    . ASN A 1 85  ? -1.379  23.277  9.365   1.00 59.09 ? 85  ASN A CB    1 
ATOM   414  N  N     . TYR A 1 86  ? 1.955   22.446  8.863   1.00 58.84 ? 86  TYR A N     1 
ATOM   415  C  CA    . TYR A 1 86  ? 2.968   21.417  9.092   1.00 58.52 ? 86  TYR A CA    1 
ATOM   416  C  C     . TYR A 1 86  ? 4.383   21.998  9.106   1.00 58.39 ? 86  TYR A C     1 
ATOM   417  O  O     . TYR A 1 86  ? 4.688   22.948  8.367   1.00 58.39 ? 86  TYR A O     1 
ATOM   418  C  CB    . TYR A 1 86  ? 2.895   20.350  8.001   1.00 58.52 ? 86  TYR A CB    1 
ATOM   419  C  CG    . TYR A 1 86  ? 1.568   19.640  7.856   1.00 58.74 ? 86  TYR A CG    1 
ATOM   420  C  CD1   . TYR A 1 86  ? 1.291   18.486  8.593   1.00 59.12 ? 86  TYR A CD1   1 
ATOM   421  C  CD2   . TYR A 1 86  ? 0.600   20.095  6.954   1.00 58.61 ? 86  TYR A CD2   1 
ATOM   422  C  CE1   . TYR A 1 86  ? 0.079   17.815  8.453   1.00 58.85 ? 86  TYR A CE1   1 
ATOM   423  C  CE2   . TYR A 1 86  ? -0.617  19.429  6.806   1.00 58.41 ? 86  TYR A CE2   1 
ATOM   424  C  CZ    . TYR A 1 86  ? -0.866  18.291  7.559   1.00 58.50 ? 86  TYR A CZ    1 
ATOM   425  O  OH    . TYR A 1 86  ? -2.058  17.622  7.425   1.00 58.71 ? 86  TYR A OH    1 
ATOM   426  N  N     . ASN A 1 87  ? 5.245   21.407  9.934   1.00 57.97 ? 87  ASN A N     1 
ATOM   427  C  CA    . ASN A 1 87  ? 6.652   21.803  10.027  1.00 57.65 ? 87  ASN A CA    1 
ATOM   428  C  C     . ASN A 1 87  ? 7.422   21.419  8.769   1.00 57.20 ? 87  ASN A C     1 
ATOM   429  O  O     . ASN A 1 87  ? 7.556   20.230  8.455   1.00 57.24 ? 87  ASN A O     1 
ATOM   430  C  CB    . ASN A 1 87  ? 7.315   21.183  11.266  1.00 57.77 ? 87  ASN A CB    1 
ATOM   431  C  CG    . ASN A 1 87  ? 6.825   21.799  12.573  1.00 58.66 ? 87  ASN A CG    1 
ATOM   432  O  OD1   . ASN A 1 87  ? 5.865   22.579  12.595  1.00 59.35 ? 87  ASN A OD1   1 
ATOM   433  N  ND2   . ASN A 1 87  ? 7.494   21.451  13.673  1.00 58.50 ? 87  ASN A ND2   1 
ATOM   434  N  N     . GLU A 1 88  ? 7.938   22.434  8.072   1.00 56.53 ? 88  GLU A N     1 
ATOM   435  C  CA    . GLU A 1 88  ? 8.592   22.281  6.761   1.00 55.96 ? 88  GLU A CA    1 
ATOM   436  C  C     . GLU A 1 88  ? 9.716   21.243  6.728   1.00 54.99 ? 88  GLU A C     1 
ATOM   437  O  O     . GLU A 1 88  ? 10.001  20.659  5.677   1.00 54.78 ? 88  GLU A O     1 
ATOM   438  C  CB    . GLU A 1 88  ? 9.116   23.635  6.252   1.00 56.28 ? 88  GLU A CB    1 
ATOM   439  C  CG    . GLU A 1 88  ? 8.038   24.575  5.676   1.00 57.80 ? 88  GLU A CG    1 
ATOM   440  C  CD    . GLU A 1 88  ? 7.237   25.323  6.741   1.00 59.49 ? 88  GLU A CD    1 
ATOM   441  O  OE1   . GLU A 1 88  ? 7.672   25.375  7.916   1.00 61.07 ? 88  GLU A OE1   1 
ATOM   442  O  OE2   . GLU A 1 88  ? 6.164   25.866  6.399   1.00 59.74 ? 88  GLU A OE2   1 
ATOM   443  N  N     . ASN A 1 89  ? 10.340  21.018  7.882   1.00 53.85 ? 89  ASN A N     1 
ATOM   444  C  CA    . ASN A 1 89  ? 11.431  20.052  8.012   1.00 52.71 ? 89  ASN A CA    1 
ATOM   445  C  C     . ASN A 1 89  ? 10.956  18.595  8.040   1.00 51.47 ? 89  ASN A C     1 
ATOM   446  O  O     . ASN A 1 89  ? 11.657  17.696  7.562   1.00 51.60 ? 89  ASN A O     1 
ATOM   447  C  CB    . ASN A 1 89  ? 12.259  20.353  9.266   1.00 53.02 ? 89  ASN A CB    1 
ATOM   448  C  CG    . ASN A 1 89  ? 12.802  21.772  9.276   1.00 53.81 ? 89  ASN A CG    1 
ATOM   449  O  OD1   . ASN A 1 89  ? 13.742  22.096  8.546   1.00 54.33 ? 89  ASN A OD1   1 
ATOM   450  N  ND2   . ASN A 1 89  ? 12.207  22.627  10.104  1.00 53.93 ? 89  ASN A ND2   1 
ATOM   451  N  N     . LEU A 1 90  ? 9.767   18.373  8.596   1.00 49.63 ? 90  LEU A N     1 
ATOM   452  C  CA    . LEU A 1 90  ? 9.251   17.017  8.830   1.00 47.93 ? 90  LEU A CA    1 
ATOM   453  C  C     . LEU A 1 90  ? 8.248   16.543  7.778   1.00 46.48 ? 90  LEU A C     1 
ATOM   454  O  O     . LEU A 1 90  ? 8.057   15.336  7.596   1.00 46.54 ? 90  LEU A O     1 
ATOM   455  C  CB    . LEU A 1 90  ? 8.603   16.922  10.223  1.00 47.97 ? 90  LEU A CB    1 
ATOM   456  C  CG    . LEU A 1 90  ? 9.353   17.387  11.478  1.00 47.97 ? 90  LEU A CG    1 
ATOM   457  C  CD1   . LEU A 1 90  ? 8.465   17.218  12.693  1.00 48.57 ? 90  LEU A CD1   1 
ATOM   458  C  CD2   . LEU A 1 90  ? 10.680  16.650  11.681  1.00 48.43 ? 90  LEU A CD2   1 
ATOM   459  N  N     . CYS A 1 91  ? 7.630   17.492  7.082   1.00 44.59 ? 91  CYS A N     1 
ATOM   460  C  CA    . CYS A 1 91  ? 6.413   17.229  6.319   1.00 42.72 ? 91  CYS A CA    1 
ATOM   461  C  C     . CYS A 1 91  ? 6.630   17.001  4.824   1.00 40.77 ? 91  CYS A C     1 
ATOM   462  O  O     . CYS A 1 91  ? 5.663   16.954  4.047   1.00 40.88 ? 91  CYS A O     1 
ATOM   463  C  CB    . CYS A 1 91  ? 5.429   18.379  6.518   1.00 42.92 ? 91  CYS A CB    1 
ATOM   464  S  SG    . CYS A 1 91  ? 5.925   19.845  5.610   1.00 44.73 ? 91  CYS A SG    1 
ATOM   465  N  N     . ASN A 1 92  ? 7.890   16.894  4.420   1.00 38.12 ? 92  ASN A N     1 
ATOM   466  C  CA    . ASN A 1 92  ? 8.210   16.421  3.087   1.00 35.75 ? 92  ASN A CA    1 
ATOM   467  C  C     . ASN A 1 92  ? 8.544   14.938  3.199   1.00 33.05 ? 92  ASN A C     1 
ATOM   468  O  O     . ASN A 1 92  ? 9.645   14.566  3.614   1.00 32.55 ? 92  ASN A O     1 
ATOM   469  C  CB    . ASN A 1 92  ? 9.376   17.209  2.501   1.00 36.50 ? 92  ASN A CB    1 
ATOM   470  C  CG    . ASN A 1 92  ? 9.538   16.980  1.010   1.00 38.04 ? 92  ASN A CG    1 
ATOM   471  O  OD1   . ASN A 1 92  ? 8.726   17.448  0.199   1.00 38.91 ? 92  ASN A OD1   1 
ATOM   472  N  ND2   . ASN A 1 92  ? 10.603  16.274  0.638   1.00 39.73 ? 92  ASN A ND2   1 
ATOM   473  N  N     . ILE A 1 93  ? 7.575   14.100  2.851   1.00 29.74 ? 93  ILE A N     1 
ATOM   474  C  CA    . ILE A 1 93  ? 7.679   12.667  3.114   1.00 26.85 ? 93  ILE A CA    1 
ATOM   475  C  C     . ILE A 1 93  ? 7.908   11.852  1.847   1.00 25.32 ? 93  ILE A C     1 
ATOM   476  O  O     . ILE A 1 93  ? 7.064   11.824  0.941   1.00 23.48 ? 93  ILE A O     1 
ATOM   477  C  CB    . ILE A 1 93  ? 6.461   12.166  3.923   1.00 27.16 ? 93  ILE A CB    1 
ATOM   478  C  CG1   . ILE A 1 93  ? 6.503   12.810  5.314   1.00 27.97 ? 93  ILE A CG1   1 
ATOM   479  C  CG2   . ILE A 1 93  ? 6.442   10.627  4.017   1.00 25.90 ? 93  ILE A CG2   1 
ATOM   480  C  CD1   . ILE A 1 93  ? 5.156   13.154  5.860   1.00 28.57 ? 93  ILE A CD1   1 
ATOM   481  N  N     . LYS A 1 94  ? 9.072   11.209  1.797   1.00 23.04 ? 94  LYS A N     1 
ATOM   482  C  CA    . LYS A 1 94  ? 9.482   10.419  0.643   1.00 21.85 ? 94  LYS A CA    1 
ATOM   483  C  C     . LYS A 1 94  ? 9.300   8.925   0.909   1.00 20.23 ? 94  LYS A C     1 
ATOM   484  O  O     . LYS A 1 94  ? 9.816   8.390   1.889   1.00 19.87 ? 94  LYS A O     1 
ATOM   485  C  CB    . LYS A 1 94  ? 10.929  10.732  0.298   1.00 22.01 ? 94  LYS A CB    1 
ATOM   486  C  CG    . LYS A 1 94  ? 11.501  9.903   -0.832  1.00 23.91 ? 94  LYS A CG    1 
ATOM   487  C  CD    . LYS A 1 94  ? 12.867  10.451  -1.181  1.00 26.11 ? 94  LYS A CD    1 
ATOM   488  C  CE    . LYS A 1 94  ? 13.619  9.521   -2.093  1.00 29.69 ? 94  LYS A CE    1 
ATOM   489  N  NZ    . LYS A 1 94  ? 14.857  10.212  -2.577  1.00 31.84 ? 94  LYS A NZ    1 
ATOM   490  N  N     . PHE A 1 95  ? 8.531   8.272   0.040   1.00 18.68 ? 95  PHE A N     1 
ATOM   491  C  CA    . PHE A 1 95  ? 8.270   6.838   0.140   1.00 18.23 ? 95  PHE A CA    1 
ATOM   492  C  C     . PHE A 1 95  ? 9.222   6.064   -0.754  1.00 18.09 ? 95  PHE A C     1 
ATOM   493  O  O     . PHE A 1 95  ? 9.411   6.447   -1.904  1.00 18.08 ? 95  PHE A O     1 
ATOM   494  C  CB    . PHE A 1 95  ? 6.817   6.533   -0.264  1.00 18.00 ? 95  PHE A CB    1 
ATOM   495  C  CG    . PHE A 1 95  ? 5.802   7.118   0.677   1.00 18.30 ? 95  PHE A CG    1 
ATOM   496  C  CD1   . PHE A 1 95  ? 5.399   6.411   1.814   1.00 18.37 ? 95  PHE A CD1   1 
ATOM   497  C  CD2   . PHE A 1 95  ? 5.260   8.382   0.439   1.00 18.62 ? 95  PHE A CD2   1 
ATOM   498  C  CE1   . PHE A 1 95  ? 4.462   6.948   2.702   1.00 18.91 ? 95  PHE A CE1   1 
ATOM   499  C  CE2   . PHE A 1 95  ? 4.323   8.941   1.321   1.00 19.67 ? 95  PHE A CE2   1 
ATOM   500  C  CZ    . PHE A 1 95  ? 3.915   8.215   2.461   1.00 18.48 ? 95  PHE A CZ    1 
ATOM   501  N  N     . ASP A 1 96  ? 9.836   5.006   -0.213  1.00 17.11 ? 96  ASP A N     1 
ATOM   502  C  CA    A ASP A 1 96  ? 10.602  4.067   -1.013  0.50 17.06 ? 96  ASP A CA    1 
ATOM   503  C  CA    B ASP A 1 96  ? 10.584  4.066   -1.039  0.50 17.20 ? 96  ASP A CA    1 
ATOM   504  C  C     . ASP A 1 96  ? 9.750   2.799   -1.123  1.00 16.74 ? 96  ASP A C     1 
ATOM   505  O  O     . ASP A 1 96  ? 9.717   1.997   -0.191  1.00 17.38 ? 96  ASP A O     1 
ATOM   506  C  CB    A ASP A 1 96  ? 11.967  3.809   -0.350  0.50 16.77 ? 96  ASP A CB    1 
ATOM   507  C  CB    B ASP A 1 96  ? 11.995  3.772   -0.500  0.50 17.11 ? 96  ASP A CB    1 
ATOM   508  C  CG    A ASP A 1 96  ? 12.735  2.641   -0.973  0.50 17.48 ? 96  ASP A CG    1 
ATOM   509  C  CG    B ASP A 1 96  ? 12.856  2.998   -1.512  0.50 18.15 ? 96  ASP A CG    1 
ATOM   510  O  OD1   A ASP A 1 96  ? 12.455  2.237   -2.126  0.50 15.92 ? 96  ASP A OD1   1 
ATOM   511  O  OD1   B ASP A 1 96  ? 12.749  3.284   -2.722  0.50 20.66 ? 96  ASP A OD1   1 
ATOM   512  O  OD2   A ASP A 1 96  ? 13.641  2.120   -0.291  0.50 19.10 ? 96  ASP A OD2   1 
ATOM   513  O  OD2   B ASP A 1 96  ? 13.633  2.100   -1.115  0.50 18.61 ? 96  ASP A OD2   1 
ATOM   514  N  N     . ILE A 1 97  ? 9.057   2.645   -2.248  1.00 16.29 ? 97  ILE A N     1 
ATOM   515  C  CA    . ILE A 1 97  ? 8.064   1.576   -2.417  1.00 15.85 ? 97  ILE A CA    1 
ATOM   516  C  C     . ILE A 1 97  ? 8.651   0.321   -3.027  1.00 15.10 ? 97  ILE A C     1 
ATOM   517  O  O     . ILE A 1 97  ? 9.194   0.353   -4.133  1.00 14.61 ? 97  ILE A O     1 
ATOM   518  C  CB    . ILE A 1 97  ? 6.880   2.058   -3.274  1.00 16.42 ? 97  ILE A CB    1 
ATOM   519  C  CG1   . ILE A 1 97  ? 6.338   3.372   -2.690  1.00 18.24 ? 97  ILE A CG1   1 
ATOM   520  C  CG2   . ILE A 1 97  ? 5.772   1.008   -3.299  1.00 17.23 ? 97  ILE A CG2   1 
ATOM   521  C  CD1   . ILE A 1 97  ? 5.660   4.281   -3.732  1.00 20.41 ? 97  ILE A CD1   1 
ATOM   522  N  N     . TRP A 1 98  ? 8.519   -0.784  -2.299  1.00 14.94 ? 98  TRP A N     1 
ATOM   523  C  CA    . TRP A 1 98  ? 8.957   -2.077  -2.747  1.00 14.55 ? 98  TRP A CA    1 
ATOM   524  C  C     . TRP A 1 98  ? 7.719   -2.900  -3.073  1.00 14.58 ? 98  TRP A C     1 
ATOM   525  O  O     . TRP A 1 98  ? 7.004   -3.338  -2.163  1.00 14.45 ? 98  TRP A O     1 
ATOM   526  C  CB    . TRP A 1 98  ? 9.777   -2.789  -1.652  1.00 14.72 ? 98  TRP A CB    1 
ATOM   527  C  CG    . TRP A 1 98  ? 11.096  -2.125  -1.256  1.00 14.59 ? 98  TRP A CG    1 
ATOM   528  C  CD1   . TRP A 1 98  ? 11.379  -0.795  -1.221  1.00 15.53 ? 98  TRP A CD1   1 
ATOM   529  C  CD2   . TRP A 1 98  ? 12.267  -2.795  -0.780  1.00 14.45 ? 98  TRP A CD2   1 
ATOM   530  N  NE1   . TRP A 1 98  ? 12.672  -0.590  -0.798  1.00 15.03 ? 98  TRP A NE1   1 
ATOM   531  C  CE2   . TRP A 1 98  ? 13.234  -1.807  -0.514  1.00 15.45 ? 98  TRP A CE2   1 
ATOM   532  C  CE3   . TRP A 1 98  ? 12.600  -4.145  -0.574  1.00 12.53 ? 98  TRP A CE3   1 
ATOM   533  C  CZ2   . TRP A 1 98  ? 14.505  -2.119  -0.030  1.00 16.10 ? 98  TRP A CZ2   1 
ATOM   534  C  CZ3   . TRP A 1 98  ? 13.856  -4.453  -0.097  1.00 14.11 ? 98  TRP A CZ3   1 
ATOM   535  C  CH2   . TRP A 1 98  ? 14.801  -3.442  0.161   1.00 15.69 ? 98  TRP A CH2   1 
ATOM   536  N  N     . ASP A 1 99  ? 7.499   -3.157  -4.362  1.00 14.16 ? 99  ASP A N     1 
ATOM   537  C  CA    . ASP A 1 99  ? 6.366   -3.980  -4.811  1.00 14.94 ? 99  ASP A CA    1 
ATOM   538  C  C     . ASP A 1 99  ? 6.784   -5.438  -4.824  1.00 15.16 ? 99  ASP A C     1 
ATOM   539  O  O     . ASP A 1 99  ? 7.682   -5.818  -5.574  1.00 13.87 ? 99  ASP A O     1 
ATOM   540  C  CB    . ASP A 1 99  ? 5.911   -3.531  -6.207  1.00 15.37 ? 99  ASP A CB    1 
ATOM   541  C  CG    . ASP A 1 99  ? 4.781   -4.377  -6.791  1.00 16.54 ? 99  ASP A CG    1 
ATOM   542  O  OD1   . ASP A 1 99  ? 4.196   -5.219  -6.075  1.00 14.97 ? 99  ASP A OD1   1 
ATOM   543  O  OD2   . ASP A 1 99  ? 4.472   -4.174  -8.003  1.00 18.21 ? 99  ASP A OD2   1 
ATOM   544  N  N     . THR A 1 100 ? 6.144   -6.250  -3.978  1.00 14.75 ? 100 THR A N     1 
ATOM   545  C  CA    . THR A 1 100 ? 6.515   -7.672  -3.883  1.00 15.56 ? 100 THR A CA    1 
ATOM   546  C  C     . THR A 1 100 ? 6.440   -8.352  -5.262  1.00 15.85 ? 100 THR A C     1 
ATOM   547  O  O     . THR A 1 100 ? 7.248   -9.230  -5.562  1.00 17.11 ? 100 THR A O     1 
ATOM   548  C  CB    . THR A 1 100 ? 5.675   -8.442  -2.833  1.00 14.93 ? 100 THR A CB    1 
ATOM   549  O  OG1   . THR A 1 100 ? 4.282   -8.281  -3.118  1.00 14.70 ? 100 THR A OG1   1 
ATOM   550  C  CG2   . THR A 1 100 ? 5.954   -7.909  -1.420  1.00 15.37 ? 100 THR A CG2   1 
ATOM   551  N  N     . ALA A 1 101 ? 5.472   -7.929  -6.076  1.00 16.91 ? 101 ALA A N     1 
ATOM   552  C  CA    . ALA A 1 101 ? 5.362   -8.268  -7.516  1.00 17.19 ? 101 ALA A CA    1 
ATOM   553  C  C     . ALA A 1 101 ? 5.476   -9.745  -7.860  1.00 17.91 ? 101 ALA A C     1 
ATOM   554  O  O     . ALA A 1 101 ? 5.973   -10.089 -8.947  1.00 18.18 ? 101 ALA A O     1 
ATOM   555  C  CB    . ALA A 1 101 ? 6.385   -7.478  -8.345  1.00 17.06 ? 101 ALA A CB    1 
ATOM   556  N  N     . GLY A 1 102 ? 5.012   -10.604 -6.955  1.00 18.49 ? 102 GLY A N     1 
ATOM   557  C  CA    . GLY A 1 102 ? 5.078   -12.056 -7.157  1.00 18.56 ? 102 GLY A CA    1 
ATOM   558  C  C     . GLY A 1 102 ? 5.883   -12.772 -6.079  1.00 19.44 ? 102 GLY A C     1 
ATOM   559  O  O     . GLY A 1 102 ? 5.643   -13.951 -5.811  1.00 19.68 ? 102 GLY A O     1 
ATOM   560  N  N     . GLN A 1 103 ? 6.813   -12.059 -5.441  1.00 19.44 ? 103 GLN A N     1 
ATOM   561  C  CA    . GLN A 1 103 ? 7.667   -12.650 -4.399  1.00 20.89 ? 103 GLN A CA    1 
ATOM   562  C  C     . GLN A 1 103 ? 6.954   -12.934 -3.075  1.00 21.58 ? 103 GLN A C     1 
ATOM   563  O  O     . GLN A 1 103 ? 7.481   -13.651 -2.217  1.00 21.12 ? 103 GLN A O     1 
ATOM   564  C  CB    . GLN A 1 103 ? 8.916   -11.790 -4.167  1.00 20.72 ? 103 GLN A CB    1 
ATOM   565  C  CG    . GLN A 1 103 ? 9.763   -11.576 -5.434  1.00 23.69 ? 103 GLN A CG    1 
ATOM   566  C  CD    . GLN A 1 103 ? 10.658  -12.760 -5.758  1.00 26.12 ? 103 GLN A CD    1 
ATOM   567  O  OE1   . GLN A 1 103 ? 10.447  -13.859 -5.272  1.00 26.76 ? 103 GLN A OE1   1 
ATOM   568  N  NE2   . GLN A 1 103 ? 11.684  -12.523 -6.569  1.00 29.82 ? 103 GLN A NE2   1 
ATOM   569  N  N     . GLU A 1 104 ? 5.749   -12.391 -2.917  1.00 22.78 ? 104 GLU A N     1 
ATOM   570  C  CA    . GLU A 1 104 ? 4.917   -12.666 -1.741  1.00 23.61 ? 104 GLU A CA    1 
ATOM   571  C  C     . GLU A 1 104 ? 4.585   -14.168 -1.619  1.00 25.40 ? 104 GLU A C     1 
ATOM   572  O  O     . GLU A 1 104 ? 4.199   -14.634 -0.549  1.00 25.09 ? 104 GLU A O     1 
ATOM   573  C  CB    . GLU A 1 104 ? 3.625   -11.825 -1.786  1.00 23.17 ? 104 GLU A CB    1 
ATOM   574  C  CG    . GLU A 1 104 ? 2.617   -12.239 -2.898  1.00 22.36 ? 104 GLU A CG    1 
ATOM   575  C  CD    . GLU A 1 104 ? 2.910   -11.640 -4.276  1.00 21.51 ? 104 GLU A CD    1 
ATOM   576  O  OE1   . GLU A 1 104 ? 3.770   -10.732 -4.371  1.00 17.55 ? 104 GLU A OE1   1 
ATOM   577  O  OE2   . GLU A 1 104 ? 2.246   -12.062 -5.260  1.00 20.82 ? 104 GLU A OE2   1 
ATOM   578  N  N     . ARG A 1 105 ? 4.745   -14.908 -2.718  1.00 26.99 ? 105 ARG A N     1 
ATOM   579  C  CA    . ARG A 1 105 ? 4.595   -16.376 -2.720  1.00 28.94 ? 105 ARG A CA    1 
ATOM   580  C  C     . ARG A 1 105 ? 5.693   -17.105 -1.926  1.00 29.72 ? 105 ARG A C     1 
ATOM   581  O  O     . ARG A 1 105 ? 5.490   -18.239 -1.450  1.00 29.80 ? 105 ARG A O     1 
ATOM   582  C  CB    . ARG A 1 105 ? 4.576   -16.892 -4.165  1.00 29.19 ? 105 ARG A CB    1 
ATOM   583  C  CG    . ARG A 1 105 ? 3.357   -16.432 -4.950  1.00 31.76 ? 105 ARG A CG    1 
ATOM   584  C  CD    . ARG A 1 105 ? 3.474   -16.784 -6.416  1.00 36.95 ? 105 ARG A CD    1 
ATOM   585  N  NE    . ARG A 1 105 ? 4.484   -15.976 -7.104  1.00 39.39 ? 105 ARG A NE    1 
ATOM   586  C  CZ    . ARG A 1 105 ? 4.852   -16.153 -8.370  1.00 41.47 ? 105 ARG A CZ    1 
ATOM   587  N  NH1   . ARG A 1 105 ? 4.293   -17.119 -9.096  1.00 42.98 ? 105 ARG A NH1   1 
ATOM   588  N  NH2   . ARG A 1 105 ? 5.781   -15.370 -8.911  1.00 40.68 ? 105 ARG A NH2   1 
ATOM   589  N  N     . TYR A 1 106 ? 6.844   -16.459 -1.765  1.00 29.67 ? 106 TYR A N     1 
ATOM   590  C  CA    . TYR A 1 106 ? 8.012   -17.130 -1.219  1.00 30.35 ? 106 TYR A CA    1 
ATOM   591  C  C     . TYR A 1 106 ? 8.341   -16.694 0.208   1.00 30.78 ? 106 TYR A C     1 
ATOM   592  O  O     . TYR A 1 106 ? 8.768   -15.560 0.446   1.00 29.91 ? 106 TYR A O     1 
ATOM   593  C  CB    . TYR A 1 106 ? 9.189   -16.959 -2.178  1.00 30.73 ? 106 TYR A CB    1 
ATOM   594  C  CG    . TYR A 1 106 ? 8.837   -17.405 -3.581  1.00 31.79 ? 106 TYR A CG    1 
ATOM   595  C  CD1   . TYR A 1 106 ? 8.795   -18.759 -3.909  1.00 32.55 ? 106 TYR A CD1   1 
ATOM   596  C  CD2   . TYR A 1 106 ? 8.515   -16.478 -4.574  1.00 31.25 ? 106 TYR A CD2   1 
ATOM   597  C  CE1   . TYR A 1 106 ? 8.458   -19.178 -5.192  1.00 32.78 ? 106 TYR A CE1   1 
ATOM   598  C  CE2   . TYR A 1 106 ? 8.175   -16.886 -5.855  1.00 32.09 ? 106 TYR A CE2   1 
ATOM   599  C  CZ    . TYR A 1 106 ? 8.149   -18.239 -6.158  1.00 32.77 ? 106 TYR A CZ    1 
ATOM   600  O  OH    . TYR A 1 106 ? 7.815   -18.660 -7.430  1.00 33.59 ? 106 TYR A OH    1 
ATOM   601  N  N     . ALA A 1 107 ? 8.138   -17.617 1.154   1.00 31.09 ? 107 ALA A N     1 
ATOM   602  C  CA    . ALA A 1 107 ? 8.226   -17.308 2.589   1.00 31.59 ? 107 ALA A CA    1 
ATOM   603  C  C     . ALA A 1 107 ? 9.619   -16.893 3.021   1.00 31.62 ? 107 ALA A C     1 
ATOM   604  O  O     . ALA A 1 107 ? 9.779   -16.162 3.998   1.00 31.91 ? 107 ALA A O     1 
ATOM   605  C  CB    . ALA A 1 107 ? 7.736   -18.493 3.440   1.00 31.76 ? 107 ALA A CB    1 
ATOM   606  N  N     . SER A 1 108 ? 10.626  -17.369 2.296   1.00 31.17 ? 108 SER A N     1 
ATOM   607  C  CA    . SER A 1 108 ? 12.008  -17.034 2.597   1.00 30.95 ? 108 SER A CA    1 
ATOM   608  C  C     . SER A 1 108 ? 12.484  -15.735 1.909   1.00 29.48 ? 108 SER A C     1 
ATOM   609  O  O     . SER A 1 108 ? 13.578  -15.244 2.188   1.00 29.70 ? 108 SER A O     1 
ATOM   610  C  CB    . SER A 1 108 ? 12.908  -18.205 2.219   1.00 31.06 ? 108 SER A CB    1 
ATOM   611  O  OG    . SER A 1 108 ? 13.269  -18.126 0.856   1.00 34.53 ? 108 SER A OG    1 
ATOM   612  N  N     . ILE A 1 109 ? 11.674  -15.203 0.993   1.00 27.84 ? 109 ILE A N     1 
ATOM   613  C  CA    . ILE A 1 109 ? 12.029  -13.967 0.275   1.00 26.53 ? 109 ILE A CA    1 
ATOM   614  C  C     . ILE A 1 109 ? 11.253  -12.776 0.834   1.00 25.64 ? 109 ILE A C     1 
ATOM   615  O  O     . ILE A 1 109 ? 11.807  -11.700 1.021   1.00 25.51 ? 109 ILE A O     1 
ATOM   616  C  CB    . ILE A 1 109 ? 11.827  -14.108 -1.270  1.00 26.32 ? 109 ILE A CB    1 
ATOM   617  C  CG1   . ILE A 1 109 ? 12.821  -15.122 -1.842  1.00 26.99 ? 109 ILE A CG1   1 
ATOM   618  C  CG2   . ILE A 1 109 ? 11.998  -12.767 -1.995  1.00 25.45 ? 109 ILE A CG2   1 
ATOM   619  C  CD1   . ILE A 1 109 ? 12.582  -15.449 -3.312  1.00 27.14 ? 109 ILE A CD1   1 
ATOM   620  N  N     . VAL A 1 110 ? 9.973   -12.973 1.121   1.00 24.47 ? 110 VAL A N     1 
ATOM   621  C  CA    . VAL A 1 110 ? 9.122   -11.863 1.574   1.00 23.33 ? 110 VAL A CA    1 
ATOM   622  C  C     . VAL A 1 110 ? 9.621   -11.063 2.812   1.00 22.29 ? 110 VAL A C     1 
ATOM   623  O  O     . VAL A 1 110 ? 9.407   -9.864  2.879   1.00 20.89 ? 110 VAL A O     1 
ATOM   624  C  CB    . VAL A 1 110 ? 7.604   -12.265 1.654   1.00 23.86 ? 110 VAL A CB    1 
ATOM   625  C  CG1   . VAL A 1 110 ? 7.294   -13.131 2.854   1.00 24.42 ? 110 VAL A CG1   1 
ATOM   626  C  CG2   . VAL A 1 110 ? 6.726   -11.029 1.623   1.00 25.00 ? 110 VAL A CG2   1 
ATOM   627  N  N     . PRO A 1 111 ? 10.288  -11.721 3.791   1.00 21.81 ? 111 PRO A N     1 
ATOM   628  C  CA    . PRO A 1 111 ? 10.846  -10.949 4.917   1.00 20.62 ? 111 PRO A CA    1 
ATOM   629  C  C     . PRO A 1 111 ? 11.822  -9.819  4.510   1.00 19.59 ? 111 PRO A C     1 
ATOM   630  O  O     . PRO A 1 111 ? 11.962  -8.836  5.249   1.00 19.26 ? 111 PRO A O     1 
ATOM   631  C  CB    . PRO A 1 111 ? 11.563  -12.023 5.752   1.00 20.95 ? 111 PRO A CB    1 
ATOM   632  C  CG    . PRO A 1 111 ? 10.771  -13.266 5.472   1.00 21.14 ? 111 PRO A CG    1 
ATOM   633  C  CD    . PRO A 1 111 ? 10.528  -13.163 3.977   1.00 22.37 ? 111 PRO A CD    1 
ATOM   634  N  N     . LEU A 1 112 ? 12.466  -9.965  3.354   1.00 18.44 ? 112 LEU A N     1 
ATOM   635  C  CA    . LEU A 1 112 ? 13.355  -8.927  2.818   1.00 17.50 ? 112 LEU A CA    1 
ATOM   636  C  C     . LEU A 1 112 ? 12.556  -7.662  2.517   1.00 16.86 ? 112 LEU A C     1 
ATOM   637  O  O     . LEU A 1 112 ? 13.080  -6.555  2.628   1.00 16.77 ? 112 LEU A O     1 
ATOM   638  C  CB    . LEU A 1 112 ? 14.051  -9.427  1.542   1.00 16.69 ? 112 LEU A CB    1 
ATOM   639  C  CG    . LEU A 1 112 ? 14.935  -10.677 1.698   1.00 18.21 ? 112 LEU A CG    1 
ATOM   640  C  CD1   . LEU A 1 112 ? 15.308  -11.216 0.319   1.00 20.00 ? 112 LEU A CD1   1 
ATOM   641  C  CD2   . LEU A 1 112 ? 16.206  -10.396 2.519   1.00 14.95 ? 112 LEU A CD2   1 
ATOM   642  N  N     . TYR A 1 113 ? 11.288  -7.847  2.139   1.00 16.05 ? 113 TYR A N     1 
ATOM   643  C  CA    . TYR A 1 113 ? 10.373  -6.723  1.860   1.00 16.85 ? 113 TYR A CA    1 
ATOM   644  C  C     . TYR A 1 113 ? 9.844   -6.066  3.124   1.00 17.41 ? 113 TYR A C     1 
ATOM   645  O  O     . TYR A 1 113 ? 9.668   -4.850  3.151   1.00 17.70 ? 113 TYR A O     1 
ATOM   646  C  CB    . TYR A 1 113 ? 9.197   -7.145  0.952   1.00 16.24 ? 113 TYR A CB    1 
ATOM   647  C  CG    . TYR A 1 113 ? 9.627   -7.488  -0.455  1.00 14.93 ? 113 TYR A CG    1 
ATOM   648  C  CD1   . TYR A 1 113 ? 10.172  -8.750  -0.752  1.00 17.95 ? 113 TYR A CD1   1 
ATOM   649  C  CD2   . TYR A 1 113 ? 9.475   -6.569  -1.493  1.00 15.51 ? 113 TYR A CD2   1 
ATOM   650  C  CE1   . TYR A 1 113 ? 10.587  -9.068  -2.039  1.00 15.68 ? 113 TYR A CE1   1 
ATOM   651  C  CE2   . TYR A 1 113 ? 9.892   -6.869  -2.784  1.00 15.38 ? 113 TYR A CE2   1 
ATOM   652  C  CZ    . TYR A 1 113 ? 10.442  -8.126  -3.047  1.00 17.74 ? 113 TYR A CZ    1 
ATOM   653  O  OH    . TYR A 1 113 ? 10.859  -8.426  -4.326  1.00 17.75 ? 113 TYR A OH    1 
ATOM   654  N  N     . TYR A 1 114 ? 9.577   -6.865  4.155   1.00 18.38 ? 114 TYR A N     1 
ATOM   655  C  CA    . TYR A 1 114 ? 9.056   -6.363  5.427   1.00 19.44 ? 114 TYR A CA    1 
ATOM   656  C  C     . TYR A 1 114 ? 10.079  -5.681  6.311   1.00 18.58 ? 114 TYR A C     1 
ATOM   657  O  O     . TYR A 1 114 ? 9.740   -4.710  6.989   1.00 17.31 ? 114 TYR A O     1 
ATOM   658  C  CB    . TYR A 1 114 ? 8.462   -7.500  6.273   1.00 21.26 ? 114 TYR A CB    1 
ATOM   659  C  CG    . TYR A 1 114 ? 7.322   -8.254  5.659   1.00 23.91 ? 114 TYR A CG    1 
ATOM   660  C  CD1   . TYR A 1 114 ? 6.596   -7.739  4.577   1.00 25.37 ? 114 TYR A CD1   1 
ATOM   661  C  CD2   . TYR A 1 114 ? 6.932   -9.485  6.191   1.00 26.44 ? 114 TYR A CD2   1 
ATOM   662  C  CE1   . TYR A 1 114 ? 5.517   -8.446  4.022   1.00 26.74 ? 114 TYR A CE1   1 
ATOM   663  C  CE2   . TYR A 1 114 ? 5.854   -10.191 5.661   1.00 29.11 ? 114 TYR A CE2   1 
ATOM   664  C  CZ    . TYR A 1 114 ? 5.156   -9.669  4.577   1.00 27.99 ? 114 TYR A CZ    1 
ATOM   665  O  OH    . TYR A 1 114 ? 4.105   -10.398 4.052   1.00 29.82 ? 114 TYR A OH    1 
ATOM   666  N  N     . ARG A 1 115 ? 11.302  -6.230  6.362   1.00 17.51 ? 115 ARG A N     1 
ATOM   667  C  CA    . ARG A 1 115 ? 12.312  -5.772  7.323   1.00 17.22 ? 115 ARG A CA    1 
ATOM   668  C  C     . ARG A 1 115 ? 12.674  -4.296  7.181   1.00 16.87 ? 115 ARG A C     1 
ATOM   669  O  O     . ARG A 1 115 ? 13.096  -3.851  6.109   1.00 16.48 ? 115 ARG A O     1 
ATOM   670  C  CB    . ARG A 1 115 ? 13.580  -6.624  7.263   1.00 17.87 ? 115 ARG A CB    1 
ATOM   671  C  CG    . ARG A 1 115 ? 14.397  -6.461  8.519   1.00 18.03 ? 115 ARG A CG    1 
ATOM   672  C  CD    . ARG A 1 115 ? 15.515  -7.437  8.580   1.00 18.79 ? 115 ARG A CD    1 
ATOM   673  N  NE    . ARG A 1 115 ? 16.395  -7.153  9.715   1.00 18.11 ? 115 ARG A NE    1 
ATOM   674  C  CZ    . ARG A 1 115 ? 16.314  -7.759  10.904  1.00 20.56 ? 115 ARG A CZ    1 
ATOM   675  N  NH1   . ARG A 1 115 ? 15.410  -8.712  11.122  1.00 18.24 ? 115 ARG A NH1   1 
ATOM   676  N  NH2   . ARG A 1 115 ? 17.176  -7.445  11.860  1.00 18.94 ? 115 ARG A NH2   1 
ATOM   677  N  N     . GLY A 1 116 ? 12.479  -3.550  8.266   1.00 15.88 ? 116 GLY A N     1 
ATOM   678  C  CA    . GLY A 1 116 ? 12.781  -2.126  8.284   1.00 15.66 ? 116 GLY A CA    1 
ATOM   679  C  C     . GLY A 1 116 ? 11.767  -1.250  7.561   1.00 15.09 ? 116 GLY A C     1 
ATOM   680  O  O     . GLY A 1 116 ? 12.019  -0.068  7.355   1.00 14.97 ? 116 GLY A O     1 
ATOM   681  N  N     . ALA A 1 117 ? 10.634  -1.820  7.151   1.00 15.01 ? 117 ALA A N     1 
ATOM   682  C  CA    . ALA A 1 117 ? 9.591   -1.018  6.502   1.00 14.90 ? 117 ALA A CA    1 
ATOM   683  C  C     . ALA A 1 117 ? 8.845   -0.197  7.546   1.00 15.19 ? 117 ALA A C     1 
ATOM   684  O  O     . ALA A 1 117 ? 8.555   -0.689  8.646   1.00 15.10 ? 117 ALA A O     1 
ATOM   685  C  CB    . ALA A 1 117 ? 8.617   -1.899  5.723   1.00 15.22 ? 117 ALA A CB    1 
ATOM   686  N  N     . THR A 1 118 ? 8.565   1.057   7.206   1.00 14.90 ? 118 THR A N     1 
ATOM   687  C  CA    . THR A 1 118 ? 7.742   1.951   8.034   1.00 15.52 ? 118 THR A CA    1 
ATOM   688  C  C     . THR A 1 118 ? 6.278   1.677   7.750   1.00 15.50 ? 118 THR A C     1 
ATOM   689  O  O     . THR A 1 118 ? 5.458   1.629   8.662   1.00 15.78 ? 118 THR A O     1 
ATOM   690  C  CB    . THR A 1 118 ? 8.044   3.443   7.711   1.00 15.78 ? 118 THR A CB    1 
ATOM   691  O  OG1   . THR A 1 118 ? 9.412   3.713   8.013   1.00 15.72 ? 118 THR A OG1   1 
ATOM   692  C  CG2   . THR A 1 118 ? 7.134   4.403   8.510   1.00 14.47 ? 118 THR A CG2   1 
ATOM   693  N  N     . CYS A 1 119 ? 5.962   1.478   6.474   1.00 14.95 ? 119 CYS A N     1 
ATOM   694  C  CA    . CYS A 1 119 ? 4.581   1.310   6.040   1.00 14.19 ? 119 CYS A CA    1 
ATOM   695  C  C     . CYS A 1 119 ? 4.379   0.012   5.294   1.00 13.49 ? 119 CYS A C     1 
ATOM   696  O  O     . CYS A 1 119 ? 5.285   -0.485  4.632   1.00 13.69 ? 119 CYS A O     1 
ATOM   697  C  CB    . CYS A 1 119 ? 4.170   2.447   5.101   1.00 14.49 ? 119 CYS A CB    1 
ATOM   698  S  SG    . CYS A 1 119 ? 4.346   4.080   5.796   1.00 15.66 ? 119 CYS A SG    1 
ATOM   699  N  N     . ALA A 1 120 ? 3.174   -0.525  5.387   1.00 13.02 ? 120 ALA A N     1 
ATOM   700  C  CA    . ALA A 1 120 ? 2.779   -1.653  4.572   1.00 13.18 ? 120 ALA A CA    1 
ATOM   701  C  C     . ALA A 1 120 ? 1.454   -1.319  3.921   1.00 13.31 ? 120 ALA A C     1 
ATOM   702  O  O     . ALA A 1 120 ? 0.474   -0.950  4.606   1.00 13.39 ? 120 ALA A O     1 
ATOM   703  C  CB    . ALA A 1 120 ? 2.680   -2.936  5.407   1.00 13.33 ? 120 ALA A CB    1 
ATOM   704  N  N     . ILE A 1 121 ? 1.437   -1.414  2.595   1.00 13.53 ? 121 ILE A N     1 
ATOM   705  C  CA    . ILE A 1 121 ? 0.229   -1.258  1.802   1.00 13.33 ? 121 ILE A CA    1 
ATOM   706  C  C     . ILE A 1 121 ? -0.247  -2.642  1.382   1.00 13.91 ? 121 ILE A C     1 
ATOM   707  O  O     . ILE A 1 121 ? 0.405   -3.318  0.564   1.00 14.00 ? 121 ILE A O     1 
ATOM   708  C  CB    . ILE A 1 121 ? 0.469   -0.392  0.528   1.00 12.59 ? 121 ILE A CB    1 
ATOM   709  C  CG1   . ILE A 1 121 ? 1.063   0.971   0.878   1.00 13.60 ? 121 ILE A CG1   1 
ATOM   710  C  CG2   . ILE A 1 121 ? -0.840  -0.209  -0.281  1.00 12.57 ? 121 ILE A CG2   1 
ATOM   711  C  CD1   . ILE A 1 121 ? 1.567   1.748   -0.385  1.00 13.38 ? 121 ILE A CD1   1 
ATOM   712  N  N     . VAL A 1 122 ? -1.375  -3.071  1.947   1.00 14.10 ? 122 VAL A N     1 
ATOM   713  C  CA    . VAL A 1 122 ? -1.900  -4.414  1.673   1.00 14.57 ? 122 VAL A CA    1 
ATOM   714  C  C     . VAL A 1 122 ? -3.136  -4.284  0.787   1.00 14.87 ? 122 VAL A C     1 
ATOM   715  O  O     . VAL A 1 122 ? -4.174  -3.754  1.218   1.00 15.88 ? 122 VAL A O     1 
ATOM   716  C  CB    . VAL A 1 122 ? -2.232  -5.218  2.963   1.00 14.56 ? 122 VAL A CB    1 
ATOM   717  C  CG1   . VAL A 1 122 ? -2.561  -6.667  2.596   1.00 14.70 ? 122 VAL A CG1   1 
ATOM   718  C  CG2   . VAL A 1 122 ? -1.057  -5.197  3.935   1.00 13.41 ? 122 VAL A CG2   1 
ATOM   719  N  N     . VAL A 1 123 ? -3.010  -4.751  -0.449  1.00 14.77 ? 123 VAL A N     1 
ATOM   720  C  CA    . VAL A 1 123 ? -4.002  -4.490  -1.489  1.00 14.88 ? 123 VAL A CA    1 
ATOM   721  C  C     . VAL A 1 123 ? -4.817  -5.758  -1.762  1.00 15.33 ? 123 VAL A C     1 
ATOM   722  O  O     . VAL A 1 123 ? -4.283  -6.848  -1.778  1.00 15.54 ? 123 VAL A O     1 
ATOM   723  C  CB    . VAL A 1 123 ? -3.296  -4.039  -2.823  1.00 14.37 ? 123 VAL A CB    1 
ATOM   724  C  CG1   . VAL A 1 123 ? -4.322  -3.683  -3.906  1.00 14.35 ? 123 VAL A CG1   1 
ATOM   725  C  CG2   . VAL A 1 123 ? -2.353  -2.883  -2.553  1.00 14.70 ? 123 VAL A CG2   1 
ATOM   726  N  N     . PHE A 1 124 ? -6.118  -5.599  -1.966  1.00 16.35 ? 124 PHE A N     1 
ATOM   727  C  CA    . PHE A 1 124 ? -6.941  -6.692  -2.479  1.00 17.17 ? 124 PHE A CA    1 
ATOM   728  C  C     . PHE A 1 124 ? -7.844  -6.150  -3.590  1.00 17.90 ? 124 PHE A C     1 
ATOM   729  O  O     . PHE A 1 124 ? -7.906  -4.933  -3.826  1.00 18.36 ? 124 PHE A O     1 
ATOM   730  C  CB    . PHE A 1 124 ? -7.718  -7.397  -1.345  1.00 16.79 ? 124 PHE A CB    1 
ATOM   731  C  CG    . PHE A 1 124 ? -8.872  -6.574  -0.784  1.00 16.61 ? 124 PHE A CG    1 
ATOM   732  C  CD1   . PHE A 1 124 ? -8.648  -5.631  0.220   1.00 15.04 ? 124 PHE A CD1   1 
ATOM   733  C  CD2   . PHE A 1 124 ? -10.168 -6.757  -1.256  1.00 15.23 ? 124 PHE A CD2   1 
ATOM   734  C  CE1   . PHE A 1 124 ? -9.688  -4.856  0.729   1.00 14.04 ? 124 PHE A CE1   1 
ATOM   735  C  CE2   . PHE A 1 124 ? -11.231 -5.979  -0.757  1.00 17.09 ? 124 PHE A CE2   1 
ATOM   736  C  CZ    . PHE A 1 124 ? -10.985 -5.031  0.242   1.00 15.76 ? 124 PHE A CZ    1 
ATOM   737  N  N     . ASP A 1 125 ? -8.505  -7.073  -4.283  1.00 19.53 ? 125 ASP A N     1 
ATOM   738  C  CA    . ASP A 1 125 ? -9.367  -6.777  -5.425  1.00 20.24 ? 125 ASP A CA    1 
ATOM   739  C  C     . ASP A 1 125 ? -10.793 -7.017  -4.925  1.00 20.51 ? 125 ASP A C     1 
ATOM   740  O  O     . ASP A 1 125 ? -11.127 -8.117  -4.467  1.00 20.65 ? 125 ASP A O     1 
ATOM   741  C  CB    . ASP A 1 125 ? -8.968  -7.729  -6.580  1.00 20.20 ? 125 ASP A CB    1 
ATOM   742  C  CG    . ASP A 1 125 ? -9.909  -7.679  -7.784  1.00 21.27 ? 125 ASP A CG    1 
ATOM   743  O  OD1   . ASP A 1 125 ? -10.934 -6.951  -7.780  1.00 18.94 ? 125 ASP A OD1   1 
ATOM   744  O  OD2   . ASP A 1 125 ? -9.604  -8.429  -8.749  1.00 20.57 ? 125 ASP A OD2   1 
ATOM   745  N  N     . ILE A 1 126 ? -11.617 -5.978  -4.989  1.00 21.58 ? 126 ILE A N     1 
ATOM   746  C  CA    . ILE A 1 126 ? -12.999 -6.051  -4.486  1.00 22.97 ? 126 ILE A CA    1 
ATOM   747  C  C     . ILE A 1 126 ? -13.857 -7.116  -5.192  1.00 23.50 ? 126 ILE A C     1 
ATOM   748  O  O     . ILE A 1 126 ? -14.869 -7.568  -4.640  1.00 23.52 ? 126 ILE A O     1 
ATOM   749  C  CB    . ILE A 1 126 ? -13.719 -4.667  -4.450  1.00 22.43 ? 126 ILE A CB    1 
ATOM   750  C  CG1   . ILE A 1 126 ? -13.711 -3.968  -5.813  1.00 24.07 ? 126 ILE A CG1   1 
ATOM   751  C  CG2   . ILE A 1 126 ? -13.102 -3.761  -3.389  1.00 22.94 ? 126 ILE A CG2   1 
ATOM   752  C  CD1   . ILE A 1 126 ? -14.897 -4.336  -6.713  1.00 24.21 ? 126 ILE A CD1   1 
ATOM   753  N  N     . SER A 1 127 ? -13.431 -7.512  -6.396  1.00 23.93 ? 127 SER A N     1 
ATOM   754  C  CA    . SER A 1 127 ? -14.164 -8.479  -7.224  1.00 24.55 ? 127 SER A CA    1 
ATOM   755  C  C     . SER A 1 127 ? -13.714 -9.921  -7.012  1.00 24.49 ? 127 SER A C     1 
ATOM   756  O  O     . SER A 1 127 ? -14.250 -10.854 -7.620  1.00 24.93 ? 127 SER A O     1 
ATOM   757  C  CB    . SER A 1 127 ? -14.056 -8.105  -8.705  1.00 24.72 ? 127 SER A CB    1 
ATOM   758  O  OG    . SER A 1 127 ? -12.730 -8.269  -9.199  1.00 26.40 ? 127 SER A OG    1 
ATOM   759  N  N     . ASN A 1 128 ? -12.727 -10.103 -6.149  1.00 24.05 ? 128 ASN A N     1 
ATOM   760  C  CA    . ASN A 1 128 ? -12.183 -11.412 -5.885  1.00 24.36 ? 128 ASN A CA    1 
ATOM   761  C  C     . ASN A 1 128 ? -11.948 -11.593 -4.376  1.00 24.30 ? 128 ASN A C     1 
ATOM   762  O  O     . ASN A 1 128 ? -10.940 -11.119 -3.832  1.00 23.61 ? 128 ASN A O     1 
ATOM   763  C  CB    . ASN A 1 128 ? -10.888 -11.606 -6.687  1.00 24.29 ? 128 ASN A CB    1 
ATOM   764  C  CG    . ASN A 1 128 ? -10.363 -13.018 -6.613  1.00 24.87 ? 128 ASN A CG    1 
ATOM   765  O  OD1   . ASN A 1 128 ? -10.827 -13.825 -5.811  1.00 27.94 ? 128 ASN A OD1   1 
ATOM   766  N  ND2   . ASN A 1 128 ? -9.376  -13.327 -7.443  1.00 26.68 ? 128 ASN A ND2   1 
ATOM   767  N  N     . SER A 1 129 ? -12.873 -12.289 -3.709  1.00 23.85 ? 129 SER A N     1 
ATOM   768  C  CA    . SER A 1 129 ? -12.834 -12.400 -2.246  1.00 23.46 ? 129 SER A CA    1 
ATOM   769  C  C     . SER A 1 129 ? -11.619 -13.164 -1.730  1.00 22.90 ? 129 SER A C     1 
ATOM   770  O  O     . SER A 1 129 ? -11.120 -12.859 -0.649  1.00 22.55 ? 129 SER A O     1 
ATOM   771  C  CB    . SER A 1 129 ? -14.157 -12.966 -1.667  1.00 24.10 ? 129 SER A CB    1 
ATOM   772  O  OG    . SER A 1 129 ? -14.336 -14.333 -2.004  1.00 25.09 ? 129 SER A OG    1 
ATOM   773  N  N     . ASN A 1 130 ? -11.133 -14.133 -2.508  1.00 22.60 ? 130 ASN A N     1 
ATOM   774  C  CA    . ASN A 1 130 ? -9.917  -14.867 -2.172  1.00 21.86 ? 130 ASN A CA    1 
ATOM   775  C  C     . ASN A 1 130 ? -8.734  -13.933 -1.862  1.00 20.71 ? 130 ASN A C     1 
ATOM   776  O  O     . ASN A 1 130 ? -7.912  -14.224 -0.990  1.00 19.65 ? 130 ASN A O     1 
ATOM   777  C  CB    . ASN A 1 130 ? -9.531  -15.830 -3.301  1.00 22.60 ? 130 ASN A CB    1 
ATOM   778  C  CG    . ASN A 1 130 ? -10.452 -17.053 -3.392  1.00 26.14 ? 130 ASN A CG    1 
ATOM   779  O  OD1   . ASN A 1 130 ? -11.199 -17.371 -2.458  1.00 29.19 ? 130 ASN A OD1   1 
ATOM   780  N  ND2   . ASN A 1 130 ? -10.388 -17.754 -4.532  1.00 28.64 ? 130 ASN A ND2   1 
ATOM   781  N  N     . THR A 1 131 ? -8.661  -12.817 -2.579  1.00 19.77 ? 131 THR A N     1 
ATOM   782  C  CA    . THR A 1 131 ? -7.568  -11.863 -2.400  1.00 19.44 ? 131 THR A CA    1 
ATOM   783  C  C     . THR A 1 131 ? -7.728  -11.097 -1.078  1.00 19.19 ? 131 THR A C     1 
ATOM   784  O  O     . THR A 1 131 ? -6.732  -10.710 -0.473  1.00 18.81 ? 131 THR A O     1 
ATOM   785  C  CB    . THR A 1 131 ? -7.417  -10.902 -3.595  1.00 19.19 ? 131 THR A CB    1 
ATOM   786  O  OG1   . THR A 1 131 ? -8.495  -9.958  -3.621  1.00 18.02 ? 131 THR A OG1   1 
ATOM   787  C  CG2   . THR A 1 131 ? -7.371  -11.674 -4.923  1.00 18.87 ? 131 THR A CG2   1 
ATOM   788  N  N     . LEU A 1 132 ? -8.970  -10.897 -0.640  1.00 19.29 ? 132 LEU A N     1 
ATOM   789  C  CA    . LEU A 1 132 ? -9.237  -10.366 0.708   1.00 19.79 ? 132 LEU A CA    1 
ATOM   790  C  C     . LEU A 1 132 ? -8.749  -11.325 1.807   1.00 20.14 ? 132 LEU A C     1 
ATOM   791  O  O     . LEU A 1 132 ? -8.079  -10.908 2.761   1.00 20.15 ? 132 LEU A O     1 
ATOM   792  C  CB    . LEU A 1 132 ? -10.731 -10.034 0.913   1.00 19.38 ? 132 LEU A CB    1 
ATOM   793  C  CG    . LEU A 1 132 ? -11.090 -9.519  2.330   1.00 19.79 ? 132 LEU A CG    1 
ATOM   794  C  CD1   . LEU A 1 132 ? -10.277 -8.293  2.736   1.00 19.74 ? 132 LEU A CD1   1 
ATOM   795  C  CD2   . LEU A 1 132 ? -12.582 -9.226  2.474   1.00 20.55 ? 132 LEU A CD2   1 
ATOM   796  N  N     . ASP A 1 133 ? -9.090  -12.602 1.671   1.00 21.12 ? 133 ASP A N     1 
ATOM   797  C  CA    . ASP A 1 133 ? -8.664  -13.621 2.630   1.00 22.26 ? 133 ASP A CA    1 
ATOM   798  C  C     . ASP A 1 133 ? -7.136  -13.648 2.790   1.00 22.18 ? 133 ASP A C     1 
ATOM   799  O  O     . ASP A 1 133 ? -6.621  -13.753 3.906   1.00 22.15 ? 133 ASP A O     1 
ATOM   800  C  CB    . ASP A 1 133 ? -9.165  -15.006 2.196   1.00 22.98 ? 133 ASP A CB    1 
ATOM   801  C  CG    . ASP A 1 133 ? -10.690 -15.102 2.122   1.00 25.86 ? 133 ASP A CG    1 
ATOM   802  O  OD1   . ASP A 1 133 ? -11.408 -14.355 2.839   1.00 26.72 ? 133 ASP A OD1   1 
ATOM   803  O  OD2   . ASP A 1 133 ? -11.166 -15.958 1.338   1.00 29.47 ? 133 ASP A OD2   1 
ATOM   804  N  N     . ARG A 1 134 ? -6.410  -13.566 1.677   1.00 21.62 ? 134 ARG A N     1 
ATOM   805  C  CA    . ARG A 1 134 ? -4.943  -13.487 1.731   1.00 21.40 ? 134 ARG A CA    1 
ATOM   806  C  C     . ARG A 1 134 ? -4.431  -12.200 2.388   1.00 20.27 ? 134 ARG A C     1 
ATOM   807  O  O     . ARG A 1 134 ? -3.469  -12.228 3.157   1.00 19.90 ? 134 ARG A O     1 
ATOM   808  C  CB    . ARG A 1 134 ? -4.337  -13.650 0.328   1.00 22.48 ? 134 ARG A CB    1 
ATOM   809  C  CG    . ARG A 1 134 ? -4.227  -15.119 -0.129  1.00 26.85 ? 134 ARG A CG    1 
ATOM   810  C  CD    . ARG A 1 134 ? -2.820  -15.691 0.140   1.00 34.04 ? 134 ARG A CD    1 
ATOM   811  N  NE    . ARG A 1 134 ? -2.253  -15.222 1.407   1.00 38.71 ? 134 ARG A NE    1 
ATOM   812  C  CZ    . ARG A 1 134 ? -1.026  -15.495 1.853   1.00 41.32 ? 134 ARG A CZ    1 
ATOM   813  N  NH1   . ARG A 1 134 ? -0.200  -16.256 1.145   1.00 41.69 ? 134 ARG A NH1   1 
ATOM   814  N  NH2   . ARG A 1 134 ? -0.624  -14.996 3.019   1.00 42.20 ? 134 ARG A NH2   1 
ATOM   815  N  N     . ALA A 1 135 ? -5.056  -11.074 2.068   1.00 19.65 ? 135 ALA A N     1 
ATOM   816  C  CA    . ALA A 1 135 ? -4.703  -9.800  2.682   1.00 19.65 ? 135 ALA A CA    1 
ATOM   817  C  C     . ALA A 1 135 ? -4.823  -9.858  4.206   1.00 19.72 ? 135 ALA A C     1 
ATOM   818  O  O     . ALA A 1 135 ? -3.960  -9.338  4.904   1.00 19.20 ? 135 ALA A O     1 
ATOM   819  C  CB    . ALA A 1 135 ? -5.559  -8.668  2.122   1.00 19.17 ? 135 ALA A CB    1 
ATOM   820  N  N     . LYS A 1 136 ? -5.883  -10.499 4.712   1.00 19.61 ? 136 LYS A N     1 
ATOM   821  C  CA    . LYS A 1 136 ? -6.085  -10.637 6.166   1.00 19.99 ? 136 LYS A CA    1 
ATOM   822  C  C     . LYS A 1 136 ? -4.955  -11.427 6.823   1.00 20.33 ? 136 LYS A C     1 
ATOM   823  O  O     . LYS A 1 136 ? -4.460  -11.035 7.887   1.00 19.63 ? 136 LYS A O     1 
ATOM   824  C  CB    . LYS A 1 136 ? -7.432  -11.289 6.477   1.00 20.15 ? 136 LYS A CB    1 
ATOM   825  C  CG    . LYS A 1 136 ? -8.613  -10.364 6.228   1.00 20.42 ? 136 LYS A CG    1 
ATOM   826  C  CD    . LYS A 1 136 ? -9.888  -10.909 6.847   1.00 21.49 ? 136 LYS A CD    1 
ATOM   827  C  CE    . LYS A 1 136 ? -11.079 -10.063 6.462   1.00 22.83 ? 136 LYS A CE    1 
ATOM   828  N  NZ    . LYS A 1 136 ? -12.347 -10.712 6.943   1.00 21.65 ? 136 LYS A NZ    1 
ATOM   829  N  N     . THR A 1 137 ? -4.567  -12.537 6.187   1.00 20.43 ? 137 THR A N     1 
ATOM   830  C  CA    . THR A 1 137 ? -3.421  -13.363 6.625   1.00 21.00 ? 137 THR A CA    1 
ATOM   831  C  C     . THR A 1 137 ? -2.147  -12.512 6.682   1.00 19.76 ? 137 THR A C     1 
ATOM   832  O  O     . THR A 1 137 ? -1.375  -12.590 7.647   1.00 19.79 ? 137 THR A O     1 
ATOM   833  C  CB    . THR A 1 137 ? -3.205  -14.601 5.699   1.00 21.01 ? 137 THR A CB    1 
ATOM   834  O  OG1   . THR A 1 137 ? -4.389  -15.412 5.681   1.00 22.91 ? 137 THR A OG1   1 
ATOM   835  C  CG2   . THR A 1 137 ? -2.031  -15.449 6.164   1.00 21.78 ? 137 THR A CG2   1 
ATOM   836  N  N     . TRP A 1 138 ? -1.946  -11.670 5.672   1.00 18.96 ? 138 TRP A N     1 
ATOM   837  C  CA    . TRP A 1 138 ? -0.758  -10.814 5.664   1.00 17.91 ? 138 TRP A CA    1 
ATOM   838  C  C     . TRP A 1 138 ? -0.768  -9.748  6.754   1.00 17.67 ? 138 TRP A C     1 
ATOM   839  O  O     . TRP A 1 138 ? 0.278   -9.471  7.357   1.00 17.22 ? 138 TRP A O     1 
ATOM   840  C  CB    . TRP A 1 138 ? -0.523  -10.166 4.296   1.00 18.40 ? 138 TRP A CB    1 
ATOM   841  C  CG    . TRP A 1 138 ? 0.114   -11.107 3.319   1.00 18.72 ? 138 TRP A CG    1 
ATOM   842  C  CD1   . TRP A 1 138 ? 1.214   -11.909 3.530   1.00 19.81 ? 138 TRP A CD1   1 
ATOM   843  C  CD2   . TRP A 1 138 ? -0.291  -11.325 1.972   1.00 19.40 ? 138 TRP A CD2   1 
ATOM   844  N  NE1   . TRP A 1 138 ? 1.495   -12.634 2.392   1.00 18.11 ? 138 TRP A NE1   1 
ATOM   845  C  CE2   . TRP A 1 138 ? 0.587   -12.299 1.421   1.00 20.27 ? 138 TRP A CE2   1 
ATOM   846  C  CE3   . TRP A 1 138 ? -1.328  -10.809 1.178   1.00 18.75 ? 138 TRP A CE3   1 
ATOM   847  C  CZ2   . TRP A 1 138 ? 0.472   -12.754 0.092   1.00 19.56 ? 138 TRP A CZ2   1 
ATOM   848  C  CZ3   . TRP A 1 138 ? -1.450  -11.263 -0.137  1.00 20.49 ? 138 TRP A CZ3   1 
ATOM   849  C  CH2   . TRP A 1 138 ? -0.549  -12.232 -0.667  1.00 20.48 ? 138 TRP A CH2   1 
ATOM   850  N  N     . VAL A 1 139 ? -1.936  -9.160  6.997   1.00 16.99 ? 139 VAL A N     1 
ATOM   851  C  CA    . VAL A 1 139 ? -2.086  -8.169  8.067   1.00 17.32 ? 139 VAL A CA    1 
ATOM   852  C  C     . VAL A 1 139 ? -1.704  -8.776  9.426   1.00 17.46 ? 139 VAL A C     1 
ATOM   853  O  O     . VAL A 1 139 ? -0.955  -8.165  10.194  1.00 17.41 ? 139 VAL A O     1 
ATOM   854  C  CB    . VAL A 1 139 ? -3.511  -7.575  8.108   1.00 17.41 ? 139 VAL A CB    1 
ATOM   855  C  CG1   . VAL A 1 139 ? -3.774  -6.826  9.428   1.00 16.20 ? 139 VAL A CG1   1 
ATOM   856  C  CG2   . VAL A 1 139 ? -3.781  -6.661  6.870   1.00 16.49 ? 139 VAL A CG2   1 
ATOM   857  N  N     . ASN A 1 140 ? -2.205  -9.981  9.699   1.00 19.05 ? 140 ASN A N     1 
ATOM   858  C  CA    . ASN A 1 140 ? -1.850  -10.720 10.920  1.00 20.37 ? 140 ASN A CA    1 
ATOM   859  C  C     . ASN A 1 140 ? -0.359  -10.990 11.065  1.00 20.38 ? 140 ASN A C     1 
ATOM   860  O  O     . ASN A 1 140 ? 0.202   -10.807 12.137  1.00 20.03 ? 140 ASN A O     1 
ATOM   861  C  CB    . ASN A 1 140 ? -2.695  -12.006 11.044  1.00 21.33 ? 140 ASN A CB    1 
ATOM   862  C  CG    . ASN A 1 140 ? -4.158  -11.711 11.319  1.00 24.39 ? 140 ASN A CG    1 
ATOM   863  O  OD1   . ASN A 1 140 ? -4.492  -10.715 11.958  1.00 29.67 ? 140 ASN A OD1   1 
ATOM   864  N  ND2   . ASN A 1 140 ? -5.037  -12.566 10.828  1.00 28.24 ? 140 ASN A ND2   1 
ATOM   865  N  N     . GLN A 1 141 ? 0.297   -11.380 9.968   1.00 20.77 ? 141 GLN A N     1 
ATOM   866  C  CA    . GLN A 1 141 ? 1.742   -11.579 9.965   1.00 21.03 ? 141 GLN A CA    1 
ATOM   867  C  C     . GLN A 1 141 ? 2.480   -10.280 10.237  1.00 20.22 ? 141 GLN A C     1 
ATOM   868  O  O     . GLN A 1 141 ? 3.449   -10.248 11.000  1.00 19.61 ? 141 GLN A O     1 
ATOM   869  C  CB    . GLN A 1 141 ? 2.222   -12.094 8.607   1.00 21.11 ? 141 GLN A CB    1 
ATOM   870  C  CG    . GLN A 1 141 ? 2.011   -13.545 8.332   1.00 23.40 ? 141 GLN A CG    1 
ATOM   871  C  CD    . GLN A 1 141 ? 2.725   -13.997 7.052   1.00 24.05 ? 141 GLN A CD    1 
ATOM   872  O  OE1   . GLN A 1 141 ? 3.018   -13.194 6.161   1.00 29.37 ? 141 GLN A OE1   1 
ATOM   873  N  NE2   . GLN A 1 141 ? 3.026   -15.285 6.977   1.00 29.11 ? 141 GLN A NE2   1 
ATOM   874  N  N     . LEU A 1 142 ? 2.044   -9.205  9.583   1.00 19.32 ? 142 LEU A N     1 
ATOM   875  C  CA    . LEU A 1 142 ? 2.712   -7.911  9.756   1.00 18.86 ? 142 LEU A CA    1 
ATOM   876  C  C     . LEU A 1 142 ? 2.582   -7.357  11.180  1.00 18.43 ? 142 LEU A C     1 
ATOM   877  O  O     . LEU A 1 142 ? 3.567   -6.856  11.754  1.00 17.84 ? 142 LEU A O     1 
ATOM   878  C  CB    . LEU A 1 142 ? 2.191   -6.886  8.744   1.00 17.88 ? 142 LEU A CB    1 
ATOM   879  C  CG    . LEU A 1 142 ? 2.603   -7.026  7.278   1.00 18.06 ? 142 LEU A CG    1 
ATOM   880  C  CD1   . LEU A 1 142 ? 1.547   -6.331  6.416   1.00 16.28 ? 142 LEU A CD1   1 
ATOM   881  C  CD2   . LEU A 1 142 ? 3.973   -6.406  7.045   1.00 18.67 ? 142 LEU A CD2   1 
ATOM   882  N  N     . LYS A 1 143 ? 1.386   -7.457  11.753  1.00 18.81 ? 143 LYS A N     1 
ATOM   883  C  CA    . LYS A 1 143 ? 1.153   -7.005  13.142  1.00 19.43 ? 143 LYS A CA    1 
ATOM   884  C  C     . LYS A 1 143 ? 2.071   -7.685  14.151  1.00 19.31 ? 143 LYS A C     1 
ATOM   885  O  O     . LYS A 1 143 ? 2.485   -7.070  15.119  1.00 19.78 ? 143 LYS A O     1 
ATOM   886  C  CB    . LYS A 1 143 ? -0.315  -7.176  13.553  1.00 20.00 ? 143 LYS A CB    1 
ATOM   887  C  CG    . LYS A 1 143 ? -1.251  -6.337  12.702  1.00 22.83 ? 143 LYS A CG    1 
ATOM   888  C  CD    . LYS A 1 143 ? -2.702  -6.510  13.078  1.00 28.51 ? 143 LYS A CD    1 
ATOM   889  C  CE    . LYS A 1 143 ? -3.233  -5.255  13.714  1.00 31.07 ? 143 LYS A CE    1 
ATOM   890  N  NZ    . LYS A 1 143 ? -2.666  -4.962  15.066  1.00 35.02 ? 143 LYS A NZ    1 
ATOM   891  N  N     . ILE A 1 144 ? 2.409   -8.939  13.906  1.00 19.90 ? 144 ILE A N     1 
ATOM   892  C  CA    . ILE A 1 144 ? 3.384   -9.648  14.740  1.00 20.26 ? 144 ILE A CA    1 
ATOM   893  C  C     . ILE A 1 144 ? 4.833   -9.293  14.441  1.00 20.39 ? 144 ILE A C     1 
ATOM   894  O  O     . ILE A 1 144 ? 5.656   -9.132  15.363  1.00 19.76 ? 144 ILE A O     1 
ATOM   895  C  CB    . ILE A 1 144 ? 3.156   -11.177 14.671  1.00 20.77 ? 144 ILE A CB    1 
ATOM   896  C  CG1   . ILE A 1 144 ? 2.001   -11.536 15.613  1.00 21.46 ? 144 ILE A CG1   1 
ATOM   897  C  CG2   . ILE A 1 144 ? 4.413   -11.950 15.091  1.00 21.11 ? 144 ILE A CG2   1 
ATOM   898  C  CD1   . ILE A 1 144 ? 1.238   -12.764 15.237  1.00 24.99 ? 144 ILE A CD1   1 
ATOM   899  N  N     . SER A 1 145 ? 5.149   -9.176  13.151  1.00 20.62 ? 145 SER A N     1 
ATOM   900  C  CA    . SER A 1 145 ? 6.514   -8.899  12.709  1.00 20.65 ? 145 SER A CA    1 
ATOM   901  C  C     . SER A 1 145 ? 7.111   -7.632  13.317  1.00 20.44 ? 145 SER A C     1 
ATOM   902  O  O     . SER A 1 145 ? 8.210   -7.658  13.881  1.00 19.73 ? 145 SER A O     1 
ATOM   903  C  CB    . SER A 1 145 ? 6.587   -8.838  11.176  1.00 20.78 ? 145 SER A CB    1 
ATOM   904  O  OG    . SER A 1 145 ? 7.881   -8.388  10.773  1.00 24.05 ? 145 SER A OG    1 
ATOM   905  N  N     . SER A 1 146 ? 6.398   -6.516  13.226  1.00 20.01 ? 146 SER A N     1 
ATOM   906  C  CA    . SER A 1 146 ? 6.971   -5.260  13.686  1.00 19.41 ? 146 SER A CA    1 
ATOM   907  C  C     . SER A 1 146 ? 5.901   -4.182  13.793  1.00 18.30 ? 146 SER A C     1 
ATOM   908  O  O     . SER A 1 146 ? 4.736   -4.447  13.554  1.00 18.53 ? 146 SER A O     1 
ATOM   909  C  CB    . SER A 1 146 ? 8.118   -4.828  12.743  1.00 19.54 ? 146 SER A CB    1 
ATOM   910  O  OG    . SER A 1 146 ? 8.839   -3.730  13.283  1.00 21.74 ? 146 SER A OG    1 
ATOM   911  N  N     . ASN A 1 147 ? 6.287   -2.970  14.164  1.00 18.18 ? 147 ASN A N     1 
ATOM   912  C  CA    . ASN A 1 147 ? 5.327   -1.873  14.171  1.00 18.04 ? 147 ASN A CA    1 
ATOM   913  C  C     . ASN A 1 147 ? 5.275   -1.324  12.748  1.00 18.02 ? 147 ASN A C     1 
ATOM   914  O  O     . ASN A 1 147 ? 6.251   -0.799  12.252  1.00 19.72 ? 147 ASN A O     1 
ATOM   915  C  CB    . ASN A 1 147 ? 5.703   -0.785  15.205  1.00 17.42 ? 147 ASN A CB    1 
ATOM   916  C  CG    . ASN A 1 147 ? 7.094   -0.201  14.967  1.00 17.49 ? 147 ASN A CG    1 
ATOM   917  O  OD1   . ASN A 1 147 ? 8.076   -0.937  14.867  1.00 18.56 ? 147 ASN A OD1   1 
ATOM   918  N  ND2   . ASN A 1 147 ? 7.179   1.120   14.891  1.00 18.51 ? 147 ASN A ND2   1 
ATOM   919  N  N     . TYR A 1 148 ? 4.170   -1.544  12.054  1.00 17.52 ? 148 TYR A N     1 
ATOM   920  C  CA    . TYR A 1 148 ? 4.009   -0.976  10.728  1.00 17.16 ? 148 TYR A CA    1 
ATOM   921  C  C     . TYR A 1 148 ? 2.824   -0.049  10.775  1.00 16.02 ? 148 TYR A C     1 
ATOM   922  O  O     . TYR A 1 148 ? 1.853   -0.311  11.492  1.00 16.10 ? 148 TYR A O     1 
ATOM   923  C  CB    . TYR A 1 148 ? 3.751   -2.070  9.673   1.00 16.82 ? 148 TYR A CB    1 
ATOM   924  C  CG    . TYR A 1 148 ? 4.877   -3.071  9.541   1.00 17.54 ? 148 TYR A CG    1 
ATOM   925  C  CD1   . TYR A 1 148 ? 6.069   -2.740  8.887   1.00 17.65 ? 148 TYR A CD1   1 
ATOM   926  C  CD2   . TYR A 1 148 ? 4.752   -4.353  10.082  1.00 17.69 ? 148 TYR A CD2   1 
ATOM   927  C  CE1   . TYR A 1 148 ? 7.115   -3.676  8.769   1.00 17.15 ? 148 TYR A CE1   1 
ATOM   928  C  CE2   . TYR A 1 148 ? 5.780   -5.290  9.979   1.00 16.89 ? 148 TYR A CE2   1 
ATOM   929  C  CZ    . TYR A 1 148 ? 6.949   -4.947  9.326   1.00 18.16 ? 148 TYR A CZ    1 
ATOM   930  O  OH    . TYR A 1 148 ? 7.927   -5.886  9.266   1.00 19.26 ? 148 TYR A OH    1 
ATOM   931  N  N     . ILE A 1 149 ? 2.897   1.032   10.011  1.00 16.12 ? 149 ILE A N     1 
ATOM   932  C  CA    . ILE A 1 149 ? 1.681   1.749   9.622   1.00 16.13 ? 149 ILE A CA    1 
ATOM   933  C  C     . ILE A 1 149 ? 1.090   0.984   8.439   1.00 15.50 ? 149 ILE A C     1 
ATOM   934  O  O     . ILE A 1 149 ? 1.688   0.937   7.355   1.00 16.60 ? 149 ILE A O     1 
ATOM   935  C  CB    . ILE A 1 149 ? 1.963   3.234   9.260   1.00 15.90 ? 149 ILE A CB    1 
ATOM   936  C  CG1   . ILE A 1 149 ? 2.571   3.964   10.459  1.00 15.96 ? 149 ILE A CG1   1 
ATOM   937  C  CG2   . ILE A 1 149 ? 0.661   3.915   8.817   1.00 16.35 ? 149 ILE A CG2   1 
ATOM   938  C  CD1   . ILE A 1 149 ? 3.238   5.314   10.104  1.00 16.33 ? 149 ILE A CD1   1 
ATOM   939  N  N     . ILE A 1 150 ? -0.070  0.366   8.661   1.00 15.24 ? 150 ILE A N     1 
ATOM   940  C  CA    . ILE A 1 150 ? -0.696  -0.510  7.661   1.00 14.42 ? 150 ILE A CA    1 
ATOM   941  C  C     . ILE A 1 150 ? -1.933  0.164   7.075   1.00 14.58 ? 150 ILE A C     1 
ATOM   942  O  O     . ILE A 1 150 ? -2.807  0.636   7.814   1.00 15.23 ? 150 ILE A O     1 
ATOM   943  C  CB    . ILE A 1 150 ? -1.091  -1.885  8.242   1.00 13.87 ? 150 ILE A CB    1 
ATOM   944  C  CG1   . ILE A 1 150 ? 0.134   -2.606  8.829   1.00 14.04 ? 150 ILE A CG1   1 
ATOM   945  C  CG2   . ILE A 1 150 ? -1.786  -2.747  7.176   1.00 13.92 ? 150 ILE A CG2   1 
ATOM   946  C  CD1   . ILE A 1 150 ? -0.258  -3.733  9.784   1.00 14.46 ? 150 ILE A CD1   1 
ATOM   947  N  N     . ILE A 1 151 ? -1.976  0.205   5.747   1.00 13.73 ? 151 ILE A N     1 
ATOM   948  C  CA    . ILE A 1 151 ? -3.151  0.636   5.009   1.00 14.05 ? 151 ILE A CA    1 
ATOM   949  C  C     . ILE A 1 151 ? -3.684  -0.517  4.150   1.00 14.41 ? 151 ILE A C     1 
ATOM   950  O  O     . ILE A 1 151 ? -2.949  -1.119  3.340   1.00 14.47 ? 151 ILE A O     1 
ATOM   951  C  CB    . ILE A 1 151 ? -2.914  1.952   4.225   1.00 13.31 ? 151 ILE A CB    1 
ATOM   952  C  CG1   . ILE A 1 151 ? -4.214  2.449   3.568   1.00 14.97 ? 151 ILE A CG1   1 
ATOM   953  C  CG2   . ILE A 1 151 ? -1.723  1.836   3.211   1.00 12.98 ? 151 ILE A CG2   1 
ATOM   954  C  CD1   . ILE A 1 151 ? -4.194  3.997   3.378   1.00 16.78 ? 151 ILE A CD1   1 
ATOM   955  N  N     . LEU A 1 152 ? -4.955  -0.842  4.374   1.00 14.20 ? 152 LEU A N     1 
ATOM   956  C  CA    . LEU A 1 152 ? -5.614  -1.896  3.626   1.00 15.10 ? 152 LEU A CA    1 
ATOM   957  C  C     . LEU A 1 152 ? -6.277  -1.210  2.447   1.00 15.44 ? 152 LEU A C     1 
ATOM   958  O  O     . LEU A 1 152 ? -7.007  -0.228  2.623   1.00 15.17 ? 152 LEU A O     1 
ATOM   959  C  CB    . LEU A 1 152 ? -6.623  -2.636  4.507   1.00 15.11 ? 152 LEU A CB    1 
ATOM   960  C  CG    . LEU A 1 152 ? -7.476  -3.715  3.847   1.00 16.52 ? 152 LEU A CG    1 
ATOM   961  C  CD1   . LEU A 1 152 ? -6.587  -4.905  3.431   1.00 15.72 ? 152 LEU A CD1   1 
ATOM   962  C  CD2   . LEU A 1 152 ? -8.567  -4.180  4.825   1.00 16.03 ? 152 LEU A CD2   1 
ATOM   963  N  N     . VAL A 1 153 ? -5.987  -1.696  1.239   1.00 14.96 ? 153 VAL A N     1 
ATOM   964  C  CA    . VAL A 1 153 ? -6.456  -1.016  0.022   1.00 14.94 ? 153 VAL A CA    1 
ATOM   965  C  C     . VAL A 1 153 ? -7.429  -1.916  -0.731  1.00 15.18 ? 153 VAL A C     1 
ATOM   966  O  O     . VAL A 1 153 ? -7.088  -3.045  -1.118  1.00 15.83 ? 153 VAL A O     1 
ATOM   967  C  CB    . VAL A 1 153 ? -5.287  -0.564  -0.919  1.00 14.22 ? 153 VAL A CB    1 
ATOM   968  C  CG1   . VAL A 1 153 ? -5.819  0.012   -2.266  1.00 13.97 ? 153 VAL A CG1   1 
ATOM   969  C  CG2   . VAL A 1 153 ? -4.381  0.448   -0.229  1.00 14.29 ? 153 VAL A CG2   1 
ATOM   970  N  N     . ALA A 1 154 ? -8.650  -1.409  -0.914  1.00 16.05 ? 154 ALA A N     1 
ATOM   971  C  CA    . ALA A 1 154 ? -9.671  -2.086  -1.708  1.00 16.71 ? 154 ALA A CA    1 
ATOM   972  C  C     . ALA A 1 154 ? -9.584  -1.554  -3.131  1.00 17.47 ? 154 ALA A C     1 
ATOM   973  O  O     . ALA A 1 154 ? -10.163 -0.507  -3.451  1.00 18.38 ? 154 ALA A O     1 
ATOM   974  C  CB    . ALA A 1 154 ? -11.063 -1.843  -1.114  1.00 17.15 ? 154 ALA A CB    1 
ATOM   975  N  N     . ASN A 1 155 ? -8.826  -2.248  -3.981  1.00 16.56 ? 155 ASN A N     1 
ATOM   976  C  CA    . ASN A 1 155 ? -8.644  -1.799  -5.356  1.00 16.85 ? 155 ASN A CA    1 
ATOM   977  C  C     . ASN A 1 155 ? -9.710  -2.357  -6.330  1.00 17.25 ? 155 ASN A C     1 
ATOM   978  O  O     . ASN A 1 155 ? -10.354 -3.373  -6.051  1.00 17.63 ? 155 ASN A O     1 
ATOM   979  C  CB    . ASN A 1 155 ? -7.215  -2.102  -5.845  1.00 15.64 ? 155 ASN A CB    1 
ATOM   980  C  CG    . ASN A 1 155 ? -6.856  -1.366  -7.141  1.00 16.49 ? 155 ASN A CG    1 
ATOM   981  O  OD1   . ASN A 1 155 ? -7.056  -0.158  -7.268  1.00 14.50 ? 155 ASN A OD1   1 
ATOM   982  N  ND2   . ASN A 1 155 ? -6.257  -2.097  -8.085  1.00 15.74 ? 155 ASN A ND2   1 
ATOM   983  N  N     . LYS A 1 156 ? -9.869  -1.667  -7.462  1.00 18.90 ? 156 LYS A N     1 
ATOM   984  C  CA    . LYS A 1 156 ? -10.772 -2.065  -8.570  1.00 20.62 ? 156 LYS A CA    1 
ATOM   985  C  C     . LYS A 1 156 ? -12.241 -1.717  -8.329  1.00 21.81 ? 156 LYS A C     1 
ATOM   986  O  O     . LYS A 1 156 ? -13.142 -2.368  -8.878  1.00 22.57 ? 156 LYS A O     1 
ATOM   987  C  CB    . LYS A 1 156 ? -10.612 -3.538  -8.950  1.00 20.69 ? 156 LYS A CB    1 
ATOM   988  C  CG    . LYS A 1 156 ? -9.142  -3.954  -9.208  1.00 20.22 ? 156 LYS A CG    1 
ATOM   989  C  CD    . LYS A 1 156 ? -9.127  -5.132  -10.167 1.00 19.00 ? 156 LYS A CD    1 
ATOM   990  C  CE    . LYS A 1 156 ? -7.802  -5.883  -10.127 1.00 19.65 ? 156 LYS A CE    1 
ATOM   991  N  NZ    . LYS A 1 156 ? -7.730  -6.952  -11.181 1.00 18.43 ? 156 LYS A NZ    1 
ATOM   992  N  N     . ILE A 1 157 ? -12.476 -0.690  -7.519  1.00 23.28 ? 157 ILE A N     1 
ATOM   993  C  CA    . ILE A 1 157 ? -13.846 -0.278  -7.192  1.00 24.78 ? 157 ILE A CA    1 
ATOM   994  C  C     . ILE A 1 157 ? -14.638 0.175   -8.422  1.00 25.91 ? 157 ILE A C     1 
ATOM   995  O  O     . ILE A 1 157 ? -15.872 0.211   -8.377  1.00 25.97 ? 157 ILE A O     1 
ATOM   996  C  CB    . ILE A 1 157 ? -13.903 0.803   -6.082  1.00 24.37 ? 157 ILE A CB    1 
ATOM   997  C  CG1   . ILE A 1 157 ? -13.244 2.107   -6.561  1.00 25.06 ? 157 ILE A CG1   1 
ATOM   998  C  CG2   . ILE A 1 157 ? -13.337 0.234   -4.765  1.00 24.94 ? 157 ILE A CG2   1 
ATOM   999  C  CD1   . ILE A 1 157 ? -13.422 3.284   -5.651  1.00 25.79 ? 157 ILE A CD1   1 
ATOM   1000 N  N     . ASP A 1 158 ? -13.932 0.501   -9.514  1.00 26.25 ? 158 ASP A N     1 
ATOM   1001 C  CA    . ASP A 1 158 ? -14.574 0.835   -10.790 1.00 27.10 ? 158 ASP A CA    1 
ATOM   1002 C  C     . ASP A 1 158 ? -15.366 -0.337  -11.380 1.00 28.14 ? 158 ASP A C     1 
ATOM   1003 O  O     . ASP A 1 158 ? -16.235 -0.134  -12.230 1.00 28.38 ? 158 ASP A O     1 
ATOM   1004 C  CB    . ASP A 1 158 ? -13.525 1.287   -11.803 1.00 27.15 ? 158 ASP A CB    1 
ATOM   1005 C  CG    . ASP A 1 158 ? -12.527 0.200   -12.108 1.00 25.96 ? 158 ASP A CG    1 
ATOM   1006 O  OD1   . ASP A 1 158 ? -12.805 -0.637  -12.997 1.00 25.29 ? 158 ASP A OD1   1 
ATOM   1007 O  OD2   . ASP A 1 158 ? -11.479 0.165   -11.440 1.00 22.91 ? 158 ASP A OD2   1 
ATOM   1008 N  N     . LYS A 1 159 ? -15.050 -1.558  -10.962 1.00 29.03 ? 159 LYS A N     1 
ATOM   1009 C  CA    . LYS A 1 159 ? -15.754 -2.738  -11.470 1.00 30.55 ? 159 LYS A CA    1 
ATOM   1010 C  C     . LYS A 1 159 ? -17.175 -2.854  -10.886 1.00 31.95 ? 159 LYS A C     1 
ATOM   1011 O  O     . LYS A 1 159 ? -17.473 -2.278  -9.826  1.00 32.02 ? 159 LYS A O     1 
ATOM   1012 C  CB    . LYS A 1 159 ? -14.944 -4.011  -11.216 1.00 30.58 ? 159 LYS A CB    1 
ATOM   1013 C  CG    . LYS A 1 159 ? -13.637 -4.096  -12.028 1.00 30.53 ? 159 LYS A CG    1 
ATOM   1014 C  CD    . LYS A 1 159 ? -12.850 -5.347  -11.694 1.00 30.83 ? 159 LYS A CD    1 
ATOM   1015 C  CE    . LYS A 1 159 ? -13.443 -6.552  -12.400 1.00 32.35 ? 159 LYS A CE    1 
ATOM   1016 N  NZ    . LYS A 1 159 ? -12.641 -7.798  -12.229 1.00 33.53 ? 159 LYS A NZ    1 
ATOM   1017 N  N     . ASN A 1 160 ? -18.042 -3.592  -11.583 1.00 33.36 ? 160 ASN A N     1 
ATOM   1018 C  CA    . ASN A 1 160 ? -19.420 -3.804  -11.130 1.00 34.83 ? 160 ASN A CA    1 
ATOM   1019 C  C     . ASN A 1 160 ? -19.613 -5.189  -10.508 1.00 35.58 ? 160 ASN A C     1 
ATOM   1020 O  O     . ASN A 1 160 ? -20.045 -5.317  -9.352  1.00 37.09 ? 160 ASN A O     1 
ATOM   1021 C  CB    . ASN A 1 160 ? -20.403 -3.603  -12.295 1.00 34.97 ? 160 ASN A CB    1 
ATOM   1022 N  N     . PHE A 1 162 ? -18.757 -6.438  -6.967  1.00 37.42 ? 162 PHE A N     1 
ATOM   1023 C  CA    . PHE A 1 162 ? -18.211 -6.655  -5.624  1.00 37.26 ? 162 PHE A CA    1 
ATOM   1024 C  C     . PHE A 1 162 ? -18.434 -8.095  -5.168  1.00 37.01 ? 162 PHE A C     1 
ATOM   1025 O  O     . PHE A 1 162 ? -19.552 -8.614  -5.230  1.00 37.63 ? 162 PHE A O     1 
ATOM   1026 C  CB    . PHE A 1 162 ? -18.843 -5.692  -4.608  1.00 37.74 ? 162 PHE A CB    1 
ATOM   1027 C  CG    . PHE A 1 162 ? -18.265 -4.300  -4.627  1.00 38.23 ? 162 PHE A CG    1 
ATOM   1028 C  CD1   . PHE A 1 162 ? -18.535 -3.427  -5.680  1.00 39.69 ? 162 PHE A CD1   1 
ATOM   1029 C  CD2   . PHE A 1 162 ? -17.476 -3.846  -3.576  1.00 39.04 ? 162 PHE A CD2   1 
ATOM   1030 C  CE1   . PHE A 1 162 ? -18.006 -2.126  -5.695  1.00 40.25 ? 162 PHE A CE1   1 
ATOM   1031 C  CE2   . PHE A 1 162 ? -16.941 -2.548  -3.578  1.00 39.77 ? 162 PHE A CE2   1 
ATOM   1032 C  CZ    . PHE A 1 162 ? -17.211 -1.688  -4.642  1.00 39.72 ? 162 PHE A CZ    1 
ATOM   1033 N  N     . GLN A 1 163 ? -17.366 -8.745  -4.727  1.00 35.75 ? 163 GLN A N     1 
ATOM   1034 C  CA    . GLN A 1 163 ? -17.466 -10.081 -4.152  1.00 34.93 ? 163 GLN A CA    1 
ATOM   1035 C  C     . GLN A 1 163 ? -17.339 -9.967  -2.636  1.00 34.07 ? 163 GLN A C     1 
ATOM   1036 O  O     . GLN A 1 163 ? -17.671 -10.893 -1.893  1.00 34.06 ? 163 GLN A O     1 
ATOM   1037 C  CB    . GLN A 1 163 ? -16.369 -10.975 -4.713  1.00 35.27 ? 163 GLN A CB    1 
ATOM   1038 C  CG    . GLN A 1 163 ? -16.752 -12.425 -4.814  1.00 36.24 ? 163 GLN A CG    1 
ATOM   1039 C  CD    . GLN A 1 163 ? -15.772 -13.217 -5.644  1.00 37.52 ? 163 GLN A CD    1 
ATOM   1040 O  OE1   . GLN A 1 163 ? -14.731 -13.649 -5.150  1.00 36.44 ? 163 GLN A OE1   1 
ATOM   1041 N  NE2   . GLN A 1 163 ? -16.114 -13.438 -6.915  1.00 38.93 ? 163 GLN A NE2   1 
ATOM   1042 N  N     . VAL A 1 164 ? -16.866 -8.813  -2.189  1.00 33.07 ? 164 VAL A N     1 
ATOM   1043 C  CA    . VAL A 1 164 ? -16.710 -8.537  -0.763  1.00 32.02 ? 164 VAL A CA    1 
ATOM   1044 C  C     . VAL A 1 164 ? -17.812 -7.604  -0.278  1.00 31.57 ? 164 VAL A C     1 
ATOM   1045 O  O     . VAL A 1 164 ? -18.483 -6.964  -1.079  1.00 31.02 ? 164 VAL A O     1 
ATOM   1046 C  CB    . VAL A 1 164 ? -15.303 -7.939  -0.440  1.00 31.85 ? 164 VAL A CB    1 
ATOM   1047 C  CG1   . VAL A 1 164 ? -14.192 -8.903  -0.891  1.00 31.27 ? 164 VAL A CG1   1 
ATOM   1048 C  CG2   . VAL A 1 164 ? -15.133 -6.557  -1.066  1.00 30.46 ? 164 VAL A CG2   1 
ATOM   1049 N  N     . ASP A 1 165 ? -18.000 -7.564  1.037   1.00 31.48 ? 165 ASP A N     1 
ATOM   1050 C  CA    . ASP A 1 165 ? -18.868 -6.594  1.681   1.00 31.79 ? 165 ASP A CA    1 
ATOM   1051 C  C     . ASP A 1 165 ? -17.970 -5.497  2.269   1.00 31.41 ? 165 ASP A C     1 
ATOM   1052 O  O     . ASP A 1 165 ? -17.199 -5.754  3.211   1.00 30.92 ? 165 ASP A O     1 
ATOM   1053 C  CB    . ASP A 1 165 ? -19.692 -7.282  2.778   1.00 31.80 ? 165 ASP A CB    1 
ATOM   1054 C  CG    . ASP A 1 165 ? -20.776 -6.386  3.355   1.00 33.15 ? 165 ASP A CG    1 
ATOM   1055 O  OD1   . ASP A 1 165 ? -20.489 -5.229  3.739   1.00 31.44 ? 165 ASP A OD1   1 
ATOM   1056 O  OD2   . ASP A 1 165 ? -21.936 -6.850  3.433   1.00 34.97 ? 165 ASP A OD2   1 
ATOM   1057 N  N     . ILE A 1 166 ? -18.047 -4.293  1.695   1.00 31.01 ? 166 ILE A N     1 
ATOM   1058 C  CA    . ILE A 1 166 ? -17.191 -3.180  2.128   1.00 31.38 ? 166 ILE A CA    1 
ATOM   1059 C  C     . ILE A 1 166 ? -17.306 -2.868  3.617   1.00 31.22 ? 166 ILE A C     1 
ATOM   1060 O  O     . ILE A 1 166 ? -16.296 -2.662  4.280   1.00 30.73 ? 166 ILE A O     1 
ATOM   1061 C  CB    . ILE A 1 166 ? -17.428 -1.892  1.300   1.00 31.60 ? 166 ILE A CB    1 
ATOM   1062 C  CG1   . ILE A 1 166 ? -16.811 -2.033  -0.096  1.00 32.61 ? 166 ILE A CG1   1 
ATOM   1063 C  CG2   . ILE A 1 166 ? -16.849 -0.666  2.009   1.00 32.03 ? 166 ILE A CG2   1 
ATOM   1064 C  CD1   . ILE A 1 166 ? -15.313 -2.421  -0.103  1.00 32.74 ? 166 ILE A CD1   1 
ATOM   1065 N  N     . LEU A 1 167 ? -18.540 -2.855  4.135   1.00 30.92 ? 167 LEU A N     1 
ATOM   1066 C  CA    . LEU A 1 167 ? -18.781 -2.615  5.552   1.00 30.78 ? 167 LEU A CA    1 
ATOM   1067 C  C     . LEU A 1 167 ? -18.072 -3.630  6.434   1.00 30.56 ? 167 LEU A C     1 
ATOM   1068 O  O     . LEU A 1 167 ? -17.513 -3.262  7.475   1.00 30.19 ? 167 LEU A O     1 
ATOM   1069 C  CB    . LEU A 1 167 ? -20.284 -2.607  5.866   1.00 30.88 ? 167 LEU A CB    1 
ATOM   1070 C  CG    . LEU A 1 167 ? -21.063 -1.290  5.882   1.00 31.81 ? 167 LEU A CG    1 
ATOM   1071 C  CD1   . LEU A 1 167 ? -20.503 -0.262  4.905   1.00 33.59 ? 167 LEU A CD1   1 
ATOM   1072 C  CD2   . LEU A 1 167 ? -22.558 -1.563  5.614   1.00 31.84 ? 167 LEU A CD2   1 
ATOM   1073 N  N     . GLU A 1 168 ? -18.106 -4.904  6.033   1.00 29.48 ? 168 GLU A N     1 
ATOM   1074 C  CA    . GLU A 1 168 ? -17.351 -5.922  6.755   1.00 29.64 ? 168 GLU A CA    1 
ATOM   1075 C  C     . GLU A 1 168 ? -15.850 -5.593  6.709   1.00 28.74 ? 168 GLU A C     1 
ATOM   1076 O  O     . GLU A 1 168 ? -15.133 -5.759  7.706   1.00 27.71 ? 168 GLU A O     1 
ATOM   1077 C  CB    . GLU A 1 168 ? -17.631 -7.327  6.202   1.00 30.00 ? 168 GLU A CB    1 
ATOM   1078 C  CG    . GLU A 1 168 ? -16.970 -8.459  6.993   1.00 32.67 ? 168 GLU A CG    1 
ATOM   1079 C  CD    . GLU A 1 168 ? -15.500 -8.654  6.647   1.00 35.96 ? 168 GLU A CD    1 
ATOM   1080 O  OE1   . GLU A 1 168 ? -15.139 -8.516  5.447   1.00 36.62 ? 168 GLU A OE1   1 
ATOM   1081 O  OE2   . GLU A 1 168 ? -14.713 -8.948  7.580   1.00 36.20 ? 168 GLU A OE2   1 
ATOM   1082 N  N     . VAL A 1 169 ? -15.388 -5.157  5.534   1.00 28.52 ? 169 VAL A N     1 
ATOM   1083 C  CA    . VAL A 1 169 ? -13.973 -4.820  5.330   1.00 28.11 ? 169 VAL A CA    1 
ATOM   1084 C  C     . VAL A 1 169 ? -13.559 -3.618  6.185   1.00 28.18 ? 169 VAL A C     1 
ATOM   1085 O  O     . VAL A 1 169 ? -12.546 -3.676  6.875   1.00 28.26 ? 169 VAL A O     1 
ATOM   1086 C  CB    . VAL A 1 169 ? -13.623 -4.573  3.843   1.00 28.18 ? 169 VAL A CB    1 
ATOM   1087 C  CG1   . VAL A 1 169 ? -12.130 -4.290  3.695   1.00 26.70 ? 169 VAL A CG1   1 
ATOM   1088 C  CG2   . VAL A 1 169 ? -14.002 -5.788  2.999   1.00 27.58 ? 169 VAL A CG2   1 
ATOM   1089 N  N     . GLN A 1 170 ? -14.349 -2.549  6.135   1.00 28.71 ? 170 GLN A N     1 
ATOM   1090 C  CA    . GLN A 1 170 ? -14.179 -1.392  7.036   1.00 28.97 ? 170 GLN A CA    1 
ATOM   1091 C  C     . GLN A 1 170 ? -14.211 -1.776  8.509   1.00 28.98 ? 170 GLN A C     1 
ATOM   1092 O  O     . GLN A 1 170 ? -13.394 -1.295  9.292   1.00 28.87 ? 170 GLN A O     1 
ATOM   1093 C  CB    . GLN A 1 170 ? -15.248 -0.343  6.768   1.00 29.69 ? 170 GLN A CB    1 
ATOM   1094 C  CG    . GLN A 1 170 ? -15.065 0.413   5.468   1.00 30.97 ? 170 GLN A CG    1 
ATOM   1095 C  CD    . GLN A 1 170 ? -16.158 1.437   5.247   1.00 35.05 ? 170 GLN A CD    1 
ATOM   1096 O  OE1   . GLN A 1 170 ? -17.347 1.101   5.266   1.00 37.26 ? 170 GLN A OE1   1 
ATOM   1097 N  NE2   . GLN A 1 170 ? -15.766 2.695   5.039   1.00 35.82 ? 170 GLN A NE2   1 
ATOM   1098 N  N     . LYS A 1 171 ? -15.135 -2.659  8.893   1.00 28.61 ? 171 LYS A N     1 
ATOM   1099 C  CA    . LYS A 1 171 ? -15.164 -3.139  10.279  1.00 28.12 ? 171 LYS A CA    1 
ATOM   1100 C  C     . LYS A 1 171 ? -13.885 -3.882  10.621  1.00 27.74 ? 171 LYS A C     1 
ATOM   1101 O  O     . LYS A 1 171 ? -13.296 -3.652  11.694  1.00 27.36 ? 171 LYS A O     1 
ATOM   1102 C  CB    . LYS A 1 171 ? -16.388 -4.018  10.555  1.00 28.82 ? 171 LYS A CB    1 
ATOM   1103 C  CG    . LYS A 1 171 ? -16.567 -4.362  12.053  1.00 29.29 ? 171 LYS A CG    1 
ATOM   1104 N  N     . TYR A 1 172 ? -13.449 -4.751  9.692   1.00 26.15 ? 172 TYR A N     1 
ATOM   1105 C  CA    . TYR A 1 172 ? -12.213 -5.504  9.837   1.00 25.47 ? 172 TYR A CA    1 
ATOM   1106 C  C     . TYR A 1 172 ? -11.035 -4.564  10.107  1.00 25.06 ? 172 TYR A C     1 
ATOM   1107 O  O     . TYR A 1 172 ? -10.237 -4.828  11.006  1.00 25.28 ? 172 TYR A O     1 
ATOM   1108 C  CB    . TYR A 1 172 ? -11.925 -6.411  8.613   1.00 24.23 ? 172 TYR A CB    1 
ATOM   1109 C  CG    . TYR A 1 172 ? -10.539 -7.026  8.672   1.00 24.42 ? 172 TYR A CG    1 
ATOM   1110 C  CD1   . TYR A 1 172 ? -10.282 -8.124  9.493   1.00 23.91 ? 172 TYR A CD1   1 
ATOM   1111 C  CD2   . TYR A 1 172 ? -9.470  -6.478  7.945   1.00 24.06 ? 172 TYR A CD2   1 
ATOM   1112 C  CE1   . TYR A 1 172 ? -9.013  -8.676  9.581   1.00 26.11 ? 172 TYR A CE1   1 
ATOM   1113 C  CE2   . TYR A 1 172 ? -8.170  -7.044  8.023   1.00 24.06 ? 172 TYR A CE2   1 
ATOM   1114 C  CZ    . TYR A 1 172 ? -7.955  -8.128  8.847   1.00 24.77 ? 172 TYR A CZ    1 
ATOM   1115 O  OH    . TYR A 1 172 ? -6.706  -8.705  8.967   1.00 24.55 ? 172 TYR A OH    1 
ATOM   1116 N  N     . ALA A 1 173 ? -10.940 -3.491  9.321   1.00 24.32 ? 173 ALA A N     1 
ATOM   1117 C  CA    . ALA A 1 173 ? -9.816  -2.554  9.427   1.00 24.77 ? 173 ALA A CA    1 
ATOM   1118 C  C     . ALA A 1 173 ? -9.815  -1.809  10.768  1.00 24.84 ? 173 ALA A C     1 
ATOM   1119 O  O     . ALA A 1 173 ? -8.760  -1.616  11.370  1.00 23.41 ? 173 ALA A O     1 
ATOM   1120 C  CB    . ALA A 1 173 ? -9.793  -1.588  8.255   1.00 24.36 ? 173 ALA A CB    1 
ATOM   1121 N  N     . GLN A 1 174 ? -11.005 -1.419  11.226  1.00 25.43 ? 174 GLN A N     1 
ATOM   1122 C  CA    . GLN A 1 174 ? -11.179 -0.804  12.552  1.00 26.03 ? 174 GLN A CA    1 
ATOM   1123 C  C     . GLN A 1 174 ? -10.747 -1.745  13.677  1.00 26.32 ? 174 GLN A C     1 
ATOM   1124 O  O     . GLN A 1 174 ? -10.014 -1.357  14.593  1.00 26.18 ? 174 GLN A O     1 
ATOM   1125 C  CB    . GLN A 1 174 ? -12.644 -0.419  12.756  1.00 26.60 ? 174 GLN A CB    1 
ATOM   1126 C  CG    . GLN A 1 174 ? -13.148 0.653   11.795  1.00 26.66 ? 174 GLN A CG    1 
ATOM   1127 C  CD    . GLN A 1 174 ? -14.644 0.916   11.929  0.20 25.95 ? 174 GLN A CD    1 
ATOM   1128 O  OE1   . GLN A 1 174 ? -15.285 1.388   10.991  0.20 25.63 ? 174 GLN A OE1   1 
ATOM   1129 N  NE2   . GLN A 1 174 ? -15.201 0.617   13.099  0.20 25.49 ? 174 GLN A NE2   1 
ATOM   1130 N  N     . ASP A 1 175 ? -11.176 -2.999  13.581  1.00 26.68 ? 175 ASP A N     1 
ATOM   1131 C  CA    . ASP A 1 175 ? -10.881 -3.989  14.593  1.00 26.84 ? 175 ASP A CA    1 
ATOM   1132 C  C     . ASP A 1 175 ? -9.397  -4.245  14.684  1.00 26.70 ? 175 ASP A C     1 
ATOM   1133 O  O     . ASP A 1 175 ? -8.874  -4.592  15.752  1.00 26.84 ? 175 ASP A O     1 
ATOM   1134 C  CB    . ASP A 1 175 ? -11.613 -5.292  14.279  1.00 27.76 ? 175 ASP A CB    1 
ATOM   1135 C  CG    . ASP A 1 175 ? -13.095 -5.226  14.607  1.00 29.93 ? 175 ASP A CG    1 
ATOM   1136 O  OD1   . ASP A 1 175 ? -13.624 -4.120  14.864  1.00 32.05 ? 175 ASP A OD1   1 
ATOM   1137 O  OD2   . ASP A 1 175 ? -13.730 -6.302  14.588  1.00 34.04 ? 175 ASP A OD2   1 
ATOM   1138 N  N     . ASN A 1 176 ? -8.715  -4.067  13.556  1.00 25.36 ? 176 ASN A N     1 
ATOM   1139 C  CA    . ASN A 1 176 ? -7.296  -4.326  13.519  1.00 24.34 ? 176 ASN A CA    1 
ATOM   1140 C  C     . ASN A 1 176 ? -6.491  -3.058  13.475  1.00 23.16 ? 176 ASN A C     1 
ATOM   1141 O  O     . ASN A 1 176 ? -5.272  -3.116  13.342  1.00 23.11 ? 176 ASN A O     1 
ATOM   1142 C  CB    . ASN A 1 176 ? -6.956  -5.274  12.370  1.00 24.40 ? 176 ASN A CB    1 
ATOM   1143 C  CG    . ASN A 1 176 ? -7.473  -6.672  12.631  1.00 24.92 ? 176 ASN A CG    1 
ATOM   1144 O  OD1   . ASN A 1 176 ? -6.763  -7.500  13.190  1.00 27.58 ? 176 ASN A OD1   1 
ATOM   1145 N  ND2   . ASN A 1 176 ? -8.735  -6.913  12.301  1.00 23.90 ? 176 ASN A ND2   1 
ATOM   1146 N  N     . ASN A 1 177 ? -7.176  -1.919  13.617  1.00 22.11 ? 177 ASN A N     1 
ATOM   1147 C  CA    . ASN A 1 177 ? -6.509  -0.617  13.729  1.00 21.52 ? 177 ASN A CA    1 
ATOM   1148 C  C     . ASN A 1 177 ? -5.650  -0.313  12.502  1.00 20.54 ? 177 ASN A C     1 
ATOM   1149 O  O     . ASN A 1 177 ? -4.485  0.055   12.607  1.00 19.95 ? 177 ASN A O     1 
ATOM   1150 C  CB    . ASN A 1 177 ? -5.671  -0.552  15.013  1.00 22.55 ? 177 ASN A CB    1 
ATOM   1151 C  CG    . ASN A 1 177 ? -6.474  -0.936  16.247  1.00 23.54 ? 177 ASN A CG    1 
ATOM   1152 O  OD1   . ASN A 1 177 ? -6.323  -2.039  16.769  1.00 26.46 ? 177 ASN A OD1   1 
ATOM   1153 N  ND2   . ASN A 1 177 ? -7.364  -0.047  16.687  1.00 21.88 ? 177 ASN A ND2   1 
ATOM   1154 N  N     . LEU A 1 178 ? -6.264  -0.487  11.337  1.00 18.90 ? 178 LEU A N     1 
ATOM   1155 C  CA    . LEU A 1 178 ? -5.619  -0.238  10.052  1.00 17.60 ? 178 LEU A CA    1 
ATOM   1156 C  C     . LEU A 1 178 ? -6.245  1.015   9.468   1.00 17.44 ? 178 LEU A C     1 
ATOM   1157 O  O     . LEU A 1 178 ? -7.434  1.310   9.739   1.00 17.08 ? 178 LEU A O     1 
ATOM   1158 C  CB    . LEU A 1 178 ? -5.900  -1.407  9.091   1.00 17.30 ? 178 LEU A CB    1 
ATOM   1159 C  CG    . LEU A 1 178 ? -5.763  -2.844  9.594   1.00 16.28 ? 178 LEU A CG    1 
ATOM   1160 C  CD1   . LEU A 1 178 ? -6.140  -3.825  8.497   1.00 16.21 ? 178 LEU A CD1   1 
ATOM   1161 C  CD2   . LEU A 1 178 ? -4.353  -3.116  10.098  1.00 13.46 ? 178 LEU A CD2   1 
ATOM   1162 N  N     . LEU A 1 179 ? -5.450  1.747   8.691   1.00 15.82 ? 179 LEU A N     1 
ATOM   1163 C  CA    . LEU A 1 179 ? -5.986  2.668   7.703   1.00 16.19 ? 179 LEU A CA    1 
ATOM   1164 C  C     . LEU A 1 179 ? -6.694  1.865   6.599   1.00 15.66 ? 179 LEU A C     1 
ATOM   1165 O  O     . LEU A 1 179 ? -6.370  0.693   6.345   1.00 14.89 ? 179 LEU A O     1 
ATOM   1166 C  CB    . LEU A 1 179 ? -4.866  3.543   7.101   1.00 15.57 ? 179 LEU A CB    1 
ATOM   1167 C  CG    . LEU A 1 179 ? -4.086  4.429   8.084   1.00 16.11 ? 179 LEU A CG    1 
ATOM   1168 C  CD1   . LEU A 1 179 ? -2.946  5.154   7.364   1.00 15.88 ? 179 LEU A CD1   1 
ATOM   1169 C  CD2   . LEU A 1 179 ? -5.025  5.448   8.731   1.00 16.84 ? 179 LEU A CD2   1 
ATOM   1170 N  N     . PHE A 1 180 ? -7.710  2.475   6.009   1.00 16.29 ? 180 PHE A N     1 
ATOM   1171 C  CA    . PHE A 1 180 ? -8.471  1.832   4.929   1.00 17.02 ? 180 PHE A CA    1 
ATOM   1172 C  C     . PHE A 1 180 ? -8.811  2.837   3.820   1.00 17.18 ? 180 PHE A C     1 
ATOM   1173 O  O     . PHE A 1 180 ? -9.169  3.979   4.088   1.00 16.21 ? 180 PHE A O     1 
ATOM   1174 C  CB    . PHE A 1 180 ? -9.731  1.140   5.485   1.00 17.66 ? 180 PHE A CB    1 
ATOM   1175 C  CG    . PHE A 1 180 ? -10.642 0.577   4.418   1.00 19.21 ? 180 PHE A CG    1 
ATOM   1176 C  CD1   . PHE A 1 180 ? -10.360 -0.655  3.822   1.00 19.98 ? 180 PHE A CD1   1 
ATOM   1177 C  CD2   . PHE A 1 180 ? -11.780 1.272   4.015   1.00 20.49 ? 180 PHE A CD2   1 
ATOM   1178 C  CE1   . PHE A 1 180 ? -11.195 -1.180  2.822   1.00 21.65 ? 180 PHE A CE1   1 
ATOM   1179 C  CE2   . PHE A 1 180 ? -12.629 0.757   3.010   1.00 22.03 ? 180 PHE A CE2   1 
ATOM   1180 C  CZ    . PHE A 1 180 ? -12.342 -0.475  2.422   1.00 19.96 ? 180 PHE A CZ    1 
ATOM   1181 N  N     . ILE A 1 181 ? -8.691  2.407   2.560   1.00 18.14 ? 181 ILE A N     1 
ATOM   1182 C  CA    . ILE A 1 181 ? -9.057  3.258   1.440   1.00 17.92 ? 181 ILE A CA    1 
ATOM   1183 C  C     . ILE A 1 181 ? -9.572  2.395   0.266   1.00 18.43 ? 181 ILE A C     1 
ATOM   1184 O  O     . ILE A 1 181 ? -9.157  1.250   0.092   1.00 18.37 ? 181 ILE A O     1 
ATOM   1185 C  CB    . ILE A 1 181 ? -7.887  4.216   1.052   1.00 18.65 ? 181 ILE A CB    1 
ATOM   1186 C  CG1   . ILE A 1 181 ? -8.345  5.290   0.049   1.00 17.80 ? 181 ILE A CG1   1 
ATOM   1187 C  CG2   . ILE A 1 181 ? -6.634  3.411   0.579   1.00 16.57 ? 181 ILE A CG2   1 
ATOM   1188 C  CD1   . ILE A 1 181 ? -7.501  6.531   0.066   1.00 17.98 ? 181 ILE A CD1   1 
ATOM   1189 N  N     . GLN A 1 182 ? -10.525 2.932   -0.486  1.00 18.46 ? 182 GLN A N     1 
ATOM   1190 C  CA    . GLN A 1 182 ? -11.049 2.265   -1.674  1.00 18.37 ? 182 GLN A CA    1 
ATOM   1191 C  C     . GLN A 1 182 ? -10.488 2.990   -2.880  1.00 18.12 ? 182 GLN A C     1 
ATOM   1192 O  O     . GLN A 1 182 ? -10.547 4.217   -2.943  1.00 17.90 ? 182 GLN A O     1 
ATOM   1193 C  CB    . GLN A 1 182 ? -12.572 2.337   -1.701  1.00 19.05 ? 182 GLN A CB    1 
ATOM   1194 C  CG    . GLN A 1 182 ? -13.260 1.473   -0.662  1.00 20.26 ? 182 GLN A CG    1 
ATOM   1195 C  CD    . GLN A 1 182 ? -14.761 1.547   -0.807  1.00 25.11 ? 182 GLN A CD    1 
ATOM   1196 O  OE1   . GLN A 1 182 ? -15.309 1.069   -1.797  1.00 27.46 ? 182 GLN A OE1   1 
ATOM   1197 N  NE2   . GLN A 1 182 ? -15.433 2.169   0.160   1.00 26.02 ? 182 GLN A NE2   1 
ATOM   1198 N  N     . THR A 1 183 ? -9.927  2.229   -3.822  1.00 17.84 ? 183 THR A N     1 
ATOM   1199 C  CA    . THR A 1 183 ? -9.212  2.830   -4.951  1.00 16.90 ? 183 THR A CA    1 
ATOM   1200 C  C     . THR A 1 183 ? -9.570  2.217   -6.314  1.00 16.79 ? 183 THR A C     1 
ATOM   1201 O  O     . THR A 1 183 ? -10.097 1.100   -6.403  1.00 16.37 ? 183 THR A O     1 
ATOM   1202 C  CB    . THR A 1 183 ? -7.651  2.740   -4.777  1.00 17.24 ? 183 THR A CB    1 
ATOM   1203 O  OG1   . THR A 1 183 ? -7.248  1.368   -4.790  1.00 16.53 ? 183 THR A OG1   1 
ATOM   1204 C  CG2   . THR A 1 183 ? -7.179  3.409   -3.488  1.00 16.22 ? 183 THR A CG2   1 
ATOM   1205 N  N     . SER A 1 184 ? -9.278  2.980   -7.366  1.00 16.96 ? 184 SER A N     1 
ATOM   1206 C  CA    . SER A 1 184 ? -9.219  2.449   -8.719  1.00 18.21 ? 184 SER A CA    1 
ATOM   1207 C  C     . SER A 1 184 ? -7.952  2.959   -9.396  1.00 17.71 ? 184 SER A C     1 
ATOM   1208 O  O     . SER A 1 184 ? -7.772  4.167   -9.592  1.00 18.51 ? 184 SER A O     1 
ATOM   1209 C  CB    . SER A 1 184 ? -10.488 2.783   -9.531  1.00 18.40 ? 184 SER A CB    1 
ATOM   1210 O  OG    . SER A 1 184 ? -10.396 2.261   -10.867 1.00 20.14 ? 184 SER A OG    1 
ATOM   1211 N  N     . ALA A 1 185 ? -7.042  2.037   -9.719  1.00 18.92 ? 185 ALA A N     1 
ATOM   1212 C  CA    . ALA A 1 185 ? -5.896  2.365   -10.583 1.00 19.09 ? 185 ALA A CA    1 
ATOM   1213 C  C     . ALA A 1 185 ? -6.382  2.754   -11.976 1.00 19.41 ? 185 ALA A C     1 
ATOM   1214 O  O     . ALA A 1 185 ? -5.776  3.591   -12.635 1.00 20.03 ? 185 ALA A O     1 
ATOM   1215 C  CB    . ALA A 1 185 ? -4.930  1.181   -10.677 1.00 18.46 ? 185 ALA A CB    1 
ATOM   1216 N  N     . LYS A 1 186 ? -7.471  2.132   -12.420 1.00 20.30 ? 186 LYS A N     1 
ATOM   1217 C  CA    . LYS A 1 186 ? -8.051  2.417   -13.747 1.00 20.69 ? 186 LYS A CA    1 
ATOM   1218 C  C     . LYS A 1 186 ? -8.493  3.883   -13.891 1.00 21.23 ? 186 LYS A C     1 
ATOM   1219 O  O     . LYS A 1 186 ? -8.091  4.566   -14.834 1.00 20.75 ? 186 LYS A O     1 
ATOM   1220 C  CB    . LYS A 1 186 ? -9.177  1.424   -14.079 1.00 20.38 ? 186 LYS A CB    1 
ATOM   1221 C  CG    . LYS A 1 186 ? -9.695  1.505   -15.546 1.00 21.02 ? 186 LYS A CG    1 
ATOM   1222 C  CD    . LYS A 1 186 ? -10.749 0.450   -15.855 1.00 20.23 ? 186 LYS A CD    1 
ATOM   1223 C  CE    . LYS A 1 186 ? -11.454 0.727   -17.200 1.00 22.58 ? 186 LYS A CE    1 
ATOM   1224 N  NZ    . LYS A 1 186 ? -12.323 -0.448  -17.540 1.00 26.06 ? 186 LYS A NZ    1 
ATOM   1225 N  N     . THR A 1 187 ? -9.291  4.384   -12.948 1.00 22.39 ? 187 THR A N     1 
ATOM   1226 C  CA    . THR A 1 187 ? -9.781  5.773   -13.041 1.00 22.92 ? 187 THR A CA    1 
ATOM   1227 C  C     . THR A 1 187 ? -8.863  6.768   -12.331 1.00 23.36 ? 187 THR A C     1 
ATOM   1228 O  O     . THR A 1 187 ? -8.952  7.977   -12.554 1.00 23.34 ? 187 THR A O     1 
ATOM   1229 C  CB    . THR A 1 187 ? -11.232 5.912   -12.505 1.00 22.83 ? 187 THR A CB    1 
ATOM   1230 O  OG1   . THR A 1 187 ? -11.260 5.655   -11.091 1.00 22.62 ? 187 THR A OG1   1 
ATOM   1231 C  CG2   . THR A 1 187 ? -12.164 4.939   -13.212 1.00 23.08 ? 187 THR A CG2   1 
ATOM   1232 N  N     . GLY A 1 188 ? -7.969  6.254   -11.480 1.00 23.46 ? 188 GLY A N     1 
ATOM   1233 C  CA    . GLY A 1 188 ? -7.106  7.112   -10.652 1.00 23.16 ? 188 GLY A CA    1 
ATOM   1234 C  C     . GLY A 1 188 ? -7.689  7.459   -9.281  1.00 22.93 ? 188 GLY A C     1 
ATOM   1235 O  O     . GLY A 1 188 ? -7.045  8.141   -8.475  1.00 23.81 ? 188 GLY A O     1 
ATOM   1236 N  N     . THR A 1 189 ? -8.899  6.990   -9.009  1.00 22.65 ? 189 THR A N     1 
ATOM   1237 C  CA    . THR A 1 189 ? -9.579  7.302   -7.745  1.00 22.80 ? 189 THR A CA    1 
ATOM   1238 C  C     . THR A 1 189 ? -8.774  6.897   -6.495  1.00 21.60 ? 189 THR A C     1 
ATOM   1239 O  O     . THR A 1 189 ? -8.481  5.719   -6.304  1.00 21.83 ? 189 THR A O     1 
ATOM   1240 C  CB    . THR A 1 189 ? -10.972 6.640   -7.700  1.00 23.11 ? 189 THR A CB    1 
ATOM   1241 O  OG1   . THR A 1 189 ? -11.762 7.154   -8.785  1.00 25.01 ? 189 THR A OG1   1 
ATOM   1242 C  CG2   . THR A 1 189 ? -11.676 6.935   -6.382  1.00 23.59 ? 189 THR A CG2   1 
ATOM   1243 N  N     . ASN A 1 190 ? -8.429  7.887   -5.665  1.00 20.48 ? 190 ASN A N     1 
ATOM   1244 C  CA    . ASN A 1 190 ? -7.832  7.661   -4.323  1.00 19.35 ? 190 ASN A CA    1 
ATOM   1245 C  C     . ASN A 1 190 ? -6.421  7.060   -4.319  1.00 18.87 ? 190 ASN A C     1 
ATOM   1246 O  O     . ASN A 1 190 ? -5.900  6.683   -3.266  1.00 17.29 ? 190 ASN A O     1 
ATOM   1247 C  CB    . ASN A 1 190 ? -8.765  6.816   -3.428  1.00 19.75 ? 190 ASN A CB    1 
ATOM   1248 C  CG    . ASN A 1 190 ? -9.861  7.645   -2.756  1.00 19.64 ? 190 ASN A CG    1 
ATOM   1249 O  OD1   . ASN A 1 190 ? -9.771  8.867   -2.670  1.00 21.45 ? 190 ASN A OD1   1 
ATOM   1250 N  ND2   . ASN A 1 190 ? -10.883 6.974   -2.266  1.00 18.78 ? 190 ASN A ND2   1 
ATOM   1251 N  N     . ILE A 1 191 ? -5.803  6.986   -5.495  1.00 18.02 ? 191 ILE A N     1 
ATOM   1252 C  CA    . ILE A 1 191 ? -4.444  6.440   -5.608  1.00 17.97 ? 191 ILE A CA    1 
ATOM   1253 C  C     . ILE A 1 191 ? -3.419  7.281   -4.863  1.00 17.68 ? 191 ILE A C     1 
ATOM   1254 O  O     . ILE A 1 191 ? -2.691  6.743   -4.022  1.00 17.14 ? 191 ILE A O     1 
ATOM   1255 C  CB    . ILE A 1 191 ? -4.032  6.193   -7.088  1.00 18.38 ? 191 ILE A CB    1 
ATOM   1256 C  CG1   . ILE A 1 191 ? -4.991  5.190   -7.744  1.00 17.17 ? 191 ILE A CG1   1 
ATOM   1257 C  CG2   . ILE A 1 191 ? -2.544  5.748   -7.202  1.00 19.02 ? 191 ILE A CG2   1 
ATOM   1258 C  CD1   . ILE A 1 191 ? -4.972  3.751   -7.150  1.00 15.23 ? 191 ILE A CD1   1 
ATOM   1259 N  N     . LYS A 1 192 ? -3.375  8.588   -5.148  1.00 17.75 ? 192 LYS A N     1 
ATOM   1260 C  CA    . LYS A 1 192 ? -2.489  9.504   -4.429  1.00 18.79 ? 192 LYS A CA    1 
ATOM   1261 C  C     . LYS A 1 192 ? -2.858  9.535   -2.951  1.00 17.89 ? 192 LYS A C     1 
ATOM   1262 O  O     . LYS A 1 192 ? -1.971  9.632   -2.087  1.00 17.54 ? 192 LYS A O     1 
ATOM   1263 C  CB    . LYS A 1 192 ? -2.541  10.933  -5.005  1.00 19.18 ? 192 LYS A CB    1 
ATOM   1264 C  CG    . LYS A 1 192 ? -1.870  11.122  -6.375  1.00 19.49 ? 192 LYS A CG    1 
ATOM   1265 C  CD    . LYS A 1 192 ? -1.913  12.629  -6.710  1.00 21.40 ? 192 LYS A CD    1 
ATOM   1266 C  CE    . LYS A 1 192 ? -2.231  12.919  -8.168  1.00 26.73 ? 192 LYS A CE    1 
ATOM   1267 N  NZ    . LYS A 1 192 ? -0.988  13.341  -8.901  1.00 28.56 ? 192 LYS A NZ    1 
ATOM   1268 N  N     . ASN A 1 193 ? -4.155  9.406   -2.673  1.00 17.49 ? 193 ASN A N     1 
ATOM   1269 C  CA    . ASN A 1 193 ? -4.677  9.462   -1.302  1.00 17.71 ? 193 ASN A CA    1 
ATOM   1270 C  C     . ASN A 1 193 ? -4.149  8.314   -0.424  1.00 17.27 ? 193 ASN A C     1 
ATOM   1271 O  O     . ASN A 1 193 ? -4.033  8.454   0.788   1.00 16.17 ? 193 ASN A O     1 
ATOM   1272 C  CB    . ASN A 1 193 ? -6.216  9.476   -1.299  1.00 18.73 ? 193 ASN A CB    1 
ATOM   1273 C  CG    . ASN A 1 193 ? -6.816  10.854  -1.644  1.00 23.26 ? 193 ASN A CG    1 
ATOM   1274 O  OD1   . ASN A 1 193 ? -6.210  11.895  -1.420  1.00 27.22 ? 193 ASN A OD1   1 
ATOM   1275 N  ND2   . ASN A 1 193 ? -8.043  10.846  -2.154  1.00 28.67 ? 193 ASN A ND2   1 
ATOM   1276 N  N     . ILE A 1 194 ? -3.803  7.179   -1.037  1.00 16.68 ? 194 ILE A N     1 
ATOM   1277 C  CA    . ILE A 1 194 ? -3.135  6.117   -0.260  1.00 16.56 ? 194 ILE A CA    1 
ATOM   1278 C  C     . ILE A 1 194 ? -1.945  6.732   0.484   1.00 16.13 ? 194 ILE A C     1 
ATOM   1279 O  O     . ILE A 1 194 ? -1.759  6.537   1.679   1.00 15.95 ? 194 ILE A O     1 
ATOM   1280 C  CB    . ILE A 1 194 ? -2.588  4.976   -1.170  1.00 16.32 ? 194 ILE A CB    1 
ATOM   1281 C  CG1   . ILE A 1 194 ? -3.719  4.208   -1.858  1.00 15.93 ? 194 ILE A CG1   1 
ATOM   1282 C  CG2   . ILE A 1 194 ? -1.661  4.038   -0.361  1.00 17.81 ? 194 ILE A CG2   1 
ATOM   1283 C  CD1   . ILE A 1 194 ? -3.232  3.261   -3.008  1.00 16.92 ? 194 ILE A CD1   1 
ATOM   1284 N  N     . PHE A 1 195 ? -1.133  7.477   -0.244  1.00 16.32 ? 195 PHE A N     1 
ATOM   1285 C  CA    . PHE A 1 195 ? 0.111   7.981   0.272   1.00 16.92 ? 195 PHE A CA    1 
ATOM   1286 C  C     . PHE A 1 195 ? -0.099  9.249   1.083   1.00 17.59 ? 195 PHE A C     1 
ATOM   1287 O  O     . PHE A 1 195 ? 0.683   9.525   1.985   1.00 16.68 ? 195 PHE A O     1 
ATOM   1288 C  CB    . PHE A 1 195 ? 1.097   8.156   -0.884  1.00 17.07 ? 195 PHE A CB    1 
ATOM   1289 C  CG    . PHE A 1 195 ? 1.490   6.839   -1.497  1.00 16.64 ? 195 PHE A CG    1 
ATOM   1290 C  CD1   . PHE A 1 195 ? 2.546   6.105   -0.963  1.00 16.50 ? 195 PHE A CD1   1 
ATOM   1291 C  CD2   . PHE A 1 195 ? 0.752   6.299   -2.553  1.00 17.25 ? 195 PHE A CD2   1 
ATOM   1292 C  CE1   . PHE A 1 195 ? 2.897   4.885   -1.500  1.00 17.68 ? 195 PHE A CE1   1 
ATOM   1293 C  CE2   . PHE A 1 195 ? 1.077   5.075   -3.097  1.00 18.06 ? 195 PHE A CE2   1 
ATOM   1294 C  CZ    . PHE A 1 195 ? 2.155   4.355   -2.570  1.00 17.99 ? 195 PHE A CZ    1 
ATOM   1295 N  N     . TYR A 1 196 ? -1.188  9.973   0.809   1.00 18.14 ? 196 TYR A N     1 
ATOM   1296 C  CA    . TYR A 1 196 ? -1.546  11.143  1.632   1.00 19.36 ? 196 TYR A CA    1 
ATOM   1297 C  C     . TYR A 1 196 ? -1.842  10.686  3.053   1.00 19.31 ? 196 TYR A C     1 
ATOM   1298 O  O     . TYR A 1 196 ? -1.337  11.277  4.018   1.00 19.13 ? 196 TYR A O     1 
ATOM   1299 C  CB    . TYR A 1 196 ? -2.767  11.898  1.077   1.00 20.84 ? 196 TYR A CB    1 
ATOM   1300 C  CG    . TYR A 1 196 ? -2.546  12.595  -0.262  1.00 23.04 ? 196 TYR A CG    1 
ATOM   1301 C  CD1   . TYR A 1 196 ? -1.269  12.776  -0.785  1.00 24.61 ? 196 TYR A CD1   1 
ATOM   1302 C  CD2   . TYR A 1 196 ? -3.626  13.098  -0.988  1.00 25.18 ? 196 TYR A CD2   1 
ATOM   1303 C  CE1   . TYR A 1 196 ? -1.073  13.409  -2.017  1.00 25.57 ? 196 TYR A CE1   1 
ATOM   1304 C  CE2   . TYR A 1 196 ? -3.441  13.727  -2.213  1.00 26.20 ? 196 TYR A CE2   1 
ATOM   1305 C  CZ    . TYR A 1 196 ? -2.165  13.876  -2.717  1.00 24.55 ? 196 TYR A CZ    1 
ATOM   1306 O  OH    . TYR A 1 196 ? -1.982  14.517  -3.927  1.00 26.88 ? 196 TYR A OH    1 
ATOM   1307 N  N     . MET A 1 197 ? -2.655  9.633   3.159   1.00 18.89 ? 197 MET A N     1 
ATOM   1308 C  CA    . MET A 1 197 ? -3.055  9.040   4.431   1.00 19.99 ? 197 MET A CA    1 
ATOM   1309 C  C     . MET A 1 197 ? -1.853  8.498   5.205   1.00 19.47 ? 197 MET A C     1 
ATOM   1310 O  O     . MET A 1 197 ? -1.713  8.753   6.418   1.00 19.41 ? 197 MET A O     1 
ATOM   1311 C  CB    . MET A 1 197 ? -4.095  7.936   4.201   1.00 19.52 ? 197 MET A CB    1 
ATOM   1312 C  CG    . MET A 1 197 ? -5.497  8.450   3.752   1.00 20.70 ? 197 MET A CG    1 
ATOM   1313 S  SD    . MET A 1 197 ? -6.708  7.114   3.562   1.00 22.22 ? 197 MET A SD    1 
ATOM   1314 C  CE    . MET A 1 197 ? -7.073  6.725   5.256   1.00 23.58 ? 197 MET A CE    1 
ATOM   1315 N  N     . LEU A 1 198 ? -0.984  7.762   4.501   1.00 18.74 ? 198 LEU A N     1 
ATOM   1316 C  CA    . LEU A 1 198 ? 0.260   7.259   5.088   1.00 18.21 ? 198 LEU A CA    1 
ATOM   1317 C  C     . LEU A 1 198 ? 1.160   8.378   5.582   1.00 18.36 ? 198 LEU A C     1 
ATOM   1318 O  O     . LEU A 1 198 ? 1.680   8.309   6.692   1.00 18.35 ? 198 LEU A O     1 
ATOM   1319 C  CB    . LEU A 1 198 ? 1.037   6.398   4.085   1.00 17.75 ? 198 LEU A CB    1 
ATOM   1320 C  CG    . LEU A 1 198 ? 0.470   5.004   3.791   1.00 17.05 ? 198 LEU A CG    1 
ATOM   1321 C  CD1   . LEU A 1 198 ? 1.314   4.297   2.715   1.00 13.82 ? 198 LEU A CD1   1 
ATOM   1322 C  CD2   . LEU A 1 198 ? 0.415   4.175   5.084   1.00 12.29 ? 198 LEU A CD2   1 
ATOM   1323 N  N     . ALA A 1 199 ? 1.372   9.388   4.741   1.00 18.54 ? 199 ALA A N     1 
ATOM   1324 C  CA    . ALA A 1 199 ? 2.211   10.523  5.100   1.00 18.85 ? 199 ALA A CA    1 
ATOM   1325 C  C     . ALA A 1 199 ? 1.662   11.275  6.330   1.00 19.48 ? 199 ALA A C     1 
ATOM   1326 O  O     . ALA A 1 199 ? 2.433   11.632  7.242   1.00 18.42 ? 199 ALA A O     1 
ATOM   1327 C  CB    . ALA A 1 199 ? 2.406   11.460  3.895   1.00 18.67 ? 199 ALA A CB    1 
ATOM   1328 N  N     . GLU A 1 200 ? 0.347   11.502  6.362   1.00 19.81 ? 200 GLU A N     1 
ATOM   1329 C  CA    . GLU A 1 200 ? -0.305  12.104  7.554   1.00 21.23 ? 200 GLU A CA    1 
ATOM   1330 C  C     . GLU A 1 200 ? 0.000   11.288  8.823   1.00 20.54 ? 200 GLU A C     1 
ATOM   1331 O  O     . GLU A 1 200 ? 0.348   11.831  9.867   1.00 20.65 ? 200 GLU A O     1 
ATOM   1332 C  CB    . GLU A 1 200 ? -1.826  12.217  7.348   1.00 21.11 ? 200 GLU A CB    1 
ATOM   1333 C  CG    . GLU A 1 200 ? -2.233  13.233  6.274   1.00 22.07 ? 200 GLU A CG    1 
ATOM   1334 C  CD    . GLU A 1 200 ? -3.682  13.090  5.803   0.50 22.61 ? 200 GLU A CD    1 
ATOM   1335 O  OE1   . GLU A 1 200 ? -4.330  12.047  6.051   0.50 24.43 ? 200 GLU A OE1   1 
ATOM   1336 O  OE2   . GLU A 1 200 ? -4.176  14.036  5.156   0.50 25.90 ? 200 GLU A OE2   1 
ATOM   1337 N  N     . GLU A 1 201 ? -0.126  9.968   8.711   1.00 20.29 ? 201 GLU A N     1 
ATOM   1338 C  CA    . GLU A 1 201 ? 0.167   9.068   9.810   1.00 19.29 ? 201 GLU A CA    1 
ATOM   1339 C  C     . GLU A 1 201 ? 1.665   9.061   10.215  1.00 19.36 ? 201 GLU A C     1 
ATOM   1340 O  O     . GLU A 1 201 ? 1.977   9.045   11.402  1.00 18.12 ? 201 GLU A O     1 
ATOM   1341 C  CB    . GLU A 1 201 ? -0.319  7.663   9.455   1.00 19.76 ? 201 GLU A CB    1 
ATOM   1342 C  CG    . GLU A 1 201 ? -0.503  6.762   10.652  1.00 19.27 ? 201 GLU A CG    1 
ATOM   1343 C  CD    . GLU A 1 201 ? -1.615  7.215   11.595  1.00 22.73 ? 201 GLU A CD    1 
ATOM   1344 O  OE1   . GLU A 1 201 ? -2.592  7.888   11.168  1.00 21.92 ? 201 GLU A OE1   1 
ATOM   1345 O  OE2   . GLU A 1 201 ? -1.500  6.866   12.779  1.00 21.07 ? 201 GLU A OE2   1 
ATOM   1346 N  N     . ILE A 1 202 ? 2.584   9.074   9.243   1.00 19.11 ? 202 ILE A N     1 
ATOM   1347 C  CA    . ILE A 1 202 ? 4.013   9.161   9.575   1.00 19.75 ? 202 ILE A CA    1 
ATOM   1348 C  C     . ILE A 1 202 ? 4.297   10.454  10.354  1.00 20.85 ? 202 ILE A C     1 
ATOM   1349 O  O     . ILE A 1 202 ? 4.993   10.428  11.368  1.00 20.47 ? 202 ILE A O     1 
ATOM   1350 C  CB    . ILE A 1 202 ? 4.936   9.085   8.329   1.00 19.75 ? 202 ILE A CB    1 
ATOM   1351 C  CG1   . ILE A 1 202 ? 4.877   7.693   7.692   1.00 18.04 ? 202 ILE A CG1   1 
ATOM   1352 C  CG2   . ILE A 1 202 ? 6.384   9.412   8.707   1.00 19.06 ? 202 ILE A CG2   1 
ATOM   1353 C  CD1   . ILE A 1 202 ? 5.453   7.658   6.244   1.00 19.01 ? 202 ILE A CD1   1 
ATOM   1354 N  N     . TYR A 1 203 ? 3.742   11.569  9.879   1.00 22.10 ? 203 TYR A N     1 
ATOM   1355 C  CA    . TYR A 1 203 ? 3.969   12.879  10.492  1.00 24.81 ? 203 TYR A CA    1 
ATOM   1356 C  C     . TYR A 1 203 ? 3.457   12.907  11.931  1.00 25.41 ? 203 TYR A C     1 
ATOM   1357 O  O     . TYR A 1 203 ? 4.156   13.343  12.848  1.00 25.69 ? 203 TYR A O     1 
ATOM   1358 C  CB    . TYR A 1 203 ? 3.247   13.964  9.695   1.00 26.23 ? 203 TYR A CB    1 
ATOM   1359 C  CG    . TYR A 1 203 ? 3.497   15.368  10.216  1.00 28.59 ? 203 TYR A CG    1 
ATOM   1360 C  CD1   . TYR A 1 203 ? 4.682   16.030  9.919   1.00 29.35 ? 203 TYR A CD1   1 
ATOM   1361 C  CD2   . TYR A 1 203 ? 2.550   16.021  11.008  1.00 29.34 ? 203 TYR A CD2   1 
ATOM   1362 C  CE1   . TYR A 1 203 ? 4.922   17.326  10.388  1.00 31.38 ? 203 TYR A CE1   1 
ATOM   1363 C  CE2   . TYR A 1 203 ? 2.780   17.315  11.487  1.00 30.44 ? 203 TYR A CE2   1 
ATOM   1364 C  CZ    . TYR A 1 203 ? 3.970   17.952  11.168  1.00 29.62 ? 203 TYR A CZ    1 
ATOM   1365 O  OH    . TYR A 1 203 ? 4.228   19.226  11.627  1.00 32.54 ? 203 TYR A OH    1 
ATOM   1366 N  N     . LYS A 1 204 ? 2.225   12.441  12.098  1.00 25.80 ? 204 LYS A N     1 
ATOM   1367 C  CA    . LYS A 1 204 ? 1.587   12.308  13.396  1.00 26.87 ? 204 LYS A CA    1 
ATOM   1368 C  C     . LYS A 1 204 ? 2.513   11.548  14.349  1.00 26.68 ? 204 LYS A C     1 
ATOM   1369 O  O     . LYS A 1 204 ? 2.661   11.925  15.513  1.00 26.92 ? 204 LYS A O     1 
ATOM   1370 C  CB    . LYS A 1 204 ? 0.253   11.593  13.210  1.00 27.33 ? 204 LYS A CB    1 
ATOM   1371 C  CG    . LYS A 1 204 ? -0.630  11.450  14.436  1.00 30.12 ? 204 LYS A CG    1 
ATOM   1372 C  CD    . LYS A 1 204 ? -1.868  10.636  14.064  1.00 32.91 ? 204 LYS A CD    1 
ATOM   1373 C  CE    . LYS A 1 204 ? -2.972  10.763  15.105  1.00 35.41 ? 204 LYS A CE    1 
ATOM   1374 N  NZ    . LYS A 1 204 ? -2.581  10.192  16.431  1.00 37.11 ? 204 LYS A NZ    1 
ATOM   1375 N  N     . ASN A 1 205 ? 3.153   10.496  13.841  1.00 26.14 ? 205 ASN A N     1 
ATOM   1376 C  CA    . ASN A 1 205 ? 4.090   9.717   14.626  1.00 25.84 ? 205 ASN A CA    1 
ATOM   1377 C  C     . ASN A 1 205 ? 5.410   10.394  14.953  1.00 27.15 ? 205 ASN A C     1 
ATOM   1378 O  O     . ASN A 1 205 ? 5.878   10.304  16.090  1.00 27.59 ? 205 ASN A O     1 
ATOM   1379 C  CB    . ASN A 1 205 ? 4.327   8.346   13.988  1.00 25.01 ? 205 ASN A CB    1 
ATOM   1380 C  CG    . ASN A 1 205 ? 3.258   7.364   14.377  1.00 23.80 ? 205 ASN A CG    1 
ATOM   1381 O  OD1   . ASN A 1 205 ? 3.354   6.727   15.418  1.00 22.37 ? 205 ASN A OD1   1 
ATOM   1382 N  ND2   . ASN A 1 205 ? 2.210   7.269   13.569  1.00 23.21 ? 205 ASN A ND2   1 
ATOM   1383 N  N     . ILE A 1 206 ? 6.016   11.039  13.956  1.00 28.09 ? 206 ILE A N     1 
ATOM   1384 C  CA    . ILE A 1 206 ? 7.252   11.814  14.137  1.00 30.13 ? 206 ILE A CA    1 
ATOM   1385 C  C     . ILE A 1 206 ? 6.998   12.895  15.183  1.00 31.08 ? 206 ILE A C     1 
ATOM   1386 O  O     . ILE A 1 206 ? 7.833   13.127  16.049  1.00 31.12 ? 206 ILE A O     1 
ATOM   1387 C  CB    . ILE A 1 206 ? 7.678   12.550  12.856  1.00 29.94 ? 206 ILE A CB    1 
ATOM   1388 C  CG1   . ILE A 1 206 ? 8.039   11.584  11.733  1.00 30.07 ? 206 ILE A CG1   1 
ATOM   1389 C  CG2   . ILE A 1 206 ? 8.857   13.504  13.157  1.00 32.00 ? 206 ILE A CG2   1 
ATOM   1390 C  CD1   . ILE A 1 206 ? 8.267   12.320  10.408  1.00 32.22 ? 206 ILE A CD1   1 
ATOM   1391 N  N     . ILE A 1 207 ? 5.852   13.569  15.056  1.00 32.27 ? 207 ILE A N     1 
ATOM   1392 C  CA    . ILE A 1 207 ? 5.369   14.518  16.059  1.00 33.95 ? 207 ILE A CA    1 
ATOM   1393 C  C     . ILE A 1 207 ? 4.936   13.793  17.339  1.00 34.47 ? 207 ILE A C     1 
ATOM   1394 O  O     . ILE A 1 207 ? 5.032   14.347  18.438  1.00 35.37 ? 207 ILE A O     1 
ATOM   1395 C  CB    . ILE A 1 207 ? 4.209   15.388  15.487  1.00 34.20 ? 207 ILE A CB    1 
ATOM   1396 C  CG1   . ILE A 1 207 ? 4.763   16.520  14.609  1.00 34.82 ? 207 ILE A CG1   1 
ATOM   1397 C  CG2   . ILE A 1 207 ? 3.296   15.926  16.586  1.00 34.88 ? 207 ILE A CG2   1 
ATOM   1398 C  CD1   . ILE A 1 207 ? 5.744   17.452  15.302  1.00 36.30 ? 207 ILE A CD1   1 
HETATM 1399 CL CL    . CL  B 2 .   ? 3.196   -4.842  -17.446 1.00 39.73 ? 209 CL  A CL    1 
HETATM 1400 CL CL    . CL  C 2 .   ? -10.925 -4.238  -16.035 1.00 67.49 ? 210 CL  A CL    1 
HETATM 1401 P  PB    . GDP D 3 .   ? -0.423  -7.002  -9.610  1.00 13.92 ? 211 GDP A PB    1 
HETATM 1402 O  O1B   . GDP D 3 .   ? 0.798   -6.156  -9.777  1.00 13.89 ? 211 GDP A O1B   1 
HETATM 1403 O  O2B   . GDP D 3 .   ? -0.133  -8.444  -9.961  1.00 15.06 ? 211 GDP A O2B   1 
HETATM 1404 O  O3B   . GDP D 3 .   ? -0.987  -6.952  -8.212  1.00 16.60 ? 211 GDP A O3B   1 
HETATM 1405 O  O3A   . GDP D 3 .   ? -1.626  -6.475  -10.562 1.00 14.52 ? 211 GDP A O3A   1 
HETATM 1406 P  PA    . GDP D 3 .   ? -1.451  -5.677  -11.966 1.00 14.47 ? 211 GDP A PA    1 
HETATM 1407 O  O1A   . GDP D 3 .   ? -0.547  -6.456  -12.907 1.00 14.84 ? 211 GDP A O1A   1 
HETATM 1408 O  O2A   . GDP D 3 .   ? -1.081  -4.237  -11.790 1.00 15.27 ? 211 GDP A O2A   1 
HETATM 1409 O  "O5'" . GDP D 3 .   ? -2.951  -5.761  -12.539 1.00 16.04 ? 211 GDP A "O5'" 1 
HETATM 1410 C  "C5'" . GDP D 3 .   ? -3.582  -7.009  -12.851 1.00 14.39 ? 211 GDP A "C5'" 1 
HETATM 1411 C  "C4'" . GDP D 3 .   ? -4.722  -6.730  -13.838 1.00 16.00 ? 211 GDP A "C4'" 1 
HETATM 1412 O  "O4'" . GDP D 3 .   ? -5.753  -5.969  -13.203 1.00 15.48 ? 211 GDP A "O4'" 1 
HETATM 1413 C  "C3'" . GDP D 3 .   ? -4.323  -5.940  -15.082 1.00 17.14 ? 211 GDP A "C3'" 1 
HETATM 1414 O  "O3'" . GDP D 3 .   ? -5.116  -6.486  -16.143 1.00 17.66 ? 211 GDP A "O3'" 1 
HETATM 1415 C  "C2'" . GDP D 3 .   ? -4.779  -4.507  -14.799 1.00 17.31 ? 211 GDP A "C2'" 1 
HETATM 1416 O  "O2'" . GDP D 3 .   ? -5.107  -3.746  -15.971 1.00 17.69 ? 211 GDP A "O2'" 1 
HETATM 1417 C  "C1'" . GDP D 3 .   ? -6.014  -4.771  -13.950 1.00 18.64 ? 211 GDP A "C1'" 1 
HETATM 1418 N  N9    . GDP D 3 .   ? -6.250  -3.704  -12.973 1.00 19.53 ? 211 GDP A N9    1 
HETATM 1419 C  C8    . GDP D 3 .   ? -5.362  -3.228  -12.074 1.00 19.32 ? 211 GDP A C8    1 
HETATM 1420 N  N7    . GDP D 3 .   ? -5.927  -2.257  -11.331 1.00 20.06 ? 211 GDP A N7    1 
HETATM 1421 C  C5    . GDP D 3 .   ? -7.206  -2.121  -11.751 1.00 19.98 ? 211 GDP A C5    1 
HETATM 1422 C  C6    . GDP D 3 .   ? -8.367  -1.276  -11.387 1.00 20.26 ? 211 GDP A C6    1 
HETATM 1423 O  O6    . GDP D 3 .   ? -8.264  -0.433  -10.464 1.00 19.45 ? 211 GDP A O6    1 
HETATM 1424 N  N1    . GDP D 3 .   ? -9.525  -1.457  -12.077 1.00 19.90 ? 211 GDP A N1    1 
HETATM 1425 C  C2    . GDP D 3 .   ? -9.664  -2.373  -13.069 1.00 20.87 ? 211 GDP A C2    1 
HETATM 1426 N  N2    . GDP D 3 .   ? -10.865 -2.486  -13.695 1.00 19.39 ? 211 GDP A N2    1 
HETATM 1427 N  N3    . GDP D 3 .   ? -8.630  -3.176  -13.474 1.00 20.29 ? 211 GDP A N3    1 
HETATM 1428 C  C4    . GDP D 3 .   ? -7.413  -3.088  -12.843 1.00 19.16 ? 211 GDP A C4    1 
HETATM 1429 O  O     . HOH E 4 .   ? -2.938  -10.262 -13.605 1.00 46.83 ? 212 HOH A O     1 
HETATM 1430 O  O     . HOH E 4 .   ? -2.428  -9.180  -15.810 1.00 32.73 ? 213 HOH A O     1 
HETATM 1431 O  O     . HOH E 4 .   ? -7.138  -9.281  -13.034 1.00 29.99 ? 214 HOH A O     1 
HETATM 1432 O  O     . HOH E 4 .   ? 2.030   -2.432  -17.506 1.00 24.46 ? 215 HOH A O     1 
HETATM 1433 O  O     . HOH E 4 .   ? 6.682   1.793   -15.604 1.00 28.81 ? 216 HOH A O     1 
HETATM 1434 O  O     . HOH E 4 .   ? 5.532   1.937   -13.172 1.00 33.41 ? 217 HOH A O     1 
HETATM 1435 O  O     . HOH E 4 .   ? 5.174   -2.064  -9.936  1.00 28.64 ? 218 HOH A O     1 
HETATM 1436 O  O     . HOH E 4 .   ? -13.080 -16.161 -0.600  1.00 40.00 ? 219 HOH A O     1 
HETATM 1437 O  O     . HOH E 4 .   ? 9.937   -8.899  -8.274  1.00 22.16 ? 220 HOH A O     1 
HETATM 1438 O  O     . HOH E 4 .   ? 12.829  -9.681  -6.488  1.00 37.52 ? 221 HOH A O     1 
HETATM 1439 O  O     . HOH E 4 .   ? 8.655   -11.171 -8.823  1.00 21.89 ? 222 HOH A O     1 
HETATM 1440 O  O     . HOH E 4 .   ? 9.334   3.206   14.425  1.00 31.74 ? 223 HOH A O     1 
HETATM 1441 O  O     . HOH E 4 .   ? 8.880   2.564   11.973  1.00 36.42 ? 224 HOH A O     1 
HETATM 1442 O  O     . HOH E 4 .   ? 10.179  4.168   10.437  1.00 32.68 ? 225 HOH A O     1 
HETATM 1443 O  O     . HOH E 4 .   ? -13.431 3.017   6.786   1.00 37.10 ? 226 HOH A O     1 
HETATM 1444 O  O     . HOH E 4 .   ? -9.277  10.440  -6.499  1.00 22.43 ? 227 HOH A O     1 
HETATM 1445 O  O     . HOH E 4 .   ? 14.662  0.593   6.097   1.00 36.26 ? 228 HOH A O     1 
HETATM 1446 O  O     . HOH E 4 .   ? 13.967  3.668   2.688   1.00 27.78 ? 229 HOH A O     1 
HETATM 1447 O  O     . HOH E 4 .   ? 9.415   -10.973 9.175   1.00 32.93 ? 230 HOH A O     1 
HETATM 1448 O  O     . HOH E 4 .   ? 10.557  -13.516 9.388   1.00 32.89 ? 231 HOH A O     1 
HETATM 1449 O  O     . HOH E 4 .   ? 8.236   -15.647 5.709   1.00 38.77 ? 232 HOH A O     1 
HETATM 1450 O  O     . HOH E 4 .   ? -0.701  14.062  10.506  1.00 28.30 ? 233 HOH A O     1 
HETATM 1451 O  O     . HOH E 4 .   ? 1.233   13.297  17.231  1.00 42.89 ? 234 HOH A O     1 
HETATM 1452 O  O     . HOH E 4 .   ? 16.096  10.357  0.181   1.00 49.95 ? 235 HOH A O     1 
HETATM 1453 O  O     . HOH E 4 .   ? 15.702  12.949  0.388   1.00 38.26 ? 236 HOH A O     1 
HETATM 1454 O  O     . HOH E 4 .   ? 16.126  4.870   5.636   1.00 32.90 ? 237 HOH A O     1 
HETATM 1455 O  O     . HOH E 4 .   ? -2.227  -2.553  14.184  1.00 27.50 ? 238 HOH A O     1 
HETATM 1456 O  O     . HOH E 4 .   ? 5.094   -12.377 11.272  1.00 28.51 ? 239 HOH A O     1 
HETATM 1457 O  O     . HOH E 4 .   ? -6.695  10.849  6.168   1.00 39.37 ? 240 HOH A O     1 
HETATM 1458 O  O     . HOH E 4 .   ? 9.840   -7.086  -6.504  1.00 15.79 ? 241 HOH A O     1 
HETATM 1459 O  O     . HOH E 4 .   ? 1.943   -10.139 -7.280  1.00 19.22 ? 242 HOH A O     1 
HETATM 1460 O  O     . HOH E 4 .   ? 3.326   -6.069  -9.171  1.00 14.86 ? 243 HOH A O     1 
HETATM 1461 O  O     . HOH E 4 .   ? -4.359  -9.569  -1.728  1.00 14.89 ? 244 HOH A O     1 
HETATM 1462 O  O     . HOH E 4 .   ? -10.930 -1.493  17.112  1.00 26.69 ? 245 HOH A O     1 
HETATM 1463 O  O     . HOH E 4 .   ? 4.214   -0.351  -12.371 1.00 18.73 ? 246 HOH A O     1 
HETATM 1464 O  O     . HOH E 4 .   ? -1.949  2.021   -13.793 1.00 20.65 ? 247 HOH A O     1 
HETATM 1465 O  O     . HOH E 4 .   ? -5.162  9.848   -7.276  1.00 23.46 ? 248 HOH A O     1 
HETATM 1466 O  O     . HOH E 4 .   ? 11.655  2.654   6.771   1.00 16.47 ? 249 HOH A O     1 
HETATM 1467 O  O     . HOH E 4 .   ? -1.472  -0.466  -15.128 1.00 14.62 ? 250 HOH A O     1 
HETATM 1468 O  O     . HOH E 4 .   ? 0.353   -13.919 -5.271  1.00 21.81 ? 251 HOH A O     1 
HETATM 1469 O  O     . HOH E 4 .   ? -2.168  -2.642  -21.701 1.00 15.96 ? 252 HOH A O     1 
HETATM 1470 O  O     . HOH E 4 .   ? 7.282   -10.021 -18.346 1.00 17.04 ? 253 HOH A O     1 
HETATM 1471 O  O     . HOH E 4 .   ? 6.099   2.069   11.473  1.00 13.98 ? 254 HOH A O     1 
HETATM 1472 O  O     . HOH E 4 .   ? -2.895  1.200   15.031  1.00 30.10 ? 255 HOH A O     1 
HETATM 1473 O  O     . HOH E 4 .   ? 2.150   -7.010  -13.078 1.00 21.69 ? 256 HOH A O     1 
HETATM 1474 O  O     . HOH E 4 .   ? -6.199  10.454  -4.542  1.00 34.40 ? 257 HOH A O     1 
HETATM 1475 O  O     . HOH E 4 .   ? -4.720  -0.167  -21.755 1.00 26.27 ? 258 HOH A O     1 
HETATM 1476 O  O     . HOH E 4 .   ? 7.616   -7.376  -18.940 1.00 23.31 ? 259 HOH A O     1 
HETATM 1477 O  O     . HOH E 4 .   ? 16.258  -7.230  -9.979  1.00 28.69 ? 260 HOH A O     1 
HETATM 1478 O  O     . HOH E 4 .   ? -3.956  9.104   7.831   1.00 26.07 ? 261 HOH A O     1 
HETATM 1479 O  O     . HOH E 4 .   ? 9.703   -2.111  10.777  1.00 34.89 ? 262 HOH A O     1 
HETATM 1480 O  O     . HOH E 4 .   ? -0.616  -9.694  -12.410 1.00 24.23 ? 263 HOH A O     1 
HETATM 1481 O  O     . HOH E 4 .   ? 11.127  -9.332  8.133   1.00 22.27 ? 264 HOH A O     1 
HETATM 1482 O  O     . HOH E 4 .   ? 11.115  11.954  4.039   1.00 24.85 ? 265 HOH A O     1 
HETATM 1483 O  O     . HOH E 4 .   ? 3.789   -7.740  -11.233 1.00 19.44 ? 266 HOH A O     1 
HETATM 1484 O  O     . HOH E 4 .   ? -19.934 -3.897  -0.454  1.00 36.67 ? 267 HOH A O     1 
HETATM 1485 O  O     . HOH E 4 .   ? 1.162   -1.607  -14.821 1.00 20.26 ? 268 HOH A O     1 
HETATM 1486 O  O     . HOH E 4 .   ? 3.516   -4.748  -14.603 1.00 25.71 ? 269 HOH A O     1 
HETATM 1487 O  O     . HOH E 4 .   ? -7.968  -10.794 -8.500  1.00 28.04 ? 270 HOH A O     1 
HETATM 1488 O  O     . HOH E 4 .   ? -3.871  5.551   -19.155 1.00 24.94 ? 271 HOH A O     1 
HETATM 1489 O  O     . HOH E 4 .   ? 2.279   -3.402  12.860  1.00 20.44 ? 272 HOH A O     1 
HETATM 1490 O  O     . HOH E 4 .   ? 12.570  -19.120 -1.437  1.00 42.56 ? 273 HOH A O     1 
HETATM 1491 O  O     . HOH E 4 .   ? -14.122 3.802   2.557   1.00 29.65 ? 274 HOH A O     1 
HETATM 1492 O  O     . HOH E 4 .   ? 5.157   -10.973 -11.639 1.00 28.96 ? 275 HOH A O     1 
HETATM 1493 O  O     . HOH E 4 .   ? 6.859   4.832   15.651  1.00 28.02 ? 276 HOH A O     1 
HETATM 1494 O  O     . HOH E 4 .   ? -14.228 -0.978  -15.352 1.00 34.01 ? 277 HOH A O     1 
HETATM 1495 O  O     . HOH E 4 .   ? -3.531  -8.370  -17.654 1.00 30.75 ? 278 HOH A O     1 
HETATM 1496 O  O     . HOH E 4 .   ? -9.099  -6.362  -13.622 1.00 23.11 ? 279 HOH A O     1 
HETATM 1497 O  O     . HOH E 4 .   ? 7.286   12.115  -6.137  1.00 22.88 ? 280 HOH A O     1 
HETATM 1498 O  O     . HOH E 4 .   ? -1.351  -10.757 14.360  1.00 24.90 ? 281 HOH A O     1 
HETATM 1499 O  O     . HOH E 4 .   ? 10.581  -0.381  14.012  1.00 29.39 ? 282 HOH A O     1 
HETATM 1500 O  O     . HOH E 4 .   ? -15.173 -9.316  10.066  1.00 44.95 ? 283 HOH A O     1 
HETATM 1501 O  O     . HOH E 4 .   ? -0.375  -15.200 -3.193  1.00 33.66 ? 284 HOH A O     1 
HETATM 1502 O  O     . HOH E 4 .   ? -5.598  -16.861 -2.563  1.00 37.33 ? 285 HOH A O     1 
HETATM 1503 O  O     . HOH E 4 .   ? 15.777  -2.656  3.511   0.50 12.61 ? 286 HOH A O     1 
HETATM 1504 O  O     . HOH E 4 .   ? 8.663   -12.183 -15.648 1.00 25.96 ? 287 HOH A O     1 
HETATM 1505 O  O     . HOH E 4 .   ? 2.206   -9.568  -9.902  1.00 26.37 ? 288 HOH A O     1 
HETATM 1506 O  O     . HOH E 4 .   ? -8.075  -4.228  -17.187 1.00 29.14 ? 289 HOH A O     1 
HETATM 1507 O  O     . HOH E 4 .   ? 5.390   7.565   16.995  1.00 43.51 ? 290 HOH A O     1 
HETATM 1508 O  O     . HOH E 4 .   ? -19.431 2.450   3.400   1.00 48.81 ? 291 HOH A O     1 
HETATM 1509 O  O     . HOH E 4 .   ? -12.178 5.013   0.602   1.00 24.32 ? 292 HOH A O     1 
HETATM 1510 O  O     . HOH E 4 .   ? 9.608   -5.515  -20.146 1.00 22.31 ? 293 HOH A O     1 
HETATM 1511 O  O     . HOH E 4 .   ? -16.372 -9.083  3.114   1.00 30.45 ? 294 HOH A O     1 
HETATM 1512 O  O     . HOH E 4 .   ? 14.897  6.193   -1.289  1.00 37.56 ? 295 HOH A O     1 
HETATM 1513 O  O     . HOH E 4 .   ? 7.340   -0.252  -6.390  1.00 23.98 ? 296 HOH A O     1 
HETATM 1514 O  O     . HOH E 4 .   ? -8.935  4.603   7.621   1.00 20.29 ? 297 HOH A O     1 
HETATM 1515 O  O     . HOH E 4 .   ? 10.167  13.065  7.387   1.00 30.40 ? 298 HOH A O     1 
HETATM 1516 O  O     . HOH E 4 .   ? 10.117  -6.950  10.000  1.00 30.57 ? 299 HOH A O     1 
HETATM 1517 O  O     . HOH E 4 .   ? 0.345   -15.962 -6.805  1.00 39.26 ? 300 HOH A O     1 
HETATM 1518 O  O     . HOH E 4 .   ? -4.209  9.525   -9.786  1.00 35.49 ? 301 HOH A O     1 
HETATM 1519 O  O     . HOH E 4 .   ? -12.969 -8.179  12.297  1.00 39.59 ? 302 HOH A O     1 
HETATM 1520 O  O     . HOH E 4 .   ? 0.746   -11.472 -16.248 1.00 33.41 ? 303 HOH A O     1 
HETATM 1521 O  O     . HOH E 4 .   ? -9.351  -12.435 -10.441 1.00 41.30 ? 304 HOH A O     1 
HETATM 1522 O  O     . HOH E 4 .   ? -12.426 1.049   8.561   1.00 35.04 ? 305 HOH A O     1 
HETATM 1523 O  O     . HOH E 4 .   ? 15.907  -0.037  2.682   1.00 19.03 ? 306 HOH A O     1 
HETATM 1524 O  O     . HOH E 4 .   ? 10.958  -4.529  10.587  1.00 19.89 ? 307 HOH A O     1 
HETATM 1525 O  O     . HOH E 4 .   ? 5.143   0.214   -17.331 1.00 29.49 ? 308 HOH A O     1 
HETATM 1526 O  O     . HOH E 4 .   ? 8.541   0.330   -10.479 1.00 26.48 ? 309 HOH A O     1 
HETATM 1527 O  O     . HOH E 4 .   ? 12.837  -1.432  -9.862  1.00 26.87 ? 310 HOH A O     1 
HETATM 1528 O  O     . HOH E 4 .   ? -9.922  2.390   9.288   1.00 30.80 ? 311 HOH A O     1 
HETATM 1529 O  O     . HOH E 4 .   ? -16.691 -10.666 -9.020  1.00 39.83 ? 312 HOH A O     1 
HETATM 1530 O  O     . HOH E 4 .   ? -10.395 -3.266  -21.286 1.00 48.02 ? 313 HOH A O     1 
HETATM 1531 O  O     . HOH E 4 .   ? -7.722  -7.862  -15.415 1.00 35.10 ? 314 HOH A O     1 
HETATM 1532 O  O     . HOH E 4 .   ? -6.229  -7.851  -19.023 1.00 40.77 ? 315 HOH A O     1 
# 
